data_2ISJ
#
_entry.id   2ISJ
#
_cell.length_a   65.149
_cell.length_b   172.724
_cell.length_c   92.063
_cell.angle_alpha   90.00
_cell.angle_beta   90.06
_cell.angle_gamma   90.00
#
_symmetry.space_group_name_H-M   'P 1 21 1'
#
loop_
_entity.id
_entity.type
_entity.pdbx_description
1 polymer BluB
2 non-polymer 'FLAVIN MONONUCLEOTIDE'
3 water water
#
_entity_poly.entity_id   1
_entity_poly.type   'polypeptide(L)'
_entity_poly.pdbx_seq_one_letter_code
;GSHMLPDPNGCLTAAGAFSSDERAAVYRAIETRRDVRDEFLPEPLSEELIARLLGAAHQAPSVGFMQPWNFVLVRQDETR
EKVWQAFQRANDEAAEMFSGERQAKYRSLKLEGIRKAPLSICVTCDRTRGGAVVLGRTHNPQMDLYSTVCAVQNLWLAAR
AEGVGVGWVSIFHESEIKAILGIPDHVEIVAWLCLGFVDRLYQEPELAAKGWRQRLPLEDLVFEEGWGVR
;
_entity_poly.pdbx_strand_id   A,B,C,D,E,F,G,H
#
# COMPACT_ATOMS: atom_id res chain seq x y z
N LEU A 12 -3.70 33.17 52.96
CA LEU A 12 -3.45 33.68 51.58
C LEU A 12 -2.89 35.10 51.49
N THR A 13 -2.25 35.39 50.36
CA THR A 13 -1.61 36.67 50.13
C THR A 13 -2.23 37.42 48.94
N ALA A 14 -1.89 38.69 48.79
CA ALA A 14 -2.41 39.50 47.70
C ALA A 14 -1.89 39.01 46.34
N ALA A 15 -2.76 39.06 45.33
CA ALA A 15 -2.39 38.62 43.97
C ALA A 15 -3.19 39.35 42.90
N GLY A 16 -2.66 39.38 41.69
CA GLY A 16 -3.32 40.04 40.58
C GLY A 16 -2.61 39.61 39.31
N ALA A 17 -2.91 40.30 38.21
CA ALA A 17 -2.30 39.98 36.92
C ALA A 17 -0.82 40.31 36.92
N PHE A 18 -0.06 39.65 36.05
CA PHE A 18 1.38 39.89 35.90
C PHE A 18 1.53 41.23 35.18
N SER A 19 2.76 41.73 35.11
CA SER A 19 2.99 42.98 34.40
C SER A 19 2.87 42.61 32.93
N SER A 20 2.87 43.60 32.07
CA SER A 20 2.74 43.39 30.63
C SER A 20 3.86 42.50 30.10
N ASP A 21 5.09 42.74 30.56
CA ASP A 21 6.24 41.96 30.14
C ASP A 21 6.15 40.52 30.65
N GLU A 22 5.65 40.36 31.88
CA GLU A 22 5.53 39.02 32.46
C GLU A 22 4.50 38.17 31.73
N ARG A 23 3.38 38.79 31.37
CA ARG A 23 2.32 38.09 30.66
C ARG A 23 2.80 37.68 29.27
N ALA A 24 3.61 38.54 28.67
CA ALA A 24 4.13 38.27 27.33
C ALA A 24 5.11 37.11 27.36
N ALA A 25 5.88 36.99 28.43
CA ALA A 25 6.83 35.90 28.52
C ALA A 25 6.06 34.57 28.70
N VAL A 26 4.95 34.63 29.42
CA VAL A 26 4.13 33.45 29.66
C VAL A 26 3.54 32.96 28.34
N TYR A 27 2.92 33.86 27.58
CA TYR A 27 2.32 33.51 26.29
C TYR A 27 3.39 33.17 25.25
N ARG A 28 4.63 33.65 25.45
CA ARG A 28 5.67 33.35 24.49
C ARG A 28 6.04 31.86 24.56
N ALA A 29 6.09 31.34 25.78
CA ALA A 29 6.40 29.92 25.99
C ALA A 29 5.23 29.06 25.46
N ILE A 30 4.02 29.41 25.86
CA ILE A 30 2.84 28.69 25.40
C ILE A 30 2.76 28.72 23.87
N GLU A 31 3.08 29.86 23.26
CA GLU A 31 2.99 30.00 21.80
C GLU A 31 4.16 29.49 20.94
N THR A 32 5.36 29.35 21.50
CA THR A 32 6.47 28.87 20.68
C THR A 32 6.99 27.48 21.04
N ARG A 33 6.48 26.87 22.11
CA ARG A 33 6.96 25.53 22.43
C ARG A 33 6.50 24.58 21.34
N ARG A 34 7.39 23.72 20.89
CA ARG A 34 7.10 22.76 19.84
C ARG A 34 7.35 21.36 20.38
N ASP A 35 6.91 20.35 19.64
CA ASP A 35 7.17 18.96 20.02
C ASP A 35 8.36 18.68 19.13
N VAL A 36 9.52 18.47 19.72
CA VAL A 36 10.72 18.26 18.93
C VAL A 36 11.10 16.80 18.71
N ARG A 37 11.54 16.51 17.49
CA ARG A 37 11.93 15.17 17.12
C ARG A 37 13.36 15.05 16.59
N ASP A 38 13.70 15.86 15.60
CA ASP A 38 15.02 15.76 14.98
C ASP A 38 16.03 16.90 15.19
N GLU A 39 15.69 17.93 15.97
CA GLU A 39 16.62 19.05 16.18
C GLU A 39 17.48 19.01 17.45
N PHE A 40 17.28 18.00 18.28
CA PHE A 40 18.03 17.87 19.52
C PHE A 40 19.54 17.99 19.36
N LEU A 41 20.16 18.82 20.21
CA LEU A 41 21.61 19.00 20.20
C LEU A 41 22.14 17.90 21.11
N PRO A 42 23.45 17.60 21.05
CA PRO A 42 24.02 16.54 21.88
C PRO A 42 24.51 16.87 23.28
N GLU A 43 24.41 18.11 23.71
CA GLU A 43 24.91 18.41 25.05
C GLU A 43 24.00 17.93 26.18
N PRO A 44 24.59 17.25 27.17
CA PRO A 44 23.82 16.76 28.31
C PRO A 44 23.24 17.98 29.03
N LEU A 45 22.03 17.87 29.58
CA LEU A 45 21.45 18.98 30.33
C LEU A 45 22.07 18.97 31.73
N SER A 46 22.48 20.13 32.21
CA SER A 46 23.10 20.22 33.52
C SER A 46 22.19 19.66 34.60
N GLU A 47 22.80 19.22 35.69
CA GLU A 47 22.05 18.70 36.82
C GLU A 47 21.12 19.77 37.36
N GLU A 48 21.60 21.02 37.40
CA GLU A 48 20.81 22.13 37.90
C GLU A 48 19.58 22.39 37.03
N LEU A 49 19.76 22.34 35.71
CA LEU A 49 18.65 22.58 34.79
C LEU A 49 17.60 21.49 34.92
N ILE A 50 18.04 20.25 35.14
CA ILE A 50 17.11 19.16 35.27
C ILE A 50 16.26 19.31 36.53
N ALA A 51 16.91 19.68 37.63
CA ALA A 51 16.17 19.86 38.87
C ALA A 51 15.11 20.94 38.65
N ARG A 52 15.43 21.97 37.87
CA ARG A 52 14.45 23.02 37.60
C ARG A 52 13.24 22.51 36.81
N LEU A 53 13.50 21.68 35.80
CA LEU A 53 12.42 21.14 34.98
C LEU A 53 11.46 20.23 35.72
N LEU A 54 12.02 19.35 36.55
CA LEU A 54 11.24 18.41 37.35
C LEU A 54 10.45 19.17 38.43
N GLY A 55 11.06 20.26 38.92
CA GLY A 55 10.42 21.06 39.95
C GLY A 55 9.17 21.73 39.42
N ALA A 56 9.24 22.20 38.19
CA ALA A 56 8.08 22.85 37.59
C ALA A 56 6.99 21.80 37.47
N ALA A 57 7.37 20.60 37.03
CA ALA A 57 6.41 19.51 36.85
C ALA A 57 5.77 19.18 38.19
N HIS A 58 6.62 19.09 39.21
CA HIS A 58 6.15 18.77 40.56
C HIS A 58 5.19 19.81 41.13
N GLN A 59 5.12 20.99 40.51
CA GLN A 59 4.22 22.03 41.01
C GLN A 59 2.91 22.11 40.25
N ALA A 60 2.69 21.16 39.35
CA ALA A 60 1.45 21.15 38.60
C ALA A 60 0.38 20.78 39.60
N PRO A 61 -0.89 20.98 39.25
CA PRO A 61 -1.97 20.63 40.17
C PRO A 61 -2.16 19.12 40.11
N SER A 62 -2.83 18.54 41.10
CA SER A 62 -3.11 17.10 41.07
C SER A 62 -4.35 16.80 41.90
N VAL A 63 -5.22 15.97 41.35
CA VAL A 63 -6.47 15.59 42.01
C VAL A 63 -6.23 15.09 43.45
N GLY A 64 -6.96 15.68 44.39
CA GLY A 64 -6.80 15.31 45.78
C GLY A 64 -5.38 15.53 46.27
N PHE A 65 -4.63 16.36 45.56
CA PHE A 65 -3.23 16.66 45.89
C PHE A 65 -2.49 15.32 46.01
N MET A 66 -2.92 14.39 45.17
CA MET A 66 -2.39 13.03 45.09
C MET A 66 -0.92 13.01 44.70
N GLN A 67 -0.55 13.80 43.70
CA GLN A 67 0.84 13.86 43.25
C GLN A 67 1.27 12.44 42.81
N PRO A 68 0.47 11.80 41.97
CA PRO A 68 0.65 10.44 41.43
C PRO A 68 1.88 10.16 40.57
N TRP A 69 2.67 11.19 40.29
CA TRP A 69 3.82 11.03 39.41
C TRP A 69 5.18 10.58 39.94
N ASN A 70 5.94 9.96 39.04
CA ASN A 70 7.30 9.51 39.29
C ASN A 70 8.02 9.80 37.98
N PHE A 71 9.32 10.03 38.05
CA PHE A 71 10.09 10.35 36.86
C PHE A 71 11.34 9.48 36.78
N VAL A 72 11.47 8.71 35.70
CA VAL A 72 12.65 7.88 35.52
C VAL A 72 13.53 8.57 34.50
N LEU A 73 14.72 8.97 34.93
CA LEU A 73 15.67 9.64 34.06
C LEU A 73 16.46 8.58 33.28
N VAL A 74 16.46 8.72 31.96
CA VAL A 74 17.14 7.78 31.07
C VAL A 74 18.25 8.46 30.29
N ARG A 75 19.50 8.14 30.64
CA ARG A 75 20.63 8.76 29.95
C ARG A 75 21.68 7.82 29.39
N GLN A 76 21.36 6.54 29.23
CA GLN A 76 22.32 5.59 28.67
C GLN A 76 21.97 5.17 27.26
N ASP A 77 22.99 5.00 26.42
CA ASP A 77 22.80 4.57 25.03
C ASP A 77 22.05 3.24 24.98
N GLU A 78 22.49 2.32 25.84
CA GLU A 78 21.89 1.00 25.93
C GLU A 78 20.39 1.09 26.11
N THR A 79 19.96 1.88 27.09
CA THR A 79 18.53 2.01 27.34
C THR A 79 17.85 2.71 26.18
N ARG A 80 18.47 3.77 25.67
CA ARG A 80 17.88 4.48 24.55
C ARG A 80 17.67 3.53 23.36
N GLU A 81 18.63 2.65 23.12
CA GLU A 81 18.56 1.69 22.02
C GLU A 81 17.39 0.74 22.18
N LYS A 82 17.20 0.20 23.38
CA LYS A 82 16.11 -0.75 23.65
C LYS A 82 14.76 -0.07 23.42
N VAL A 83 14.65 1.17 23.89
CA VAL A 83 13.42 1.93 23.76
C VAL A 83 13.16 2.25 22.30
N TRP A 84 14.17 2.73 21.60
CA TRP A 84 14.02 3.05 20.18
C TRP A 84 13.55 1.84 19.36
N GLN A 85 14.08 0.65 19.65
CA GLN A 85 13.66 -0.55 18.92
C GLN A 85 12.20 -0.90 19.22
N ALA A 86 11.78 -0.65 20.46
CA ALA A 86 10.40 -0.90 20.85
C ALA A 86 9.53 0.06 20.05
N PHE A 87 10.09 1.23 19.74
CA PHE A 87 9.37 2.22 18.96
C PHE A 87 9.22 1.75 17.52
N GLN A 88 10.32 1.26 16.94
CA GLN A 88 10.33 0.75 15.57
C GLN A 88 9.29 -0.34 15.33
N ARG A 89 9.23 -1.29 16.25
CA ARG A 89 8.28 -2.39 16.16
C ARG A 89 6.86 -1.83 16.14
N ALA A 90 6.58 -0.88 17.03
CA ALA A 90 5.27 -0.27 17.13
C ALA A 90 4.98 0.64 15.96
N ASN A 91 5.98 1.39 15.53
CA ASN A 91 5.78 2.32 14.43
C ASN A 91 5.46 1.67 13.09
N ASP A 92 6.09 0.52 12.80
CA ASP A 92 5.80 -0.16 11.55
C ASP A 92 4.36 -0.62 11.63
N GLU A 93 3.96 -1.06 12.82
CA GLU A 93 2.60 -1.53 13.03
C GLU A 93 1.65 -0.37 12.74
N ALA A 94 1.94 0.79 13.32
CA ALA A 94 1.11 1.95 13.10
C ALA A 94 1.09 2.27 11.62
N ALA A 95 2.25 2.16 10.99
CA ALA A 95 2.40 2.45 9.56
C ALA A 95 1.47 1.62 8.69
N GLU A 96 1.34 0.34 9.03
CA GLU A 96 0.51 -0.57 8.26
C GLU A 96 -0.98 -0.39 8.54
N MET A 97 -1.33 0.66 9.27
CA MET A 97 -2.73 0.95 9.58
C MET A 97 -3.24 2.01 8.61
N PHE A 98 -2.35 2.48 7.76
CA PHE A 98 -2.66 3.49 6.74
C PHE A 98 -2.44 2.90 5.35
N SER A 99 -2.91 3.61 4.34
CA SER A 99 -2.77 3.13 2.96
C SER A 99 -2.40 4.25 2.00
N GLY A 100 -2.18 3.87 0.74
CA GLY A 100 -1.84 4.82 -0.30
C GLY A 100 -0.85 5.90 0.09
N GLU A 101 -1.15 7.12 -0.31
CA GLU A 101 -0.30 8.27 -0.02
C GLU A 101 -0.21 8.68 1.46
N ARG A 102 -1.27 8.46 2.22
CA ARG A 102 -1.26 8.82 3.65
C ARG A 102 -0.29 7.92 4.43
N GLN A 103 -0.06 6.72 3.92
CA GLN A 103 0.85 5.78 4.54
C GLN A 103 2.26 6.19 4.13
N ALA A 104 2.40 6.53 2.85
CA ALA A 104 3.69 6.95 2.32
C ALA A 104 4.14 8.17 3.11
N LYS A 105 3.19 9.07 3.39
CA LYS A 105 3.47 10.28 4.12
C LYS A 105 3.81 9.98 5.58
N TYR A 106 3.17 8.95 6.13
CA TYR A 106 3.40 8.55 7.51
C TYR A 106 4.82 8.01 7.71
N ARG A 107 5.32 7.30 6.71
CA ARG A 107 6.66 6.73 6.79
C ARG A 107 7.74 7.79 6.60
N SER A 108 7.34 8.99 6.19
CA SER A 108 8.31 10.07 5.99
C SER A 108 8.45 10.99 7.20
N LEU A 109 7.57 10.85 8.17
CA LEU A 109 7.60 11.68 9.38
C LEU A 109 8.58 11.21 10.44
N LYS A 110 9.19 12.15 11.15
CA LYS A 110 10.05 11.72 12.23
C LYS A 110 9.13 11.86 13.44
N LEU A 111 8.93 10.76 14.16
CA LEU A 111 8.02 10.71 15.29
C LEU A 111 8.68 10.47 16.63
N GLU A 112 9.99 10.66 16.70
CA GLU A 112 10.74 10.47 17.94
C GLU A 112 12.17 10.93 17.76
N GLY A 113 12.87 11.19 18.86
CA GLY A 113 14.26 11.61 18.83
C GLY A 113 15.02 10.87 19.93
N ILE A 114 14.53 9.67 20.24
CA ILE A 114 15.07 8.82 21.30
C ILE A 114 16.57 8.58 21.37
N ARG A 115 17.20 8.21 20.26
CA ARG A 115 18.64 7.94 20.29
C ARG A 115 19.50 9.20 20.23
N LYS A 116 18.89 10.27 19.72
CA LYS A 116 19.55 11.56 19.55
C LYS A 116 19.47 12.52 20.75
N ALA A 117 18.33 12.54 21.44
CA ALA A 117 18.19 13.42 22.60
C ALA A 117 19.06 12.91 23.74
N PRO A 118 19.92 13.78 24.29
CA PRO A 118 20.83 13.41 25.39
C PRO A 118 20.10 12.99 26.66
N LEU A 119 18.81 13.29 26.72
CA LEU A 119 18.02 12.93 27.88
C LEU A 119 16.58 12.53 27.55
N SER A 120 16.09 11.54 28.28
CA SER A 120 14.72 11.10 28.09
C SER A 120 14.12 10.93 29.47
N ILE A 121 12.80 11.08 29.56
CA ILE A 121 12.12 10.97 30.84
C ILE A 121 10.79 10.25 30.66
N CYS A 122 10.60 9.20 31.44
CA CYS A 122 9.39 8.41 31.41
C CYS A 122 8.57 8.81 32.64
N VAL A 123 7.50 9.56 32.39
CA VAL A 123 6.63 10.05 33.45
C VAL A 123 5.52 9.05 33.71
N THR A 124 5.39 8.65 34.96
CA THR A 124 4.38 7.66 35.31
C THR A 124 3.34 8.17 36.30
N CYS A 125 2.31 7.36 36.48
CA CYS A 125 1.21 7.67 37.38
C CYS A 125 0.95 6.43 38.24
N ASP A 126 1.13 6.56 39.54
CA ASP A 126 0.93 5.46 40.47
C ASP A 126 -0.55 5.45 40.78
N ARG A 127 -1.29 4.51 40.19
CA ARG A 127 -2.73 4.45 40.40
C ARG A 127 -3.14 4.23 41.86
N THR A 128 -2.27 3.65 42.67
CA THR A 128 -2.64 3.37 44.04
C THR A 128 -2.12 4.33 45.11
N ARG A 129 -1.48 5.40 44.69
CA ARG A 129 -0.98 6.37 45.66
C ARG A 129 -2.21 7.13 46.19
N GLY A 130 -2.10 7.69 47.39
CA GLY A 130 -3.21 8.44 47.95
C GLY A 130 -4.17 7.64 48.81
N GLY A 131 -3.81 6.39 49.08
CA GLY A 131 -4.64 5.55 49.92
C GLY A 131 -5.84 4.92 49.22
N ALA A 132 -6.68 4.26 50.01
CA ALA A 132 -7.88 3.59 49.52
C ALA A 132 -8.75 4.48 48.64
N VAL A 133 -9.06 5.66 49.15
CA VAL A 133 -9.90 6.63 48.44
C VAL A 133 -9.20 7.97 48.31
N VAL A 134 -9.13 8.47 47.08
CA VAL A 134 -8.49 9.76 46.82
C VAL A 134 -9.51 10.81 46.40
N LEU A 135 -9.53 11.91 47.15
CA LEU A 135 -10.44 13.03 46.92
C LEU A 135 -10.36 13.45 45.45
N GLY A 136 -11.52 13.63 44.82
CA GLY A 136 -11.53 14.07 43.45
C GLY A 136 -11.49 12.96 42.42
N ARG A 137 -11.13 11.77 42.88
CA ARG A 137 -11.07 10.62 41.98
C ARG A 137 -12.14 9.59 42.36
N THR A 138 -13.11 10.04 43.15
CA THR A 138 -14.20 9.17 43.60
C THR A 138 -15.19 8.86 42.48
N HIS A 139 -15.30 9.76 41.51
CA HIS A 139 -16.24 9.57 40.43
C HIS A 139 -15.60 9.30 39.07
N ASN A 140 -14.52 10.01 38.75
CA ASN A 140 -13.84 9.73 37.50
C ASN A 140 -12.46 9.27 37.95
N PRO A 141 -12.16 7.99 37.75
CA PRO A 141 -10.89 7.38 38.13
C PRO A 141 -9.68 7.79 37.29
N GLN A 142 -9.92 8.36 36.11
CA GLN A 142 -8.82 8.77 35.25
C GLN A 142 -8.14 10.07 35.67
N MET A 143 -8.76 10.84 36.57
CA MET A 143 -8.21 12.12 37.00
C MET A 143 -6.75 12.09 37.47
N ASP A 144 -6.29 10.95 37.99
CA ASP A 144 -4.91 10.84 38.44
C ASP A 144 -3.95 10.86 37.25
N LEU A 145 -4.35 10.17 36.18
CA LEU A 145 -3.58 10.13 34.94
C LEU A 145 -3.52 11.55 34.38
N TYR A 146 -4.67 12.23 34.41
CA TYR A 146 -4.76 13.61 33.90
C TYR A 146 -3.83 14.54 34.68
N SER A 147 -3.75 14.34 36.00
CA SER A 147 -2.87 15.12 36.86
C SER A 147 -1.47 15.03 36.29
N THR A 148 -1.06 13.81 35.95
CA THR A 148 0.26 13.56 35.43
C THR A 148 0.54 14.32 34.14
N VAL A 149 -0.47 14.43 33.28
CA VAL A 149 -0.31 15.18 32.04
C VAL A 149 -0.03 16.66 32.36
N CYS A 150 -0.71 17.20 33.37
CA CYS A 150 -0.49 18.59 33.75
C CYS A 150 0.97 18.77 34.12
N ALA A 151 1.56 17.75 34.76
CA ALA A 151 2.96 17.78 35.16
C ALA A 151 3.82 17.82 33.92
N VAL A 152 3.40 17.08 32.89
CA VAL A 152 4.11 17.04 31.62
C VAL A 152 4.11 18.41 30.92
N GLN A 153 2.94 19.03 30.79
CA GLN A 153 2.83 20.33 30.13
C GLN A 153 3.67 21.39 30.88
N ASN A 154 3.58 21.41 32.21
CA ASN A 154 4.39 22.35 33.00
C ASN A 154 5.87 22.17 32.62
N LEU A 155 6.35 20.93 32.51
CA LEU A 155 7.75 20.67 32.16
C LEU A 155 8.03 21.10 30.72
N TRP A 156 7.10 20.78 29.83
CA TRP A 156 7.23 21.14 28.42
C TRP A 156 7.40 22.67 28.28
N LEU A 157 6.59 23.41 29.04
CA LEU A 157 6.61 24.87 29.03
C LEU A 157 7.88 25.42 29.69
N ALA A 158 8.25 24.86 30.82
CA ALA A 158 9.46 25.29 31.50
C ALA A 158 10.64 25.04 30.54
N ALA A 159 10.66 23.86 29.94
CA ALA A 159 11.73 23.48 29.02
C ALA A 159 11.95 24.50 27.91
N ARG A 160 10.89 24.87 27.20
CA ARG A 160 11.01 25.86 26.13
C ARG A 160 11.68 27.14 26.59
N ALA A 161 11.27 27.64 27.75
CA ALA A 161 11.83 28.87 28.31
C ALA A 161 13.34 28.71 28.53
N GLU A 162 13.76 27.48 28.80
CA GLU A 162 15.17 27.18 29.03
C GLU A 162 15.81 26.87 27.68
N GLY A 163 15.04 26.97 26.61
CA GLY A 163 15.58 26.65 25.30
C GLY A 163 15.84 25.17 25.14
N VAL A 164 15.06 24.36 25.86
CA VAL A 164 15.19 22.92 25.77
C VAL A 164 14.00 22.39 24.99
N GLY A 165 14.27 21.65 23.92
CA GLY A 165 13.20 21.09 23.13
C GLY A 165 12.71 19.83 23.82
N VAL A 166 11.41 19.59 23.76
CA VAL A 166 10.83 18.41 24.38
C VAL A 166 9.93 17.72 23.35
N GLY A 167 9.99 16.39 23.34
CA GLY A 167 9.17 15.62 22.45
C GLY A 167 8.53 14.44 23.17
N TRP A 168 7.22 14.31 22.98
CA TRP A 168 6.45 13.23 23.61
C TRP A 168 6.37 12.10 22.60
N VAL A 169 6.68 10.89 23.03
CA VAL A 169 6.63 9.74 22.12
C VAL A 169 5.64 8.74 22.71
N SER A 170 4.57 8.46 21.97
CA SER A 170 3.57 7.53 22.46
C SER A 170 3.43 6.32 21.56
N ILE A 171 4.35 6.16 20.62
CA ILE A 171 4.30 5.04 19.70
C ILE A 171 5.10 3.81 20.13
N PHE A 172 4.45 2.96 20.90
CA PHE A 172 4.99 1.69 21.38
C PHE A 172 4.02 0.96 22.26
N HIS A 173 4.32 -0.30 22.55
CA HIS A 173 3.48 -1.11 23.42
C HIS A 173 4.01 -0.83 24.81
N GLU A 174 3.16 -0.23 25.65
CA GLU A 174 3.51 0.11 27.02
C GLU A 174 4.30 -0.98 27.74
N SER A 175 3.74 -2.19 27.79
CA SER A 175 4.39 -3.31 28.48
C SER A 175 5.87 -3.55 28.15
N GLU A 176 6.30 -3.21 26.95
CA GLU A 176 7.70 -3.39 26.56
C GLU A 176 8.61 -2.35 27.23
N ILE A 177 8.05 -1.18 27.49
CA ILE A 177 8.79 -0.10 28.13
C ILE A 177 8.87 -0.37 29.63
N LYS A 178 7.76 -0.81 30.23
CA LYS A 178 7.76 -1.10 31.66
C LYS A 178 8.78 -2.18 31.96
N ALA A 179 9.02 -3.05 30.98
CA ALA A 179 9.98 -4.13 31.13
C ALA A 179 11.38 -3.58 31.08
N ILE A 180 11.62 -2.64 30.17
CA ILE A 180 12.95 -2.05 30.05
C ILE A 180 13.36 -1.32 31.34
N LEU A 181 12.41 -0.60 31.92
CA LEU A 181 12.64 0.20 33.12
C LEU A 181 12.28 -0.45 34.46
N GLY A 182 11.63 -1.62 34.41
CA GLY A 182 11.25 -2.28 35.65
C GLY A 182 10.09 -1.63 36.39
N ILE A 183 9.22 -0.97 35.65
CA ILE A 183 8.06 -0.32 36.26
C ILE A 183 7.01 -1.34 36.70
N PRO A 184 6.55 -1.25 37.97
CA PRO A 184 5.54 -2.12 38.61
C PRO A 184 4.19 -2.13 37.92
N ASP A 185 3.35 -3.10 38.28
CA ASP A 185 2.02 -3.22 37.70
C ASP A 185 1.06 -2.11 38.12
N HIS A 186 1.22 -1.59 39.34
CA HIS A 186 0.33 -0.55 39.80
C HIS A 186 0.72 0.85 39.30
N VAL A 187 1.74 0.92 38.46
CA VAL A 187 2.21 2.20 37.92
C VAL A 187 2.00 2.23 36.42
N GLU A 188 1.39 3.28 35.92
CA GLU A 188 1.12 3.36 34.49
C GLU A 188 1.91 4.46 33.80
N ILE A 189 2.45 4.13 32.63
CA ILE A 189 3.22 5.10 31.86
C ILE A 189 2.26 6.09 31.22
N VAL A 190 2.50 7.37 31.46
CA VAL A 190 1.66 8.40 30.87
C VAL A 190 2.41 8.94 29.66
N ALA A 191 3.72 9.11 29.79
CA ALA A 191 4.47 9.64 28.67
C ALA A 191 5.94 9.33 28.68
N TRP A 192 6.52 9.31 27.48
CA TRP A 192 7.94 9.12 27.31
C TRP A 192 8.30 10.46 26.69
N LEU A 193 9.26 11.16 27.28
CA LEU A 193 9.63 12.48 26.76
C LEU A 193 11.10 12.55 26.39
N CYS A 194 11.38 13.02 25.19
CA CYS A 194 12.76 13.20 24.73
C CYS A 194 13.18 14.64 24.98
N LEU A 195 14.31 14.84 25.64
CA LEU A 195 14.79 16.19 25.93
C LEU A 195 16.20 16.48 25.47
N GLY A 196 16.41 17.74 25.07
CA GLY A 196 17.71 18.20 24.60
C GLY A 196 17.67 19.67 24.19
N PHE A 197 18.81 20.34 24.27
CA PHE A 197 18.87 21.74 23.85
C PHE A 197 18.58 21.83 22.35
N VAL A 198 18.17 23.00 21.89
CA VAL A 198 17.90 23.22 20.48
C VAL A 198 18.31 24.65 20.11
N ASP A 199 18.86 24.82 18.91
CA ASP A 199 19.21 26.15 18.48
C ASP A 199 18.26 26.61 17.37
N ARG A 200 17.22 25.81 17.16
CA ARG A 200 16.18 26.13 16.17
C ARG A 200 14.90 25.32 16.36
N LEU A 201 13.78 25.94 16.04
CA LEU A 201 12.45 25.35 16.16
C LEU A 201 11.58 25.74 14.98
N TYR A 202 10.55 24.95 14.73
CA TYR A 202 9.58 25.23 13.68
C TYR A 202 8.72 26.38 14.23
N GLN A 203 8.14 27.18 13.34
CA GLN A 203 7.31 28.31 13.76
C GLN A 203 5.83 27.95 13.86
N GLU A 204 5.48 26.77 13.37
CA GLU A 204 4.09 26.30 13.43
C GLU A 204 4.25 24.80 13.63
N PRO A 205 3.19 24.10 14.01
CA PRO A 205 3.37 22.65 14.20
C PRO A 205 4.00 22.00 12.95
N GLU A 206 4.97 21.12 13.17
CA GLU A 206 5.64 20.43 12.08
C GLU A 206 4.68 19.62 11.20
N LEU A 207 3.66 19.01 11.81
CA LEU A 207 2.71 18.21 11.04
C LEU A 207 1.84 19.04 10.10
N ALA A 208 1.75 20.34 10.39
CA ALA A 208 0.97 21.23 9.56
C ALA A 208 1.82 21.63 8.36
N ALA A 209 3.10 21.81 8.61
CA ALA A 209 4.03 22.19 7.56
C ALA A 209 4.23 21.03 6.60
N LYS A 210 4.26 19.82 7.14
CA LYS A 210 4.46 18.65 6.32
C LYS A 210 3.15 18.18 5.72
N GLY A 211 2.11 18.97 5.92
CA GLY A 211 0.81 18.66 5.35
C GLY A 211 0.08 17.44 5.88
N TRP A 212 0.27 17.11 7.16
CA TRP A 212 -0.42 15.97 7.71
C TRP A 212 -1.81 16.40 8.19
N ARG A 213 -1.85 17.58 8.82
CA ARG A 213 -3.10 18.13 9.33
C ARG A 213 -2.84 19.58 9.72
N GLN A 214 -3.80 20.45 9.41
CA GLN A 214 -3.70 21.88 9.69
C GLN A 214 -4.38 22.30 10.99
N ARG A 215 -4.11 23.53 11.41
CA ARG A 215 -4.70 24.10 12.62
C ARG A 215 -6.19 24.31 12.44
N LEU A 216 -6.99 23.82 13.38
CA LEU A 216 -8.44 23.99 13.31
C LEU A 216 -8.82 25.43 13.69
N PRO A 217 -9.90 25.95 13.09
CA PRO A 217 -10.33 27.31 13.41
C PRO A 217 -10.92 27.28 14.82
N LEU A 218 -10.26 27.96 15.77
CA LEU A 218 -10.74 27.97 17.14
C LEU A 218 -12.20 28.40 17.26
N GLU A 219 -12.60 29.40 16.47
CA GLU A 219 -13.97 29.92 16.51
C GLU A 219 -15.02 28.83 16.29
N ASP A 220 -14.61 27.74 15.64
CA ASP A 220 -15.51 26.61 15.36
C ASP A 220 -15.63 25.63 16.51
N LEU A 221 -14.79 25.78 17.53
CA LEU A 221 -14.77 24.85 18.64
C LEU A 221 -15.34 25.40 19.95
N VAL A 222 -15.77 26.64 19.91
CA VAL A 222 -16.31 27.29 21.09
C VAL A 222 -17.83 27.37 21.02
N PHE A 223 -18.49 26.87 22.04
CA PHE A 223 -19.95 26.88 22.10
C PHE A 223 -20.38 27.75 23.28
N GLU A 224 -21.63 28.21 23.24
CA GLU A 224 -22.21 29.06 24.28
C GLU A 224 -23.35 28.36 25.01
N GLU A 225 -23.11 28.00 26.27
CA GLU A 225 -24.13 27.35 27.10
C GLU A 225 -24.45 25.90 26.76
N GLY A 226 -24.77 25.62 25.49
CA GLY A 226 -25.11 24.27 25.08
C GLY A 226 -24.23 23.74 23.97
N TRP A 227 -24.08 22.42 23.91
CA TRP A 227 -23.24 21.81 22.88
C TRP A 227 -23.80 22.03 21.48
N GLY A 228 -22.99 22.64 20.62
CA GLY A 228 -23.41 22.89 19.26
C GLY A 228 -23.91 24.29 19.02
N VAL A 229 -24.25 24.99 20.10
CA VAL A 229 -24.75 26.37 20.03
C VAL A 229 -23.62 27.39 19.94
N ARG A 230 -23.57 28.15 18.84
CA ARG A 230 -22.54 29.17 18.67
C ARG A 230 -22.97 30.48 19.34
N LEU B 12 10.83 26.93 10.26
CA LEU B 12 11.97 26.63 11.17
C LEU B 12 12.99 27.78 11.18
N THR B 13 13.16 28.43 12.34
CA THR B 13 14.10 29.55 12.49
C THR B 13 14.91 29.42 13.80
N ALA B 14 15.94 30.26 13.95
CA ALA B 14 16.81 30.26 15.12
C ALA B 14 16.00 30.37 16.43
N ALA B 15 16.41 29.65 17.47
CA ALA B 15 15.70 29.68 18.76
C ALA B 15 16.60 29.27 19.92
N GLY B 16 16.31 29.73 21.13
CA GLY B 16 17.11 29.34 22.27
C GLY B 16 16.41 29.67 23.57
N ALA B 17 17.19 29.77 24.63
CA ALA B 17 16.64 30.09 25.92
C ALA B 17 16.09 31.53 26.01
N PHE B 18 15.09 31.70 26.87
CA PHE B 18 14.45 32.97 27.16
C PHE B 18 15.42 33.82 27.97
N SER B 19 15.16 35.11 28.05
CA SER B 19 16.01 36.00 28.83
C SER B 19 15.72 35.70 30.28
N SER B 20 16.67 36.04 31.14
CA SER B 20 16.52 35.84 32.56
C SER B 20 15.13 36.29 33.06
N ASP B 21 14.70 37.49 32.66
CA ASP B 21 13.38 37.98 33.07
C ASP B 21 12.21 37.18 32.48
N GLU B 22 12.34 36.74 31.24
CA GLU B 22 11.26 35.97 30.63
C GLU B 22 11.13 34.62 31.32
N ARG B 23 12.27 33.99 31.59
CA ARG B 23 12.28 32.71 32.28
C ARG B 23 11.63 32.81 33.65
N ALA B 24 11.94 33.88 34.37
CA ALA B 24 11.39 34.10 35.71
C ALA B 24 9.86 34.24 35.69
N ALA B 25 9.34 34.87 34.63
CA ALA B 25 7.91 35.07 34.49
C ALA B 25 7.19 33.74 34.28
N VAL B 26 7.76 32.88 33.42
CA VAL B 26 7.18 31.58 33.14
C VAL B 26 7.17 30.75 34.42
N TYR B 27 8.29 30.75 35.13
CA TYR B 27 8.37 30.00 36.38
C TYR B 27 7.45 30.56 37.44
N ARG B 28 7.19 31.86 37.39
CA ARG B 28 6.31 32.47 38.37
C ARG B 28 4.89 31.95 38.22
N ALA B 29 4.38 31.90 36.99
CA ALA B 29 3.03 31.40 36.73
C ALA B 29 2.95 29.94 37.18
N ILE B 30 3.96 29.17 36.83
CA ILE B 30 4.02 27.76 37.17
C ILE B 30 4.00 27.58 38.70
N GLU B 31 4.77 28.40 39.40
CA GLU B 31 4.86 28.28 40.86
C GLU B 31 3.77 28.93 41.69
N THR B 32 3.09 29.93 41.15
CA THR B 32 2.06 30.60 41.91
C THR B 32 0.63 30.28 41.53
N ARG B 33 0.42 29.56 40.42
CA ARG B 33 -0.97 29.26 40.05
C ARG B 33 -1.56 28.26 41.04
N ARG B 34 -2.84 28.44 41.33
CA ARG B 34 -3.56 27.58 42.25
C ARG B 34 -4.91 27.14 41.68
N ASP B 35 -5.53 26.16 42.33
CA ASP B 35 -6.85 25.72 41.94
C ASP B 35 -7.71 26.53 42.90
N VAL B 36 -8.49 27.45 42.37
CA VAL B 36 -9.33 28.32 43.19
C VAL B 36 -10.75 27.81 43.30
N ARG B 37 -11.28 27.83 44.51
CA ARG B 37 -12.65 27.38 44.73
C ARG B 37 -13.57 28.44 45.32
N ASP B 38 -13.07 29.19 46.30
CA ASP B 38 -13.90 30.17 47.00
C ASP B 38 -13.47 31.65 46.97
N GLU B 39 -12.44 32.00 46.20
CA GLU B 39 -12.03 33.40 46.15
C GLU B 39 -12.47 34.13 44.86
N PHE B 40 -13.15 33.43 43.97
CA PHE B 40 -13.61 34.03 42.71
C PHE B 40 -14.35 35.37 42.94
N LEU B 41 -14.14 36.33 42.03
CA LEU B 41 -14.79 37.65 42.10
C LEU B 41 -15.95 37.75 41.07
N PRO B 42 -17.06 38.40 41.44
CA PRO B 42 -18.25 38.59 40.60
C PRO B 42 -18.07 39.35 39.29
N GLU B 43 -16.97 40.10 39.20
CA GLU B 43 -16.71 40.88 38.00
C GLU B 43 -16.56 40.04 36.74
N PRO B 44 -17.35 40.36 35.70
CA PRO B 44 -17.33 39.65 34.41
C PRO B 44 -16.00 39.78 33.68
N LEU B 45 -15.58 38.70 33.01
CA LEU B 45 -14.34 38.75 32.25
C LEU B 45 -14.72 39.25 30.87
N SER B 46 -13.88 40.07 30.26
CA SER B 46 -14.20 40.58 28.94
C SER B 46 -14.04 39.50 27.87
N GLU B 47 -14.76 39.68 26.79
CA GLU B 47 -14.72 38.75 25.67
C GLU B 47 -13.27 38.60 25.20
N GLU B 48 -12.51 39.69 25.24
CA GLU B 48 -11.11 39.63 24.81
C GLU B 48 -10.29 38.78 25.77
N LEU B 49 -10.52 38.93 27.06
CA LEU B 49 -9.79 38.14 28.04
C LEU B 49 -10.10 36.66 27.85
N ILE B 50 -11.34 36.36 27.47
CA ILE B 50 -11.72 34.97 27.27
C ILE B 50 -11.09 34.40 26.00
N ALA B 51 -10.95 35.23 24.98
CA ALA B 51 -10.36 34.79 23.73
C ALA B 51 -8.89 34.45 23.95
N ARG B 52 -8.22 35.23 24.80
CA ARG B 52 -6.82 34.98 25.07
C ARG B 52 -6.61 33.67 25.80
N LEU B 53 -7.45 33.39 26.79
CA LEU B 53 -7.34 32.16 27.56
C LEU B 53 -7.62 30.95 26.67
N LEU B 54 -8.63 31.08 25.82
CA LEU B 54 -8.97 30.01 24.89
C LEU B 54 -7.87 29.86 23.85
N GLY B 55 -7.35 31.00 23.40
CA GLY B 55 -6.30 30.98 22.41
C GLY B 55 -5.10 30.20 22.93
N ALA B 56 -4.78 30.40 24.20
CA ALA B 56 -3.66 29.72 24.83
C ALA B 56 -3.88 28.21 24.82
N ALA B 57 -5.03 27.78 25.33
CA ALA B 57 -5.34 26.37 25.38
C ALA B 57 -5.18 25.76 24.00
N HIS B 58 -5.72 26.44 23.00
CA HIS B 58 -5.67 25.99 21.63
C HIS B 58 -4.25 25.88 21.08
N GLN B 59 -3.29 26.41 21.83
CA GLN B 59 -1.89 26.35 21.43
C GLN B 59 -1.24 25.09 22.00
N ALA B 60 -2.03 24.29 22.70
CA ALA B 60 -1.50 23.08 23.31
C ALA B 60 -1.12 22.04 22.26
N PRO B 61 -0.30 21.07 22.64
CA PRO B 61 0.11 20.01 21.71
C PRO B 61 -1.08 19.04 21.63
N SER B 62 -1.15 18.24 20.57
CA SER B 62 -2.23 17.26 20.48
C SER B 62 -1.76 16.11 19.58
N VAL B 63 -1.98 14.88 20.05
CA VAL B 63 -1.56 13.67 19.34
C VAL B 63 -2.05 13.68 17.88
N GLY B 64 -1.10 13.60 16.94
CA GLY B 64 -1.43 13.60 15.52
C GLY B 64 -2.01 14.94 15.08
N PHE B 65 -1.84 15.95 15.93
CA PHE B 65 -2.38 17.28 15.71
C PHE B 65 -3.91 17.12 15.57
N MET B 66 -4.43 16.21 16.40
CA MET B 66 -5.85 15.88 16.47
C MET B 66 -6.73 17.05 16.88
N GLN B 67 -6.29 17.83 17.87
CA GLN B 67 -7.05 18.98 18.35
C GLN B 67 -8.49 18.54 18.65
N PRO B 68 -8.65 17.50 19.46
CA PRO B 68 -9.92 16.90 19.87
C PRO B 68 -10.81 17.73 20.78
N TRP B 69 -10.38 18.94 21.11
CA TRP B 69 -11.16 19.75 22.04
C TRP B 69 -12.24 20.68 21.53
N ASN B 70 -13.16 20.98 22.45
CA ASN B 70 -14.27 21.90 22.26
C ASN B 70 -14.43 22.55 23.64
N PHE B 71 -14.90 23.79 23.67
CA PHE B 71 -15.07 24.52 24.93
C PHE B 71 -16.48 25.06 25.04
N VAL B 72 -17.22 24.60 26.05
CA VAL B 72 -18.58 25.08 26.25
C VAL B 72 -18.58 26.13 27.36
N LEU B 73 -18.67 27.40 26.96
CA LEU B 73 -18.68 28.50 27.92
C LEU B 73 -20.03 28.56 28.62
N VAL B 74 -20.02 28.58 29.95
CA VAL B 74 -21.26 28.63 30.70
C VAL B 74 -21.32 29.91 31.52
N ARG B 75 -22.38 30.69 31.32
CA ARG B 75 -22.53 31.95 32.03
C ARG B 75 -23.91 32.25 32.59
N GLN B 76 -24.81 31.27 32.55
CA GLN B 76 -26.16 31.48 33.04
C GLN B 76 -26.40 30.85 34.40
N ASP B 77 -27.13 31.56 35.26
CA ASP B 77 -27.45 31.08 36.60
C ASP B 77 -28.12 29.71 36.60
N GLU B 78 -29.11 29.53 35.73
CA GLU B 78 -29.82 28.27 35.67
C GLU B 78 -28.91 27.06 35.39
N THR B 79 -28.01 27.21 34.42
CA THR B 79 -27.09 26.12 34.09
C THR B 79 -26.17 25.84 35.28
N ARG B 80 -25.59 26.90 35.84
CA ARG B 80 -24.68 26.75 36.96
C ARG B 80 -25.37 26.15 38.17
N GLU B 81 -26.67 26.36 38.29
CA GLU B 81 -27.45 25.80 39.39
C GLU B 81 -27.61 24.30 39.18
N LYS B 82 -28.03 23.89 37.98
CA LYS B 82 -28.19 22.47 37.68
C LYS B 82 -26.86 21.74 37.88
N VAL B 83 -25.78 22.34 37.40
CA VAL B 83 -24.46 21.75 37.52
C VAL B 83 -24.05 21.65 38.98
N TRP B 84 -24.45 22.65 39.78
CA TRP B 84 -24.12 22.65 41.19
C TRP B 84 -24.81 21.51 41.93
N GLN B 85 -26.08 21.28 41.59
CA GLN B 85 -26.84 20.20 42.20
C GLN B 85 -26.12 18.90 41.88
N ALA B 86 -25.66 18.76 40.64
CA ALA B 86 -24.95 17.56 40.21
C ALA B 86 -23.74 17.37 41.11
N PHE B 87 -22.97 18.44 41.29
CA PHE B 87 -21.80 18.38 42.15
C PHE B 87 -22.14 17.86 43.55
N GLN B 88 -23.13 18.50 44.18
CA GLN B 88 -23.58 18.14 45.54
C GLN B 88 -23.95 16.68 45.72
N ARG B 89 -24.71 16.13 44.80
CA ARG B 89 -25.08 14.74 44.92
C ARG B 89 -23.78 13.96 44.93
N ALA B 90 -22.96 14.15 43.90
CA ALA B 90 -21.68 13.46 43.77
C ALA B 90 -20.84 13.62 45.02
N ASN B 91 -20.70 14.87 45.46
CA ASN B 91 -19.91 15.16 46.64
C ASN B 91 -20.44 14.51 47.92
N ASP B 92 -21.75 14.32 48.02
CA ASP B 92 -22.32 13.68 49.21
C ASP B 92 -21.85 12.23 49.27
N GLU B 93 -21.97 11.54 48.15
CA GLU B 93 -21.57 10.14 48.11
C GLU B 93 -20.06 10.00 48.20
N ALA B 94 -19.34 11.07 47.89
CA ALA B 94 -17.89 11.03 47.99
C ALA B 94 -17.49 11.14 49.46
N ALA B 95 -18.03 12.14 50.15
CA ALA B 95 -17.74 12.37 51.56
C ALA B 95 -18.01 11.08 52.34
N GLU B 96 -19.10 10.43 51.97
CA GLU B 96 -19.54 9.18 52.58
C GLU B 96 -18.45 8.09 52.54
N MET B 97 -17.57 8.18 51.55
CA MET B 97 -16.48 7.21 51.37
C MET B 97 -15.30 7.38 52.32
N PHE B 98 -15.36 8.39 53.16
CA PHE B 98 -14.30 8.64 54.13
C PHE B 98 -14.90 8.40 55.50
N SER B 99 -14.06 8.00 56.46
CA SER B 99 -14.55 7.68 57.79
C SER B 99 -14.18 8.61 58.94
N GLY B 100 -15.12 8.75 59.86
CA GLY B 100 -14.94 9.58 61.04
C GLY B 100 -14.13 10.84 60.91
N GLU B 101 -12.92 10.81 61.46
CA GLU B 101 -12.02 11.95 61.46
C GLU B 101 -11.83 12.61 60.09
N ARG B 102 -11.40 11.82 59.12
CA ARG B 102 -11.15 12.29 57.76
C ARG B 102 -12.41 12.79 57.06
N GLN B 103 -13.53 12.10 57.28
CA GLN B 103 -14.79 12.50 56.66
C GLN B 103 -15.16 13.93 57.04
N ALA B 104 -15.06 14.25 58.32
CA ALA B 104 -15.39 15.60 58.80
C ALA B 104 -14.49 16.61 58.09
N LYS B 105 -13.21 16.28 57.97
CA LYS B 105 -12.26 17.15 57.30
C LYS B 105 -12.71 17.33 55.84
N TYR B 106 -13.06 16.23 55.19
CA TYR B 106 -13.52 16.29 53.80
C TYR B 106 -14.67 17.28 53.68
N ARG B 107 -15.66 17.12 54.56
CA ARG B 107 -16.85 17.98 54.56
C ARG B 107 -16.60 19.46 54.79
N SER B 108 -15.49 19.79 55.44
CA SER B 108 -15.15 21.19 55.71
C SER B 108 -14.41 21.83 54.54
N LEU B 109 -14.09 21.04 53.53
CA LEU B 109 -13.38 21.56 52.35
C LEU B 109 -14.34 22.14 51.33
N LYS B 110 -13.88 23.14 50.58
CA LYS B 110 -14.71 23.71 49.53
C LYS B 110 -14.02 23.20 48.28
N LEU B 111 -14.77 22.47 47.47
CA LEU B 111 -14.22 21.85 46.28
C LEU B 111 -14.85 22.31 44.96
N GLU B 112 -15.21 23.59 44.88
CA GLU B 112 -15.81 24.14 43.67
C GLU B 112 -16.42 25.53 43.89
N GLY B 113 -16.42 26.33 42.83
CA GLY B 113 -16.98 27.66 42.88
C GLY B 113 -17.90 27.86 41.69
N ILE B 114 -18.69 26.83 41.41
CA ILE B 114 -19.63 26.83 40.29
C ILE B 114 -20.60 28.02 40.32
N ARG B 115 -21.18 28.29 41.48
CA ARG B 115 -22.13 29.39 41.62
C ARG B 115 -21.50 30.78 41.81
N LYS B 116 -20.24 30.81 42.27
CA LYS B 116 -19.52 32.07 42.48
C LYS B 116 -18.82 32.56 41.22
N ALA B 117 -18.17 31.63 40.52
CA ALA B 117 -17.43 31.97 39.32
C ALA B 117 -18.35 32.49 38.23
N PRO B 118 -18.10 33.72 37.76
CA PRO B 118 -18.91 34.36 36.71
C PRO B 118 -18.82 33.62 35.38
N LEU B 119 -17.80 32.78 35.25
CA LEU B 119 -17.61 31.99 34.04
C LEU B 119 -17.12 30.58 34.35
N SER B 120 -17.68 29.62 33.63
CA SER B 120 -17.28 28.22 33.76
C SER B 120 -17.04 27.73 32.35
N ILE B 121 -16.12 26.77 32.21
CA ILE B 121 -15.78 26.22 30.90
C ILE B 121 -15.68 24.70 30.94
N CYS B 122 -16.54 24.05 30.18
CA CYS B 122 -16.56 22.60 30.10
C CYS B 122 -15.69 22.22 28.91
N VAL B 123 -14.55 21.61 29.20
CA VAL B 123 -13.63 21.21 28.15
C VAL B 123 -13.87 19.75 27.78
N THR B 124 -14.22 19.53 26.52
CA THR B 124 -14.49 18.17 26.02
C THR B 124 -13.41 17.65 25.06
N CYS B 125 -13.51 16.35 24.78
CA CYS B 125 -12.59 15.66 23.88
C CYS B 125 -13.44 14.75 22.99
N ASP B 126 -13.41 15.01 21.69
CA ASP B 126 -14.19 14.22 20.73
C ASP B 126 -13.37 13.00 20.35
N ARG B 127 -13.70 11.85 20.93
CA ARG B 127 -12.95 10.62 20.66
C ARG B 127 -12.85 10.23 19.17
N THR B 128 -13.80 10.66 18.33
CA THR B 128 -13.76 10.29 16.91
C THR B 128 -13.24 11.32 15.91
N ARG B 129 -12.62 12.40 16.39
CA ARG B 129 -12.08 13.43 15.49
C ARG B 129 -10.71 12.99 14.97
N GLY B 130 -10.36 13.48 13.79
CA GLY B 130 -9.06 13.14 13.24
C GLY B 130 -9.07 11.99 12.25
N GLY B 131 -10.26 11.42 12.04
CA GLY B 131 -10.39 10.32 11.10
C GLY B 131 -10.40 8.94 11.74
N ALA B 132 -10.49 7.91 10.90
CA ALA B 132 -10.53 6.53 11.35
C ALA B 132 -9.32 6.21 12.23
N VAL B 133 -8.13 6.57 11.76
CA VAL B 133 -6.93 6.34 12.53
C VAL B 133 -6.23 7.68 12.74
N VAL B 134 -5.69 7.88 13.94
CA VAL B 134 -5.00 9.11 14.27
C VAL B 134 -3.56 8.82 14.72
N LEU B 135 -2.62 9.54 14.11
CA LEU B 135 -1.21 9.38 14.41
C LEU B 135 -0.97 9.37 15.92
N GLY B 136 0.09 8.69 16.34
CA GLY B 136 0.44 8.64 17.75
C GLY B 136 -0.61 8.11 18.70
N ARG B 137 -1.81 7.85 18.19
CA ARG B 137 -2.89 7.33 19.03
C ARG B 137 -3.31 5.96 18.51
N THR B 138 -2.31 5.16 18.14
CA THR B 138 -2.55 3.82 17.61
C THR B 138 -2.23 2.74 18.64
N HIS B 139 -1.67 3.12 19.79
CA HIS B 139 -1.31 2.17 20.82
C HIS B 139 -1.95 2.48 22.17
N ASN B 140 -2.08 3.76 22.48
CA ASN B 140 -2.71 4.17 23.71
C ASN B 140 -3.85 5.07 23.24
N PRO B 141 -5.09 4.56 23.26
CA PRO B 141 -6.28 5.29 22.81
C PRO B 141 -6.61 6.52 23.67
N GLN B 142 -5.87 6.67 24.77
CA GLN B 142 -6.07 7.78 25.71
C GLN B 142 -5.32 9.07 25.34
N MET B 143 -4.42 8.99 24.38
CA MET B 143 -3.64 10.15 24.00
C MET B 143 -4.45 11.37 23.60
N ASP B 144 -5.69 11.17 23.20
CA ASP B 144 -6.54 12.30 22.81
C ASP B 144 -7.06 13.04 24.05
N LEU B 145 -7.34 12.31 25.12
CA LEU B 145 -7.80 12.92 26.37
C LEU B 145 -6.61 13.66 26.97
N TYR B 146 -5.43 13.04 26.94
CA TYR B 146 -4.21 13.63 27.47
C TYR B 146 -3.93 14.95 26.77
N SER B 147 -4.13 14.99 25.44
CA SER B 147 -3.93 16.20 24.65
C SER B 147 -4.84 17.31 25.19
N THR B 148 -6.08 16.94 25.48
CA THR B 148 -7.07 17.87 26.00
C THR B 148 -6.66 18.41 27.38
N VAL B 149 -5.99 17.60 28.19
CA VAL B 149 -5.54 18.03 29.50
C VAL B 149 -4.44 19.08 29.33
N CYS B 150 -3.64 18.93 28.27
CA CYS B 150 -2.57 19.87 27.99
C CYS B 150 -3.19 21.23 27.69
N ALA B 151 -4.35 21.21 27.05
CA ALA B 151 -5.08 22.44 26.72
C ALA B 151 -5.51 23.11 28.03
N VAL B 152 -6.01 22.28 28.95
CA VAL B 152 -6.45 22.76 30.26
C VAL B 152 -5.30 23.44 31.00
N GLN B 153 -4.14 22.78 31.06
CA GLN B 153 -3.00 23.33 31.78
C GLN B 153 -2.49 24.65 31.20
N ASN B 154 -2.56 24.81 29.88
CA ASN B 154 -2.14 26.05 29.22
C ASN B 154 -3.09 27.17 29.63
N LEU B 155 -4.38 26.85 29.72
CA LEU B 155 -5.40 27.83 30.10
C LEU B 155 -5.24 28.20 31.57
N TRP B 156 -4.85 27.23 32.39
CA TRP B 156 -4.66 27.46 33.84
C TRP B 156 -3.50 28.45 34.03
N LEU B 157 -2.42 28.24 33.30
CA LEU B 157 -1.23 29.07 33.35
C LEU B 157 -1.44 30.47 32.80
N ALA B 158 -2.06 30.57 31.63
CA ALA B 158 -2.33 31.86 31.03
C ALA B 158 -3.26 32.64 31.97
N ALA B 159 -4.25 31.93 32.51
CA ALA B 159 -5.21 32.53 33.43
C ALA B 159 -4.45 33.15 34.62
N ARG B 160 -3.47 32.44 35.15
CA ARG B 160 -2.71 32.97 36.28
C ARG B 160 -2.03 34.28 35.92
N ALA B 161 -1.51 34.37 34.70
CA ALA B 161 -0.83 35.58 34.27
C ALA B 161 -1.81 36.72 34.03
N GLU B 162 -3.07 36.38 33.78
CA GLU B 162 -4.10 37.38 33.55
C GLU B 162 -4.76 37.79 34.86
N GLY B 163 -4.27 37.23 35.97
CA GLY B 163 -4.84 37.55 37.27
C GLY B 163 -6.21 36.91 37.37
N VAL B 164 -6.38 35.80 36.68
CA VAL B 164 -7.62 35.07 36.66
C VAL B 164 -7.42 33.72 37.31
N GLY B 165 -8.34 33.34 38.19
CA GLY B 165 -8.24 32.05 38.84
C GLY B 165 -8.99 30.95 38.12
N VAL B 166 -8.48 29.73 38.22
CA VAL B 166 -9.11 28.58 37.59
C VAL B 166 -9.24 27.44 38.61
N GLY B 167 -10.40 26.82 38.61
CA GLY B 167 -10.64 25.71 39.51
C GLY B 167 -11.24 24.55 38.75
N TRP B 168 -10.58 23.39 38.85
CA TRP B 168 -11.03 22.17 38.17
C TRP B 168 -11.99 21.44 39.10
N VAL B 169 -13.15 21.06 38.58
CA VAL B 169 -14.11 20.30 39.37
C VAL B 169 -14.38 18.98 38.65
N SER B 170 -14.09 17.87 39.32
CA SER B 170 -14.29 16.54 38.72
C SER B 170 -15.23 15.69 39.55
N ILE B 171 -15.81 16.28 40.59
CA ILE B 171 -16.72 15.55 41.43
C ILE B 171 -18.16 15.65 40.92
N PHE B 172 -18.47 14.83 39.91
CA PHE B 172 -19.81 14.72 39.34
C PHE B 172 -20.00 13.36 38.70
N HIS B 173 -21.20 13.15 38.19
CA HIS B 173 -21.56 11.94 37.46
C HIS B 173 -21.61 12.48 36.04
N GLU B 174 -20.51 12.33 35.31
CA GLU B 174 -20.40 12.82 33.93
C GLU B 174 -21.68 12.75 33.10
N SER B 175 -22.38 11.63 33.16
CA SER B 175 -23.60 11.47 32.38
C SER B 175 -24.60 12.58 32.66
N GLU B 176 -24.59 13.10 33.88
CA GLU B 176 -25.48 14.19 34.26
C GLU B 176 -25.12 15.51 33.58
N ILE B 177 -23.83 15.83 33.57
CA ILE B 177 -23.34 17.07 32.97
C ILE B 177 -23.54 17.05 31.45
N LYS B 178 -23.31 15.89 30.85
CA LYS B 178 -23.46 15.73 29.42
C LYS B 178 -24.90 16.00 29.01
N ALA B 179 -25.85 15.55 29.83
CA ALA B 179 -27.26 15.76 29.56
C ALA B 179 -27.64 17.23 29.71
N ILE B 180 -27.04 17.91 30.68
CA ILE B 180 -27.35 19.33 30.90
C ILE B 180 -26.80 20.19 29.76
N LEU B 181 -25.64 19.81 29.23
CA LEU B 181 -25.02 20.56 28.14
C LEU B 181 -25.33 19.95 26.77
N GLY B 182 -26.06 18.84 26.75
CA GLY B 182 -26.40 18.20 25.49
C GLY B 182 -25.20 17.70 24.71
N ILE B 183 -24.26 17.06 25.40
CA ILE B 183 -23.05 16.55 24.78
C ILE B 183 -23.28 15.12 24.25
N PRO B 184 -22.89 14.86 22.98
CA PRO B 184 -23.03 13.57 22.30
C PRO B 184 -22.28 12.43 22.99
N ASP B 185 -22.57 11.20 22.59
CA ASP B 185 -21.92 10.03 23.16
C ASP B 185 -20.45 9.90 22.75
N HIS B 186 -20.12 10.33 21.54
CA HIS B 186 -18.75 10.23 21.06
C HIS B 186 -17.85 11.34 21.59
N VAL B 187 -18.38 12.16 22.49
CA VAL B 187 -17.63 13.27 23.08
C VAL B 187 -17.51 13.05 24.58
N GLU B 188 -16.29 13.22 25.10
CA GLU B 188 -16.08 13.01 26.52
C GLU B 188 -15.60 14.24 27.28
N ILE B 189 -16.18 14.44 28.46
CA ILE B 189 -15.80 15.57 29.31
C ILE B 189 -14.48 15.29 29.99
N VAL B 190 -13.49 16.15 29.77
CA VAL B 190 -12.20 16.00 30.41
C VAL B 190 -12.14 16.91 31.65
N ALA B 191 -12.78 18.07 31.60
CA ALA B 191 -12.75 18.99 32.73
C ALA B 191 -13.79 20.08 32.78
N TRP B 192 -14.21 20.44 33.99
CA TRP B 192 -15.14 21.52 34.19
C TRP B 192 -14.30 22.57 34.91
N LEU B 193 -14.03 23.69 34.27
CA LEU B 193 -13.22 24.72 34.90
C LEU B 193 -14.07 25.92 35.32
N CYS B 194 -13.91 26.35 36.57
CA CYS B 194 -14.60 27.52 37.07
C CYS B 194 -13.61 28.67 36.92
N LEU B 195 -14.05 29.81 36.37
CA LEU B 195 -13.16 30.96 36.20
C LEU B 195 -13.69 32.29 36.70
N GLY B 196 -12.75 33.15 37.06
CA GLY B 196 -13.06 34.48 37.56
C GLY B 196 -11.81 35.17 38.06
N PHE B 197 -11.83 36.50 38.10
CA PHE B 197 -10.68 37.25 38.58
C PHE B 197 -10.46 36.86 40.04
N VAL B 198 -9.22 36.95 40.50
CA VAL B 198 -8.92 36.66 41.90
C VAL B 198 -7.84 37.60 42.43
N ASP B 199 -8.02 38.14 43.63
CA ASP B 199 -7.06 39.07 44.18
C ASP B 199 -6.24 38.49 45.34
N ARG B 200 -6.61 37.29 45.77
CA ARG B 200 -5.93 36.61 46.87
C ARG B 200 -5.68 35.15 46.46
N LEU B 201 -4.45 34.67 46.67
CA LEU B 201 -4.10 33.28 46.33
C LEU B 201 -3.32 32.66 47.47
N TYR B 202 -3.60 31.40 47.77
CA TYR B 202 -2.86 30.70 48.82
C TYR B 202 -1.42 30.65 48.35
N GLN B 203 -0.48 30.66 49.29
CA GLN B 203 0.94 30.62 48.95
C GLN B 203 1.45 29.20 48.71
N GLU B 204 0.64 28.21 49.11
CA GLU B 204 0.96 26.81 48.90
C GLU B 204 -0.40 26.21 48.58
N PRO B 205 -0.43 24.96 48.07
CA PRO B 205 -1.71 24.32 47.76
C PRO B 205 -2.67 24.42 48.94
N GLU B 206 -3.90 24.82 48.67
CA GLU B 206 -4.91 24.95 49.73
C GLU B 206 -5.10 23.68 50.56
N LEU B 207 -5.01 22.52 49.92
CA LEU B 207 -5.18 21.26 50.65
C LEU B 207 -4.04 20.96 51.59
N ALA B 208 -2.87 21.55 51.35
CA ALA B 208 -1.74 21.33 52.22
C ALA B 208 -2.00 22.19 53.45
N ALA B 209 -2.33 23.46 53.19
CA ALA B 209 -2.60 24.41 54.26
C ALA B 209 -3.71 23.95 55.20
N LYS B 210 -4.61 23.11 54.70
CA LYS B 210 -5.71 22.65 55.53
C LYS B 210 -5.53 21.25 56.13
N GLY B 211 -4.33 20.69 56.00
CA GLY B 211 -4.07 19.39 56.58
C GLY B 211 -4.64 18.17 55.86
N TRP B 212 -4.93 18.29 54.57
CA TRP B 212 -5.45 17.12 53.85
C TRP B 212 -4.28 16.26 53.40
N ARG B 213 -3.32 16.86 52.70
CA ARG B 213 -2.14 16.16 52.20
C ARG B 213 -1.02 17.18 52.06
N GLN B 214 0.20 16.80 52.41
CA GLN B 214 1.34 17.70 52.27
C GLN B 214 2.04 17.46 50.96
N ARG B 215 2.90 18.39 50.57
CA ARG B 215 3.69 18.28 49.35
C ARG B 215 4.63 17.08 49.49
N LEU B 216 4.69 16.22 48.48
CA LEU B 216 5.57 15.08 48.55
C LEU B 216 6.99 15.53 48.20
N PRO B 217 7.99 14.86 48.77
CA PRO B 217 9.41 15.16 48.54
C PRO B 217 9.76 14.67 47.14
N LEU B 218 10.04 15.61 46.24
CA LEU B 218 10.39 15.29 44.87
C LEU B 218 11.51 14.25 44.77
N GLU B 219 12.51 14.34 45.65
CA GLU B 219 13.62 13.40 45.61
C GLU B 219 13.14 11.95 45.68
N ASP B 220 11.96 11.74 46.25
CA ASP B 220 11.38 10.40 46.39
C ASP B 220 10.73 9.89 45.10
N LEU B 221 10.52 10.78 44.14
CA LEU B 221 9.83 10.41 42.90
C LEU B 221 10.72 10.32 41.67
N VAL B 222 11.98 10.68 41.82
CA VAL B 222 12.91 10.66 40.72
C VAL B 222 13.78 9.42 40.76
N PHE B 223 13.91 8.76 39.62
CA PHE B 223 14.74 7.56 39.53
C PHE B 223 15.76 7.72 38.40
N GLU B 224 16.89 7.05 38.54
CA GLU B 224 17.96 7.08 37.55
C GLU B 224 17.98 5.77 36.76
N GLU B 225 17.68 5.85 35.47
CA GLU B 225 17.68 4.70 34.56
C GLU B 225 16.63 3.62 34.71
N GLY B 226 16.29 3.25 35.93
CA GLY B 226 15.30 2.21 36.12
C GLY B 226 14.48 2.47 37.37
N TRP B 227 13.26 1.94 37.38
CA TRP B 227 12.39 2.13 38.51
C TRP B 227 13.04 1.64 39.80
N GLY B 228 12.90 2.42 40.87
CA GLY B 228 13.48 2.05 42.15
C GLY B 228 14.95 2.34 42.35
N VAL B 229 15.65 2.72 41.28
CA VAL B 229 17.08 3.00 41.36
C VAL B 229 17.36 4.49 41.53
N ARG B 230 18.20 4.82 42.50
CA ARG B 230 18.57 6.21 42.78
C ARG B 230 19.89 6.57 42.11
N LEU C 12 17.25 -15.75 31.52
CA LEU C 12 17.41 -14.98 30.26
C LEU C 12 17.72 -13.50 30.47
N THR C 13 18.55 -12.96 29.58
CA THR C 13 18.98 -11.56 29.62
C THR C 13 18.27 -10.76 28.52
N ALA C 14 18.41 -9.44 28.55
CA ALA C 14 17.78 -8.58 27.56
C ALA C 14 18.44 -8.78 26.20
N ALA C 15 17.63 -8.80 25.13
CA ALA C 15 18.13 -8.98 23.78
C ALA C 15 17.37 -8.12 22.78
N GLY C 16 17.95 -7.96 21.60
CA GLY C 16 17.32 -7.16 20.56
C GLY C 16 18.15 -7.25 19.31
N ALA C 17 17.86 -6.40 18.33
CA ALA C 17 18.60 -6.37 17.07
C ALA C 17 20.07 -5.95 17.23
N PHE C 18 20.94 -6.56 16.41
CA PHE C 18 22.37 -6.21 16.42
C PHE C 18 22.49 -4.79 15.88
N SER C 19 23.66 -4.19 15.99
CA SER C 19 23.88 -2.84 15.48
C SER C 19 23.88 -2.91 13.97
N SER C 20 23.93 -1.75 13.33
CA SER C 20 23.95 -1.68 11.87
C SER C 20 25.22 -2.35 11.31
N ASP C 21 26.35 -2.12 11.97
CA ASP C 21 27.63 -2.70 11.54
C ASP C 21 27.63 -4.21 11.77
N GLU C 22 27.07 -4.64 12.90
CA GLU C 22 27.02 -6.07 13.21
C GLU C 22 26.09 -6.79 12.25
N ARG C 23 24.96 -6.15 11.96
CA ARG C 23 23.97 -6.71 11.04
C ARG C 23 24.55 -6.87 9.64
N ALA C 24 25.36 -5.91 9.21
CA ALA C 24 25.95 -5.98 7.87
C ALA C 24 26.99 -7.10 7.78
N ALA C 25 27.72 -7.37 8.85
CA ALA C 25 28.72 -8.43 8.86
C ALA C 25 28.03 -9.80 8.73
N VAL C 26 26.94 -9.97 9.47
CA VAL C 26 26.19 -11.24 9.43
C VAL C 26 25.72 -11.49 8.01
N TYR C 27 25.07 -10.51 7.40
CA TYR C 27 24.59 -10.64 6.02
C TYR C 27 25.74 -10.78 5.03
N ARG C 28 26.90 -10.19 5.36
CA ARG C 28 28.04 -10.27 4.46
C ARG C 28 28.56 -11.70 4.34
N ALA C 29 28.55 -12.43 5.46
CA ALA C 29 29.01 -13.82 5.46
C ALA C 29 28.00 -14.68 4.72
N ILE C 30 26.72 -14.47 5.02
CA ILE C 30 25.65 -15.22 4.39
C ILE C 30 25.66 -15.02 2.88
N GLU C 31 25.95 -13.79 2.43
CA GLU C 31 25.95 -13.43 1.01
C GLU C 31 27.23 -13.66 0.19
N THR C 32 28.39 -13.82 0.84
CA THR C 32 29.62 -14.01 0.08
C THR C 32 30.26 -15.39 0.21
N ARG C 33 29.78 -16.21 1.14
CA ARG C 33 30.40 -17.53 1.26
C ARG C 33 30.03 -18.37 0.04
N ARG C 34 31.00 -19.19 -0.39
CA ARG C 34 30.79 -20.03 -1.56
C ARG C 34 31.13 -21.47 -1.21
N ASP C 35 30.83 -22.38 -2.15
CA ASP C 35 31.20 -23.77 -1.98
C ASP C 35 32.48 -23.76 -2.82
N VAL C 36 33.63 -23.93 -2.19
CA VAL C 36 34.89 -23.91 -2.91
C VAL C 36 35.36 -25.30 -3.28
N ARG C 37 35.87 -25.44 -4.50
CA ARG C 37 36.37 -26.72 -4.97
C ARG C 37 37.82 -26.64 -5.42
N ASP C 38 38.13 -25.62 -6.21
CA ASP C 38 39.45 -25.46 -6.77
C ASP C 38 40.34 -24.29 -6.32
N GLU C 39 39.93 -23.54 -5.29
CA GLU C 39 40.79 -22.42 -4.86
C GLU C 39 41.53 -22.62 -3.54
N PHE C 40 41.34 -23.77 -2.90
CA PHE C 40 42.00 -24.05 -1.63
C PHE C 40 43.50 -23.79 -1.68
N LEU C 41 44.03 -23.23 -0.59
CA LEU C 41 45.46 -22.95 -0.47
C LEU C 41 46.06 -24.04 0.40
N PRO C 42 47.35 -24.36 0.19
CA PRO C 42 48.05 -25.41 0.95
C PRO C 42 48.50 -25.12 2.38
N GLU C 43 48.46 -23.86 2.80
CA GLU C 43 48.86 -23.52 4.15
C GLU C 43 47.92 -24.14 5.18
N PRO C 44 48.47 -24.87 6.15
CA PRO C 44 47.69 -25.52 7.20
C PRO C 44 46.92 -24.56 8.08
N LEU C 45 45.73 -24.96 8.48
CA LEU C 45 44.90 -24.16 9.37
C LEU C 45 45.43 -24.50 10.76
N SER C 46 45.53 -23.51 11.64
CA SER C 46 46.05 -23.77 12.99
C SER C 46 45.01 -24.45 13.84
N GLU C 47 45.46 -25.13 14.88
CA GLU C 47 44.57 -25.83 15.79
C GLU C 47 43.50 -24.91 16.37
N GLU C 48 43.92 -23.71 16.74
CA GLU C 48 43.01 -22.75 17.34
C GLU C 48 41.89 -22.30 16.42
N LEU C 49 42.19 -22.21 15.11
CA LEU C 49 41.19 -21.82 14.13
C LEU C 49 40.22 -22.98 13.93
N ILE C 50 40.75 -24.18 13.78
CA ILE C 50 39.90 -25.34 13.60
C ILE C 50 38.97 -25.45 14.80
N ALA C 51 39.51 -25.22 15.99
CA ALA C 51 38.70 -25.25 17.20
C ALA C 51 37.60 -24.20 17.15
N ARG C 52 37.86 -23.05 16.53
CA ARG C 52 36.84 -22.02 16.44
C ARG C 52 35.73 -22.43 15.48
N LEU C 53 36.12 -23.05 14.38
CA LEU C 53 35.15 -23.51 13.38
C LEU C 53 34.26 -24.60 13.91
N LEU C 54 34.84 -25.54 14.64
CA LEU C 54 34.08 -26.63 15.22
C LEU C 54 33.22 -26.10 16.36
N GLY C 55 33.75 -25.12 17.09
CA GLY C 55 33.03 -24.54 18.19
C GLY C 55 31.74 -23.94 17.70
N ALA C 56 31.81 -23.29 16.55
CA ALA C 56 30.63 -22.67 15.95
C ALA C 56 29.65 -23.76 15.55
N ALA C 57 30.15 -24.82 14.93
CA ALA C 57 29.27 -25.90 14.52
C ALA C 57 28.51 -26.42 15.70
N HIS C 58 29.22 -26.62 16.81
CA HIS C 58 28.62 -27.14 18.04
C HIS C 58 27.55 -26.23 18.65
N GLN C 59 27.58 -24.95 18.28
CA GLN C 59 26.62 -23.98 18.81
C GLN C 59 25.30 -24.06 18.06
N ALA C 60 25.24 -24.93 17.06
CA ALA C 60 24.03 -25.09 16.26
C ALA C 60 22.89 -25.66 17.09
N PRO C 61 21.65 -25.53 16.58
CA PRO C 61 20.48 -26.05 17.29
C PRO C 61 20.36 -27.55 16.98
N SER C 62 19.72 -28.31 17.86
CA SER C 62 19.53 -29.74 17.61
C SER C 62 18.26 -30.21 18.28
N VAL C 63 17.46 -31.00 17.55
CA VAL C 63 16.19 -31.51 18.06
C VAL C 63 16.40 -32.20 19.43
N GLY C 64 15.62 -31.80 20.42
CA GLY C 64 15.76 -32.35 21.75
C GLY C 64 17.14 -32.08 22.33
N PHE C 65 17.87 -31.14 21.72
CA PHE C 65 19.21 -30.81 22.14
C PHE C 65 20.06 -32.09 22.07
N MET C 66 19.65 -32.97 21.17
CA MET C 66 20.28 -34.26 20.95
C MET C 66 21.78 -34.16 20.68
N GLN C 67 22.18 -33.17 19.88
CA GLN C 67 23.59 -32.96 19.56
C GLN C 67 24.16 -34.29 19.03
N PRO C 68 23.58 -34.83 17.95
CA PRO C 68 23.94 -36.09 17.28
C PRO C 68 25.21 -36.09 16.43
N TRP C 69 25.93 -34.98 16.42
CA TRP C 69 27.12 -34.89 15.60
C TRP C 69 28.48 -35.32 16.13
N ASN C 70 29.35 -35.69 15.18
CA ASN C 70 30.73 -36.09 15.44
C ASN C 70 31.51 -35.52 14.27
N PHE C 71 32.79 -35.22 14.49
CA PHE C 71 33.64 -34.65 13.46
C PHE C 71 34.93 -35.44 13.31
N VAL C 72 35.11 -36.04 12.13
CA VAL C 72 36.31 -36.80 11.89
C VAL C 72 37.24 -35.92 11.05
N LEU C 73 38.31 -35.45 11.66
CA LEU C 73 39.25 -34.59 10.94
C LEU C 73 40.17 -35.50 10.12
N VAL C 74 40.36 -35.16 8.85
CA VAL C 74 41.18 -35.95 7.96
C VAL C 74 42.31 -35.12 7.38
N ARG C 75 43.54 -35.56 7.62
CA ARG C 75 44.71 -34.81 7.14
C ARG C 75 45.72 -35.60 6.31
N GLN C 76 45.75 -36.92 6.50
CA GLN C 76 46.72 -37.77 5.78
C GLN C 76 46.50 -37.90 4.27
N ASP C 77 47.61 -37.96 3.54
CA ASP C 77 47.59 -38.11 2.08
C ASP C 77 46.89 -39.39 1.66
N GLU C 78 47.24 -40.49 2.32
CA GLU C 78 46.65 -41.78 2.03
C GLU C 78 45.13 -41.75 2.09
N THR C 79 44.60 -41.25 3.20
CA THR C 79 43.16 -41.18 3.38
C THR C 79 42.47 -40.35 2.29
N ARG C 80 43.09 -39.23 1.92
CA ARG C 80 42.51 -38.38 0.89
C ARG C 80 42.46 -39.04 -0.48
N GLU C 81 43.54 -39.74 -0.84
CA GLU C 81 43.60 -40.44 -2.12
C GLU C 81 42.51 -41.51 -2.19
N LYS C 82 42.30 -42.19 -1.06
CA LYS C 82 41.28 -43.24 -0.96
C LYS C 82 39.90 -42.61 -1.11
N VAL C 83 39.69 -41.51 -0.38
CA VAL C 83 38.42 -40.80 -0.44
C VAL C 83 38.22 -40.28 -1.85
N TRP C 84 39.26 -39.71 -2.43
CA TRP C 84 39.18 -39.17 -3.77
C TRP C 84 38.81 -40.26 -4.79
N GLN C 85 39.48 -41.40 -4.72
CA GLN C 85 39.18 -42.49 -5.64
C GLN C 85 37.72 -42.88 -5.49
N ALA C 86 37.23 -42.85 -4.25
CA ALA C 86 35.84 -43.19 -3.97
C ALA C 86 34.96 -42.16 -4.68
N PHE C 87 35.44 -40.93 -4.75
CA PHE C 87 34.71 -39.85 -5.43
C PHE C 87 34.65 -40.09 -6.94
N GLN C 88 35.80 -40.38 -7.54
CA GLN C 88 35.90 -40.61 -8.99
C GLN C 88 34.93 -41.68 -9.50
N ARG C 89 34.86 -42.81 -8.79
CA ARG C 89 33.98 -43.90 -9.17
C ARG C 89 32.56 -43.38 -9.28
N ALA C 90 32.04 -42.88 -8.16
CA ALA C 90 30.70 -42.36 -8.11
C ALA C 90 30.45 -41.24 -9.10
N ASN C 91 31.44 -40.34 -9.26
CA ASN C 91 31.28 -39.21 -10.16
C ASN C 91 31.18 -39.68 -11.59
N ASP C 92 31.75 -40.83 -11.90
CA ASP C 92 31.64 -41.32 -13.25
C ASP C 92 30.22 -41.84 -13.40
N GLU C 93 29.73 -42.53 -12.37
CA GLU C 93 28.34 -43.04 -12.36
C GLU C 93 27.31 -41.94 -12.51
N ALA C 94 27.61 -40.77 -11.94
CA ALA C 94 26.74 -39.62 -12.02
C ALA C 94 26.78 -39.00 -13.41
N ALA C 95 27.98 -38.67 -13.88
CA ALA C 95 28.16 -38.04 -15.19
C ALA C 95 27.41 -38.78 -16.30
N GLU C 96 27.36 -40.09 -16.16
CA GLU C 96 26.70 -41.02 -17.08
C GLU C 96 25.18 -40.81 -17.11
N MET C 97 24.63 -40.38 -15.99
CA MET C 97 23.19 -40.15 -15.88
C MET C 97 22.74 -38.93 -16.66
N PHE C 98 23.65 -38.33 -17.42
CA PHE C 98 23.34 -37.16 -18.23
C PHE C 98 23.62 -37.45 -19.70
N SER C 99 22.96 -36.71 -20.59
CA SER C 99 23.10 -36.91 -22.02
C SER C 99 23.62 -35.70 -22.80
N GLY C 100 24.32 -35.98 -23.90
CA GLY C 100 24.86 -34.95 -24.77
C GLY C 100 25.52 -33.73 -24.15
N GLU C 101 25.09 -32.55 -24.59
CA GLU C 101 25.64 -31.28 -24.11
C GLU C 101 25.78 -31.26 -22.60
N ARG C 102 24.69 -31.54 -21.89
CA ARG C 102 24.69 -31.55 -20.43
C ARG C 102 25.80 -32.42 -19.83
N GLN C 103 25.91 -33.67 -20.28
CA GLN C 103 26.92 -34.58 -19.77
C GLN C 103 28.30 -33.99 -20.01
N ALA C 104 28.51 -33.48 -21.21
CA ALA C 104 29.81 -32.89 -21.54
C ALA C 104 30.06 -31.73 -20.58
N LYS C 105 28.98 -31.11 -20.13
CA LYS C 105 29.07 -29.99 -19.20
C LYS C 105 29.42 -30.51 -17.83
N TYR C 106 28.67 -31.50 -17.36
CA TYR C 106 28.90 -32.09 -16.06
C TYR C 106 30.38 -32.46 -15.92
N ARG C 107 30.92 -33.07 -16.97
CA ARG C 107 32.31 -33.52 -16.95
C ARG C 107 33.36 -32.41 -16.87
N SER C 108 32.98 -31.20 -17.26
CA SER C 108 33.91 -30.07 -17.22
C SER C 108 33.95 -29.39 -15.87
N LEU C 109 33.00 -29.73 -15.01
CA LEU C 109 32.92 -29.13 -13.68
C LEU C 109 33.89 -29.76 -12.69
N LYS C 110 34.31 -28.97 -11.71
CA LYS C 110 35.18 -29.49 -10.66
C LYS C 110 34.25 -29.56 -9.45
N LEU C 111 34.02 -30.77 -8.96
CA LEU C 111 33.10 -30.98 -7.85
C LEU C 111 33.73 -31.39 -6.53
N GLU C 112 35.01 -31.08 -6.36
CA GLU C 112 35.70 -31.43 -5.13
C GLU C 112 37.13 -30.92 -5.10
N GLY C 113 37.70 -30.91 -3.89
CA GLY C 113 39.06 -30.46 -3.70
C GLY C 113 39.67 -31.33 -2.60
N ILE C 114 39.25 -32.60 -2.59
CA ILE C 114 39.71 -33.56 -1.60
C ILE C 114 41.21 -33.63 -1.43
N ARG C 115 41.94 -33.74 -2.53
CA ARG C 115 43.40 -33.84 -2.47
C ARG C 115 44.11 -32.48 -2.32
N LYS C 116 43.45 -31.41 -2.74
CA LYS C 116 44.01 -30.07 -2.67
C LYS C 116 43.81 -29.42 -1.29
N ALA C 117 42.64 -29.67 -0.68
CA ALA C 117 42.32 -29.11 0.63
C ALA C 117 43.14 -29.75 1.74
N PRO C 118 43.97 -28.95 2.43
CA PRO C 118 44.82 -29.45 3.53
C PRO C 118 44.05 -30.12 4.67
N LEU C 119 42.76 -29.82 4.79
CA LEU C 119 41.96 -30.41 5.84
C LEU C 119 40.58 -30.81 5.31
N SER C 120 40.06 -31.92 5.83
CA SER C 120 38.74 -32.41 5.47
C SER C 120 38.02 -32.84 6.74
N ILE C 121 36.72 -32.63 6.78
CA ILE C 121 35.93 -33.00 7.94
C ILE C 121 34.72 -33.80 7.51
N CYS C 122 34.56 -34.96 8.11
CA CYS C 122 33.43 -35.80 7.80
C CYS C 122 32.49 -35.59 8.98
N VAL C 123 31.34 -35.01 8.68
CA VAL C 123 30.34 -34.72 9.70
C VAL C 123 29.30 -35.83 9.73
N THR C 124 29.20 -36.50 10.87
CA THR C 124 28.27 -37.60 11.03
C THR C 124 27.14 -37.29 12.01
N CYS C 125 26.14 -38.17 11.99
CA CYS C 125 24.97 -38.05 12.84
C CYS C 125 24.67 -39.44 13.39
N ASP C 126 24.87 -39.62 14.69
CA ASP C 126 24.63 -40.91 15.32
C ASP C 126 23.14 -41.03 15.63
N ARG C 127 22.43 -41.77 14.80
CA ARG C 127 20.98 -41.95 14.91
C ARG C 127 20.45 -42.51 16.23
N THR C 128 21.31 -42.99 17.12
CA THR C 128 20.80 -43.55 18.38
C THR C 128 21.16 -42.80 19.65
N ARG C 129 21.74 -41.62 19.51
CA ARG C 129 22.11 -40.81 20.68
C ARG C 129 20.85 -40.11 21.20
N GLY C 130 20.83 -39.81 22.49
CA GLY C 130 19.68 -39.11 23.06
C GLY C 130 18.67 -39.94 23.83
N GLY C 131 18.77 -41.26 23.70
CA GLY C 131 17.85 -42.14 24.40
C GLY C 131 16.83 -42.79 23.49
N ALA C 132 15.98 -43.63 24.07
CA ALA C 132 14.94 -44.33 23.34
C ALA C 132 14.12 -43.35 22.50
N VAL C 133 13.44 -42.43 23.18
CA VAL C 133 12.63 -41.42 22.51
C VAL C 133 13.31 -40.05 22.68
N VAL C 134 13.40 -39.29 21.59
CA VAL C 134 14.02 -37.97 21.62
C VAL C 134 12.99 -36.87 21.37
N LEU C 135 13.08 -35.81 22.15
CA LEU C 135 12.17 -34.68 22.05
C LEU C 135 12.23 -34.05 20.65
N GLY C 136 11.09 -34.03 19.96
CA GLY C 136 11.03 -33.43 18.64
C GLY C 136 11.30 -34.31 17.44
N ARG C 137 11.75 -35.54 17.67
CA ARG C 137 12.03 -36.48 16.58
C ARG C 137 11.08 -37.66 16.70
N THR C 138 9.92 -37.39 17.29
CA THR C 138 8.88 -38.39 17.52
C THR C 138 7.92 -38.54 16.34
N HIS C 139 7.91 -37.57 15.43
CA HIS C 139 7.03 -37.62 14.28
C HIS C 139 7.75 -37.62 12.95
N ASN C 140 8.90 -36.97 12.89
CA ASN C 140 9.71 -36.94 11.68
C ASN C 140 11.07 -37.45 12.15
N PRO C 141 11.42 -38.67 11.78
CA PRO C 141 12.69 -39.31 12.16
C PRO C 141 13.96 -38.64 11.63
N GLN C 142 13.82 -37.84 10.58
CA GLN C 142 14.97 -37.16 9.98
C GLN C 142 15.47 -35.91 10.72
N MET C 143 14.79 -35.53 11.80
CA MET C 143 15.19 -34.33 12.54
C MET C 143 16.62 -34.33 13.05
N ASP C 144 17.18 -35.49 13.37
CA ASP C 144 18.57 -35.53 13.85
C ASP C 144 19.53 -35.19 12.71
N LEU C 145 19.29 -35.78 11.54
CA LEU C 145 20.13 -35.52 10.37
C LEU C 145 20.10 -34.02 10.08
N TYR C 146 18.91 -33.43 10.19
CA TYR C 146 18.70 -32.00 9.94
C TYR C 146 19.49 -31.17 10.95
N SER C 147 19.49 -31.60 12.21
CA SER C 147 20.24 -30.90 13.25
C SER C 147 21.69 -30.80 12.81
N THR C 148 22.20 -31.90 12.26
CA THR C 148 23.57 -31.96 11.80
C THR C 148 23.88 -31.02 10.63
N VAL C 149 22.90 -30.78 9.76
CA VAL C 149 23.11 -29.87 8.64
C VAL C 149 23.23 -28.45 9.21
N CYS C 150 22.45 -28.15 10.24
CA CYS C 150 22.50 -26.84 10.87
C CYS C 150 23.90 -26.58 11.40
N ALA C 151 24.57 -27.66 11.82
CA ALA C 151 25.94 -27.57 12.33
C ALA C 151 26.93 -27.32 11.20
N VAL C 152 26.65 -27.88 10.02
CA VAL C 152 27.52 -27.65 8.86
C VAL C 152 27.42 -26.21 8.38
N GLN C 153 26.18 -25.69 8.28
CA GLN C 153 25.96 -24.32 7.82
C GLN C 153 26.68 -23.33 8.74
N ASN C 154 26.54 -23.54 10.05
CA ASN C 154 27.20 -22.71 11.06
C ASN C 154 28.70 -22.64 10.77
N LEU C 155 29.31 -23.79 10.51
CA LEU C 155 30.75 -23.88 10.22
C LEU C 155 31.09 -23.22 8.88
N TRP C 156 30.23 -23.39 7.91
CA TRP C 156 30.44 -22.79 6.60
C TRP C 156 30.52 -21.26 6.77
N LEU C 157 29.54 -20.70 7.49
CA LEU C 157 29.45 -19.26 7.74
C LEU C 157 30.66 -18.73 8.50
N ALA C 158 31.00 -19.37 9.62
CA ALA C 158 32.15 -18.95 10.38
C ALA C 158 33.41 -19.07 9.52
N ALA C 159 33.48 -20.12 8.70
CA ALA C 159 34.63 -20.32 7.84
C ALA C 159 34.85 -19.08 6.96
N ARG C 160 33.81 -18.66 6.25
CA ARG C 160 33.88 -17.47 5.39
C ARG C 160 34.45 -16.26 6.14
N ALA C 161 34.02 -16.09 7.39
CA ALA C 161 34.49 -14.96 8.19
C ALA C 161 35.96 -15.12 8.53
N GLU C 162 36.43 -16.37 8.55
CA GLU C 162 37.83 -16.67 8.87
C GLU C 162 38.71 -16.70 7.62
N GLY C 163 38.17 -16.31 6.47
CA GLY C 163 38.97 -16.33 5.26
C GLY C 163 39.28 -17.76 4.84
N VAL C 164 38.38 -18.66 5.20
CA VAL C 164 38.52 -20.07 4.89
C VAL C 164 37.39 -20.51 3.98
N GLY C 165 37.72 -21.31 2.98
CA GLY C 165 36.71 -21.79 2.05
C GLY C 165 36.25 -23.17 2.45
N VAL C 166 34.98 -23.47 2.18
CA VAL C 166 34.41 -24.77 2.50
C VAL C 166 33.66 -25.35 1.31
N GLY C 167 33.80 -26.67 1.13
CA GLY C 167 33.13 -27.33 0.03
C GLY C 167 32.51 -28.64 0.48
N TRP C 168 31.22 -28.81 0.22
CA TRP C 168 30.50 -30.02 0.58
C TRP C 168 30.68 -30.97 -0.61
N VAL C 169 30.96 -32.23 -0.31
CA VAL C 169 31.11 -33.23 -1.35
C VAL C 169 30.18 -34.38 -0.96
N SER C 170 29.21 -34.67 -1.84
CA SER C 170 28.26 -35.73 -1.58
C SER C 170 28.27 -36.78 -2.68
N ILE C 171 29.23 -36.66 -3.59
CA ILE C 171 29.31 -37.60 -4.69
C ILE C 171 30.24 -38.76 -4.41
N PHE C 172 29.68 -39.79 -3.77
CA PHE C 172 30.40 -41.01 -3.42
C PHE C 172 29.43 -42.02 -2.82
N HIS C 173 29.85 -43.27 -2.71
CA HIS C 173 29.02 -44.31 -2.10
C HIS C 173 29.35 -44.25 -0.60
N GLU C 174 28.39 -43.81 0.21
CA GLU C 174 28.58 -43.69 1.65
C GLU C 174 29.25 -44.87 2.32
N SER C 175 28.82 -46.08 2.00
CA SER C 175 29.38 -47.29 2.58
C SER C 175 30.91 -47.29 2.46
N GLU C 176 31.40 -46.86 1.31
CA GLU C 176 32.85 -46.80 1.06
C GLU C 176 33.57 -45.84 1.99
N ILE C 177 32.99 -44.66 2.21
CA ILE C 177 33.59 -43.67 3.09
C ILE C 177 33.55 -44.18 4.52
N LYS C 178 32.44 -44.78 4.91
CA LYS C 178 32.33 -45.32 6.26
C LYS C 178 33.39 -46.38 6.51
N ALA C 179 33.63 -47.22 5.49
CA ALA C 179 34.62 -48.28 5.61
C ALA C 179 36.01 -47.70 5.73
N ILE C 180 36.29 -46.66 4.95
CA ILE C 180 37.58 -46.01 5.00
C ILE C 180 37.82 -45.35 6.37
N LEU C 181 36.76 -44.84 6.99
CA LEU C 181 36.91 -44.17 8.28
C LEU C 181 36.57 -45.02 9.50
N GLY C 182 35.95 -46.17 9.27
CA GLY C 182 35.58 -47.05 10.38
C GLY C 182 34.37 -46.58 11.15
N ILE C 183 33.44 -45.91 10.46
CA ILE C 183 32.23 -45.42 11.10
C ILE C 183 31.24 -46.57 11.27
N PRO C 184 30.61 -46.68 12.45
CA PRO C 184 29.64 -47.73 12.80
C PRO C 184 28.37 -47.66 11.95
N ASP C 185 27.54 -48.70 12.04
CA ASP C 185 26.30 -48.76 11.28
C ASP C 185 25.27 -47.76 11.82
N HIS C 186 25.27 -47.54 13.13
CA HIS C 186 24.30 -46.63 13.75
C HIS C 186 24.63 -45.16 13.56
N VAL C 187 25.77 -44.88 12.93
CA VAL C 187 26.19 -43.51 12.66
C VAL C 187 26.05 -43.31 11.16
N GLU C 188 25.59 -42.14 10.77
CA GLU C 188 25.37 -41.85 9.36
C GLU C 188 26.13 -40.63 8.92
N ILE C 189 26.75 -40.72 7.75
CA ILE C 189 27.50 -39.60 7.20
C ILE C 189 26.46 -38.63 6.63
N VAL C 190 26.61 -37.35 6.96
CA VAL C 190 25.68 -36.36 6.45
C VAL C 190 26.46 -35.46 5.52
N ALA C 191 27.75 -35.30 5.78
CA ALA C 191 28.56 -34.45 4.94
C ALA C 191 30.07 -34.63 4.95
N TRP C 192 30.67 -34.50 3.77
CA TRP C 192 32.12 -34.54 3.65
C TRP C 192 32.45 -33.07 3.30
N LEU C 193 33.28 -32.43 4.11
CA LEU C 193 33.63 -31.03 3.85
C LEU C 193 35.13 -30.84 3.65
N CYS C 194 35.51 -30.15 2.57
CA CYS C 194 36.92 -29.86 2.29
C CYS C 194 37.19 -28.43 2.78
N LEU C 195 38.26 -28.23 3.55
CA LEU C 195 38.59 -26.89 4.06
C LEU C 195 39.99 -26.42 3.73
N GLY C 196 40.13 -25.08 3.68
CA GLY C 196 41.39 -24.44 3.38
C GLY C 196 41.23 -22.95 3.17
N PHE C 197 42.30 -22.19 3.37
CA PHE C 197 42.24 -20.75 3.16
C PHE C 197 41.95 -20.56 1.68
N VAL C 198 41.35 -19.44 1.34
CA VAL C 198 41.06 -19.11 -0.05
C VAL C 198 41.12 -17.60 -0.18
N ASP C 199 41.96 -17.09 -1.07
CA ASP C 199 42.10 -15.64 -1.25
C ASP C 199 41.24 -15.11 -2.39
N ARG C 200 40.48 -16.00 -3.02
CA ARG C 200 39.59 -15.55 -4.08
C ARG C 200 38.35 -16.41 -4.16
N LEU C 201 37.21 -15.73 -4.29
CA LEU C 201 35.90 -16.38 -4.34
C LEU C 201 35.05 -15.85 -5.49
N TYR C 202 34.27 -16.73 -6.10
CA TYR C 202 33.37 -16.31 -7.15
C TYR C 202 32.42 -15.30 -6.49
N GLN C 203 31.86 -14.39 -7.29
CA GLN C 203 30.95 -13.38 -6.74
C GLN C 203 29.50 -13.86 -6.75
N GLU C 204 29.25 -14.96 -7.46
CA GLU C 204 27.93 -15.58 -7.55
C GLU C 204 28.23 -17.08 -7.54
N PRO C 205 27.20 -17.94 -7.43
CA PRO C 205 27.52 -19.37 -7.43
C PRO C 205 28.33 -19.76 -8.67
N GLU C 206 29.36 -20.57 -8.46
CA GLU C 206 30.22 -21.04 -9.54
C GLU C 206 29.39 -21.72 -10.63
N LEU C 207 28.43 -22.53 -10.22
CA LEU C 207 27.55 -23.23 -11.16
C LEU C 207 26.68 -22.27 -11.95
N ALA C 208 26.52 -21.04 -11.49
CA ALA C 208 25.72 -20.08 -12.22
C ALA C 208 26.63 -19.48 -13.29
N ALA C 209 27.86 -19.20 -12.89
CA ALA C 209 28.85 -18.62 -13.80
C ALA C 209 29.21 -19.58 -14.94
N LYS C 210 29.24 -20.87 -14.64
CA LYS C 210 29.58 -21.87 -15.65
C LYS C 210 28.37 -22.43 -16.38
N GLY C 211 27.26 -21.70 -16.32
CA GLY C 211 26.05 -22.09 -17.00
C GLY C 211 25.38 -23.42 -16.68
N TRP C 212 25.52 -23.92 -15.47
CA TRP C 212 24.85 -25.19 -15.14
C TRP C 212 23.39 -24.91 -14.80
N ARG C 213 23.17 -23.89 -13.97
CA ARG C 213 21.82 -23.46 -13.55
C ARG C 213 21.93 -22.03 -13.04
N GLN C 214 20.88 -21.25 -13.20
CA GLN C 214 20.88 -19.87 -12.72
C GLN C 214 20.08 -19.73 -11.44
N ARG C 215 20.24 -18.59 -10.77
CA ARG C 215 19.54 -18.29 -9.53
C ARG C 215 18.05 -18.23 -9.86
N LEU C 216 17.23 -18.85 -9.02
CA LEU C 216 15.79 -18.86 -9.24
C LEU C 216 15.17 -17.56 -8.72
N PRO C 217 14.09 -17.10 -9.38
CA PRO C 217 13.40 -15.88 -8.98
C PRO C 217 12.71 -16.16 -7.65
N LEU C 218 13.20 -15.53 -6.59
CA LEU C 218 12.66 -15.74 -5.25
C LEU C 218 11.15 -15.49 -5.16
N GLU C 219 10.65 -14.51 -5.92
CA GLU C 219 9.23 -14.20 -5.89
C GLU C 219 8.37 -15.38 -6.32
N ASP C 220 8.95 -16.32 -7.06
CA ASP C 220 8.21 -17.51 -7.51
C ASP C 220 8.19 -18.56 -6.42
N LEU C 221 9.08 -18.43 -5.44
CA LEU C 221 9.16 -19.42 -4.40
C LEU C 221 8.39 -19.14 -3.13
N VAL C 222 7.86 -17.93 -2.99
CA VAL C 222 7.14 -17.56 -1.78
C VAL C 222 5.64 -17.38 -1.98
N PHE C 223 4.86 -18.04 -1.12
CA PHE C 223 3.41 -18.00 -1.17
C PHE C 223 2.84 -17.40 0.11
N GLU C 224 1.59 -16.95 0.04
CA GLU C 224 0.89 -16.34 1.16
C GLU C 224 -0.25 -17.23 1.67
N GLU C 225 -0.14 -17.66 2.92
CA GLU C 225 -1.14 -18.50 3.58
C GLU C 225 -1.32 -19.89 3.01
N GLY C 226 -1.33 -20.02 1.69
CA GLY C 226 -1.50 -21.33 1.09
C GLY C 226 -0.57 -21.59 -0.06
N TRP C 227 -0.25 -22.86 -0.30
CA TRP C 227 0.64 -23.21 -1.39
C TRP C 227 0.04 -22.73 -2.70
N GLY C 228 0.89 -22.20 -3.59
CA GLY C 228 0.44 -21.71 -4.87
C GLY C 228 -0.22 -20.34 -4.86
N VAL C 229 -0.44 -19.78 -3.67
CA VAL C 229 -1.08 -18.47 -3.55
C VAL C 229 -0.04 -17.33 -3.50
N ARG C 230 -0.27 -16.30 -4.30
CA ARG C 230 0.64 -15.16 -4.37
C ARG C 230 0.19 -13.96 -3.54
N LEU D 12 35.26 -14.40 -10.48
CA LEU D 12 36.20 -14.79 -9.39
C LEU D 12 37.10 -13.59 -9.05
N THR D 13 37.13 -13.17 -7.79
CA THR D 13 37.96 -12.02 -7.41
C THR D 13 38.50 -12.11 -5.99
N ALA D 14 39.39 -11.19 -5.65
CA ALA D 14 40.02 -11.10 -4.35
C ALA D 14 39.02 -11.19 -3.17
N ALA D 15 39.38 -12.00 -2.16
CA ALA D 15 38.60 -12.26 -0.93
C ALA D 15 39.52 -12.70 0.21
N GLY D 16 39.26 -12.26 1.43
CA GLY D 16 40.13 -12.67 2.52
C GLY D 16 39.25 -12.88 3.74
N ALA D 17 39.83 -12.59 4.88
CA ALA D 17 39.14 -12.73 6.15
C ALA D 17 38.53 -11.39 6.54
N PHE D 18 37.40 -11.50 7.22
CA PHE D 18 36.64 -10.37 7.73
C PHE D 18 37.46 -9.61 8.77
N SER D 19 37.08 -8.37 9.06
CA SER D 19 37.79 -7.59 10.06
C SER D 19 37.52 -8.21 11.42
N SER D 20 38.29 -7.82 12.42
CA SER D 20 38.10 -8.36 13.76
C SER D 20 36.66 -8.13 14.26
N ASP D 21 36.10 -6.97 13.96
CA ASP D 21 34.73 -6.67 14.38
C ASP D 21 33.69 -7.46 13.61
N GLU D 22 33.83 -7.52 12.28
CA GLU D 22 32.89 -8.25 11.45
C GLU D 22 32.84 -9.71 11.91
N ARG D 23 34.00 -10.32 12.06
CA ARG D 23 34.10 -11.70 12.49
C ARG D 23 33.41 -11.90 13.84
N ALA D 24 33.51 -10.90 14.70
CA ALA D 24 32.89 -10.99 16.02
C ALA D 24 31.37 -10.97 15.89
N ALA D 25 30.86 -10.19 14.93
CA ALA D 25 29.43 -10.12 14.72
C ALA D 25 28.87 -11.45 14.22
N VAL D 26 29.64 -12.12 13.36
CA VAL D 26 29.21 -13.39 12.81
C VAL D 26 29.13 -14.45 13.90
N TYR D 27 30.14 -14.49 14.76
CA TYR D 27 30.14 -15.45 15.86
C TYR D 27 29.08 -15.07 16.90
N ARG D 28 28.76 -13.79 16.99
CA ARG D 28 27.76 -13.38 17.97
C ARG D 28 26.37 -13.94 17.61
N ALA D 29 26.01 -13.86 16.33
CA ALA D 29 24.71 -14.37 15.87
C ALA D 29 24.63 -15.89 16.12
N ILE D 30 25.72 -16.57 15.77
CA ILE D 30 25.84 -18.02 15.95
C ILE D 30 25.78 -18.40 17.42
N GLU D 31 26.49 -17.66 18.25
CA GLU D 31 26.52 -17.97 19.67
C GLU D 31 25.29 -17.57 20.48
N THR D 32 24.53 -16.57 20.01
CA THR D 32 23.35 -16.15 20.77
C THR D 32 21.98 -16.49 20.19
N ARG D 33 21.92 -16.99 18.96
CA ARG D 33 20.61 -17.33 18.43
C ARG D 33 20.05 -18.50 19.25
N ARG D 34 18.75 -18.43 19.52
CA ARG D 34 18.09 -19.46 20.31
C ARG D 34 16.83 -19.89 19.58
N ASP D 35 16.31 -21.05 19.99
CA ASP D 35 15.07 -21.55 19.43
C ASP D 35 14.09 -20.89 20.39
N VAL D 36 13.22 -20.05 19.88
CA VAL D 36 12.30 -19.35 20.75
C VAL D 36 10.90 -19.92 20.69
N ARG D 37 10.28 -20.07 21.86
CA ARG D 37 8.94 -20.62 21.91
C ARG D 37 7.92 -19.70 22.54
N ASP D 38 8.27 -19.12 23.69
CA ASP D 38 7.34 -18.30 24.44
C ASP D 38 7.62 -16.79 24.59
N GLU D 39 8.71 -16.29 24.04
CA GLU D 39 9.02 -14.86 24.18
C GLU D 39 8.66 -13.93 23.01
N PHE D 40 7.97 -14.47 22.01
CA PHE D 40 7.58 -13.69 20.84
C PHE D 40 6.73 -12.46 21.17
N LEU D 41 7.19 -11.27 20.78
CA LEU D 41 6.42 -10.05 20.99
C LEU D 41 5.34 -10.06 19.90
N PRO D 42 4.23 -9.34 20.09
CA PRO D 42 3.12 -9.29 19.13
C PRO D 42 3.20 -8.46 17.85
N GLU D 43 4.24 -7.66 17.68
CA GLU D 43 4.29 -6.84 16.47
C GLU D 43 4.59 -7.64 15.21
N PRO D 44 3.85 -7.36 14.14
CA PRO D 44 4.05 -8.05 12.85
C PRO D 44 5.40 -7.62 12.30
N LEU D 45 6.09 -8.52 11.61
CA LEU D 45 7.37 -8.15 11.02
C LEU D 45 7.07 -7.32 9.79
N SER D 46 7.91 -6.33 9.50
CA SER D 46 7.67 -5.49 8.32
C SER D 46 8.00 -6.26 7.06
N GLU D 47 7.36 -5.87 5.97
CA GLU D 47 7.59 -6.52 4.68
C GLU D 47 9.07 -6.44 4.33
N GLU D 48 9.70 -5.29 4.58
CA GLU D 48 11.12 -5.10 4.29
C GLU D 48 11.95 -6.13 5.06
N LEU D 49 11.60 -6.35 6.33
CA LEU D 49 12.31 -7.30 7.18
C LEU D 49 12.12 -8.75 6.72
N ILE D 50 10.91 -9.08 6.28
CA ILE D 50 10.66 -10.43 5.82
C ILE D 50 11.44 -10.70 4.53
N ALA D 51 11.54 -9.71 3.67
CA ALA D 51 12.27 -9.87 2.40
C ALA D 51 13.73 -10.19 2.70
N ARG D 52 14.27 -9.50 3.70
CA ARG D 52 15.65 -9.70 4.10
C ARG D 52 15.90 -11.13 4.58
N LEU D 53 15.04 -11.63 5.47
CA LEU D 53 15.19 -12.99 5.99
C LEU D 53 15.10 -14.04 4.87
N LEU D 54 14.02 -14.00 4.09
CA LEU D 54 13.83 -14.93 2.99
C LEU D 54 15.02 -14.82 2.02
N GLY D 55 15.47 -13.59 1.78
CA GLY D 55 16.62 -13.39 0.92
C GLY D 55 17.82 -14.15 1.47
N ALA D 56 18.14 -13.96 2.74
CA ALA D 56 19.27 -14.65 3.33
C ALA D 56 19.12 -16.16 3.11
N ALA D 57 17.93 -16.68 3.34
CA ALA D 57 17.68 -18.09 3.17
C ALA D 57 17.93 -18.55 1.73
N HIS D 58 17.53 -17.70 0.78
CA HIS D 58 17.70 -17.99 -0.65
C HIS D 58 19.17 -18.01 -1.07
N GLN D 59 20.04 -17.46 -0.23
CA GLN D 59 21.45 -17.43 -0.57
C GLN D 59 22.22 -18.60 0.03
N ALA D 60 21.47 -19.52 0.62
CA ALA D 60 22.09 -20.71 1.21
C ALA D 60 22.57 -21.53 0.04
N PRO D 61 23.51 -22.46 0.30
CA PRO D 61 24.03 -23.33 -0.75
C PRO D 61 22.98 -24.39 -1.01
N SER D 62 23.04 -25.06 -2.16
CA SER D 62 22.08 -26.15 -2.45
C SER D 62 22.67 -27.11 -3.49
N VAL D 63 22.60 -28.40 -3.18
CA VAL D 63 23.15 -29.44 -4.05
C VAL D 63 22.76 -29.29 -5.53
N GLY D 64 23.77 -29.27 -6.39
CA GLY D 64 23.55 -29.10 -7.82
C GLY D 64 22.85 -27.78 -8.11
N PHE D 65 22.98 -26.83 -7.19
CA PHE D 65 22.33 -25.53 -7.28
C PHE D 65 20.85 -25.71 -7.58
N MET D 66 20.29 -26.77 -7.03
CA MET D 66 18.89 -27.14 -7.17
C MET D 66 17.91 -26.10 -6.62
N GLN D 67 18.20 -25.54 -5.44
CA GLN D 67 17.31 -24.52 -4.84
C GLN D 67 15.90 -25.10 -4.73
N PRO D 68 15.76 -26.23 -4.03
CA PRO D 68 14.53 -26.99 -3.79
C PRO D 68 13.47 -26.40 -2.89
N TRP D 69 13.78 -25.25 -2.29
CA TRP D 69 12.87 -24.66 -1.33
C TRP D 69 11.75 -23.75 -1.81
N ASN D 70 10.72 -23.66 -0.96
CA ASN D 70 9.58 -22.78 -1.18
C ASN D 70 9.29 -22.28 0.22
N PHE D 71 8.65 -21.13 0.33
CA PHE D 71 8.34 -20.57 1.63
C PHE D 71 6.88 -20.13 1.69
N VAL D 72 6.14 -20.67 2.64
CA VAL D 72 4.74 -20.31 2.81
C VAL D 72 4.55 -19.48 4.07
N LEU D 73 4.37 -18.18 3.87
CA LEU D 73 4.17 -17.24 4.97
C LEU D 73 2.77 -17.41 5.50
N VAL D 74 2.66 -17.49 6.82
CA VAL D 74 1.37 -17.67 7.47
C VAL D 74 1.13 -16.59 8.50
N ARG D 75 0.07 -15.82 8.32
CA ARG D 75 -0.23 -14.72 9.25
C ARG D 75 -1.63 -14.76 9.86
N GLN D 76 -2.57 -15.43 9.21
CA GLN D 76 -3.95 -15.52 9.70
C GLN D 76 -4.11 -16.34 10.98
N ASP D 77 -4.84 -15.78 11.96
CA ASP D 77 -5.06 -16.47 13.22
C ASP D 77 -5.72 -17.82 12.99
N GLU D 78 -6.62 -17.87 12.02
CA GLU D 78 -7.32 -19.11 11.72
C GLU D 78 -6.37 -20.22 11.30
N THR D 79 -5.37 -19.89 10.49
CA THR D 79 -4.40 -20.88 10.05
C THR D 79 -3.58 -21.35 11.26
N ARG D 80 -3.11 -20.41 12.05
CA ARG D 80 -2.33 -20.75 13.23
C ARG D 80 -3.13 -21.62 14.20
N GLU D 81 -4.44 -21.43 14.18
CA GLU D 81 -5.32 -22.20 15.04
C GLU D 81 -5.27 -23.65 14.57
N LYS D 82 -5.42 -23.85 13.28
CA LYS D 82 -5.40 -25.19 12.70
C LYS D 82 -4.07 -25.87 12.95
N VAL D 83 -2.98 -25.15 12.70
CA VAL D 83 -1.66 -25.71 12.90
C VAL D 83 -1.45 -26.04 14.37
N TRP D 84 -1.91 -25.15 15.26
CA TRP D 84 -1.75 -25.38 16.69
C TRP D 84 -2.46 -26.65 17.19
N GLN D 85 -3.68 -26.87 16.72
CA GLN D 85 -4.44 -28.06 17.13
C GLN D 85 -3.73 -29.31 16.60
N ALA D 86 -3.14 -29.19 15.41
CA ALA D 86 -2.41 -30.31 14.83
C ALA D 86 -1.23 -30.58 15.77
N PHE D 87 -0.68 -29.53 16.34
CA PHE D 87 0.44 -29.68 17.25
C PHE D 87 0.03 -30.36 18.55
N GLN D 88 -1.08 -29.92 19.15
CA GLN D 88 -1.53 -30.51 20.41
C GLN D 88 -1.79 -32.00 20.25
N ARG D 89 -2.43 -32.39 19.15
CA ARG D 89 -2.71 -33.80 18.89
C ARG D 89 -1.41 -34.60 18.86
N ALA D 90 -0.44 -34.10 18.10
CA ALA D 90 0.85 -34.76 17.97
C ALA D 90 1.60 -34.76 19.28
N ASN D 91 1.56 -33.63 19.98
CA ASN D 91 2.26 -33.49 21.23
C ASN D 91 1.72 -34.41 22.32
N ASP D 92 0.40 -34.58 22.35
CA ASP D 92 -0.19 -35.43 23.37
C ASP D 92 0.36 -36.86 23.24
N GLU D 93 0.45 -37.37 22.00
CA GLU D 93 0.97 -38.72 21.82
C GLU D 93 2.49 -38.80 21.97
N ALA D 94 3.17 -37.66 21.88
CA ALA D 94 4.61 -37.67 22.05
C ALA D 94 4.87 -37.73 23.54
N ALA D 95 4.03 -37.05 24.32
CA ALA D 95 4.15 -37.04 25.77
C ALA D 95 3.94 -38.42 26.34
N GLU D 96 2.99 -39.16 25.76
CA GLU D 96 2.66 -40.50 26.21
C GLU D 96 3.73 -41.53 25.79
N MET D 97 4.71 -41.08 25.02
CA MET D 97 5.82 -41.94 24.59
C MET D 97 6.88 -41.91 25.67
N PHE D 98 6.65 -41.07 26.68
CA PHE D 98 7.55 -40.93 27.80
C PHE D 98 6.88 -41.43 29.08
N SER D 99 7.62 -41.47 30.18
CA SER D 99 7.05 -41.95 31.42
C SER D 99 7.63 -41.27 32.66
N GLY D 100 7.12 -41.66 33.81
CA GLY D 100 7.57 -41.11 35.08
C GLY D 100 7.80 -39.62 35.10
N GLU D 101 8.87 -39.22 35.76
CA GLU D 101 9.25 -37.82 35.89
C GLU D 101 9.56 -37.22 34.52
N ARG D 102 10.22 -38.00 33.66
CA ARG D 102 10.58 -37.55 32.32
C ARG D 102 9.37 -37.05 31.54
N GLN D 103 8.25 -37.78 31.66
CA GLN D 103 7.03 -37.39 30.97
C GLN D 103 6.52 -36.12 31.66
N ALA D 104 6.57 -36.13 32.98
CA ALA D 104 6.13 -34.99 33.77
C ALA D 104 6.85 -33.73 33.28
N LYS D 105 8.18 -33.81 33.20
CA LYS D 105 8.96 -32.67 32.75
C LYS D 105 8.62 -32.32 31.30
N TYR D 106 8.55 -33.33 30.44
CA TYR D 106 8.22 -33.11 29.03
C TYR D 106 6.95 -32.26 28.90
N ARG D 107 5.97 -32.52 29.74
CA ARG D 107 4.70 -31.80 29.73
C ARG D 107 4.77 -30.38 30.24
N SER D 108 5.87 -30.02 30.88
CA SER D 108 6.04 -28.68 31.43
C SER D 108 6.72 -27.76 30.41
N LEU D 109 7.43 -28.34 29.47
CA LEU D 109 8.15 -27.59 28.42
C LEU D 109 7.20 -26.92 27.43
N LYS D 110 7.61 -25.78 26.89
CA LYS D 110 6.80 -25.15 25.85
C LYS D 110 7.55 -25.53 24.57
N LEU D 111 6.85 -26.17 23.65
CA LEU D 111 7.49 -26.66 22.44
C LEU D 111 7.12 -25.93 21.15
N GLU D 112 6.46 -24.79 21.28
CA GLU D 112 6.05 -24.00 20.13
C GLU D 112 5.36 -22.70 20.54
N GLY D 113 5.42 -21.70 19.67
CA GLY D 113 4.75 -20.44 19.94
C GLY D 113 3.91 -20.13 18.71
N ILE D 114 3.33 -21.18 18.13
CA ILE D 114 2.51 -21.08 16.93
C ILE D 114 1.47 -19.98 16.97
N ARG D 115 0.73 -19.90 18.07
CA ARG D 115 -0.34 -18.90 18.20
C ARG D 115 0.13 -17.54 18.68
N LYS D 116 1.31 -17.49 19.27
CA LYS D 116 1.89 -16.25 19.80
C LYS D 116 2.69 -15.51 18.73
N ALA D 117 3.50 -16.25 17.99
CA ALA D 117 4.32 -15.66 16.95
C ALA D 117 3.46 -14.98 15.89
N PRO D 118 3.70 -13.68 15.66
CA PRO D 118 2.94 -12.91 14.66
C PRO D 118 3.19 -13.43 13.23
N LEU D 119 4.26 -14.20 13.07
CA LEU D 119 4.57 -14.76 11.76
C LEU D 119 5.08 -16.18 11.85
N SER D 120 4.64 -17.01 10.90
CA SER D 120 5.09 -18.39 10.82
C SER D 120 5.46 -18.65 9.38
N ILE D 121 6.46 -19.51 9.19
CA ILE D 121 6.92 -19.86 7.86
C ILE D 121 7.13 -21.36 7.69
N CYS D 122 6.39 -21.95 6.76
CA CYS D 122 6.51 -23.37 6.48
C CYS D 122 7.48 -23.56 5.32
N VAL D 123 8.72 -23.92 5.64
CA VAL D 123 9.78 -24.11 4.65
C VAL D 123 9.67 -25.52 4.08
N THR D 124 9.55 -25.62 2.76
CA THR D 124 9.41 -26.94 2.12
C THR D 124 10.47 -27.25 1.06
N CYS D 125 10.51 -28.53 0.66
CA CYS D 125 11.48 -29.01 -0.32
C CYS D 125 10.77 -29.79 -1.43
N ASP D 126 10.95 -29.33 -2.65
CA ASP D 126 10.36 -29.95 -3.84
C ASP D 126 11.31 -31.05 -4.31
N ARG D 127 10.96 -32.30 -4.06
CA ARG D 127 11.85 -33.40 -4.45
C ARG D 127 12.05 -33.53 -5.95
N THR D 128 11.15 -32.97 -6.75
CA THR D 128 11.29 -33.09 -8.20
C THR D 128 11.97 -31.93 -8.92
N ARG D 129 12.36 -30.89 -8.19
CA ARG D 129 13.01 -29.75 -8.84
C ARG D 129 14.42 -30.16 -9.30
N GLY D 130 14.86 -29.59 -10.42
CA GLY D 130 16.18 -29.91 -10.93
C GLY D 130 16.22 -30.93 -12.06
N GLY D 131 15.05 -31.45 -12.45
CA GLY D 131 14.98 -32.43 -13.52
C GLY D 131 14.88 -33.84 -12.99
N ALA D 132 15.11 -34.83 -13.86
CA ALA D 132 15.06 -36.23 -13.45
C ALA D 132 16.35 -36.64 -12.75
N VAL D 133 17.42 -35.92 -13.04
CA VAL D 133 18.71 -36.20 -12.43
C VAL D 133 19.29 -34.88 -11.92
N VAL D 134 19.74 -34.89 -10.67
CA VAL D 134 20.30 -33.68 -10.07
C VAL D 134 21.73 -33.85 -9.56
N LEU D 135 22.62 -33.04 -10.12
CA LEU D 135 24.03 -33.02 -9.75
C LEU D 135 24.14 -33.16 -8.23
N GLY D 136 25.09 -33.97 -7.78
CA GLY D 136 25.28 -34.16 -6.35
C GLY D 136 24.18 -34.87 -5.59
N ARG D 137 23.04 -35.12 -6.25
CA ARG D 137 21.93 -35.81 -5.60
C ARG D 137 21.66 -37.12 -6.34
N THR D 138 22.71 -37.69 -6.92
CA THR D 138 22.61 -38.93 -7.65
C THR D 138 22.94 -40.13 -6.75
N HIS D 139 23.64 -39.87 -5.64
CA HIS D 139 24.03 -40.95 -4.73
C HIS D 139 23.42 -40.89 -3.33
N ASN D 140 22.93 -39.71 -2.95
CA ASN D 140 22.28 -39.54 -1.66
C ASN D 140 21.07 -38.66 -1.95
N PRO D 141 19.89 -39.26 -2.03
CA PRO D 141 18.62 -38.55 -2.31
C PRO D 141 18.20 -37.54 -1.25
N GLN D 142 18.80 -37.61 -0.07
CA GLN D 142 18.44 -36.69 1.01
C GLN D 142 19.11 -35.32 0.87
N MET D 143 20.10 -35.23 -0.02
CA MET D 143 20.83 -33.98 -0.23
C MET D 143 19.94 -32.75 -0.48
N ASP D 144 18.78 -32.94 -1.11
CA ASP D 144 17.89 -31.82 -1.37
C ASP D 144 17.19 -31.35 -0.09
N LEU D 145 16.93 -32.27 0.84
CA LEU D 145 16.31 -31.92 2.11
C LEU D 145 17.34 -31.19 2.95
N TYR D 146 18.57 -31.68 2.90
CA TYR D 146 19.65 -31.05 3.67
C TYR D 146 19.85 -29.59 3.22
N SER D 147 19.89 -29.37 1.90
CA SER D 147 20.06 -28.01 1.38
C SER D 147 19.00 -27.08 1.96
N THR D 148 17.76 -27.56 2.04
CA THR D 148 16.67 -26.76 2.58
C THR D 148 16.96 -26.41 4.03
N VAL D 149 17.56 -27.35 4.77
CA VAL D 149 17.89 -27.11 6.18
C VAL D 149 18.92 -25.96 6.21
N CYS D 150 19.83 -25.95 5.25
CA CYS D 150 20.84 -24.92 5.16
C CYS D 150 20.14 -23.56 5.04
N ALA D 151 19.06 -23.53 4.28
CA ALA D 151 18.31 -22.29 4.08
C ALA D 151 17.72 -21.81 5.41
N VAL D 152 17.17 -22.76 6.17
CA VAL D 152 16.57 -22.48 7.47
C VAL D 152 17.60 -21.91 8.47
N GLN D 153 18.81 -22.48 8.52
CA GLN D 153 19.85 -22.01 9.44
C GLN D 153 20.27 -20.57 9.09
N ASN D 154 20.35 -20.27 7.80
CA ASN D 154 20.70 -18.92 7.34
C ASN D 154 19.61 -17.96 7.82
N LEU D 155 18.36 -18.37 7.67
CA LEU D 155 17.25 -17.52 8.10
C LEU D 155 17.25 -17.40 9.63
N TRP D 156 17.62 -18.47 10.32
CA TRP D 156 17.68 -18.47 11.79
C TRP D 156 18.73 -17.45 12.29
N LEU D 157 19.89 -17.45 11.64
CA LEU D 157 20.99 -16.55 12.00
C LEU D 157 20.70 -15.08 11.62
N ALA D 158 20.19 -14.86 10.42
CA ALA D 158 19.87 -13.50 9.99
C ALA D 158 18.81 -12.92 10.92
N ALA D 159 17.85 -13.75 11.32
CA ALA D 159 16.79 -13.30 12.22
C ALA D 159 17.36 -12.83 13.53
N ARG D 160 18.28 -13.61 14.10
CA ARG D 160 18.91 -13.21 15.37
C ARG D 160 19.54 -11.82 15.25
N ALA D 161 20.19 -11.58 14.12
CA ALA D 161 20.84 -10.29 13.90
C ALA D 161 19.80 -9.18 13.85
N GLU D 162 18.60 -9.52 13.39
CA GLU D 162 17.51 -8.56 13.29
C GLU D 162 16.65 -8.52 14.57
N GLY D 163 17.11 -9.19 15.62
CA GLY D 163 16.34 -9.21 16.86
C GLY D 163 15.03 -9.97 16.72
N VAL D 164 15.05 -10.99 15.87
CA VAL D 164 13.87 -11.78 15.65
C VAL D 164 14.10 -13.19 16.14
N GLY D 165 13.28 -13.62 17.09
CA GLY D 165 13.41 -14.97 17.61
C GLY D 165 12.83 -15.92 16.57
N VAL D 166 13.36 -17.13 16.53
CA VAL D 166 12.88 -18.13 15.58
C VAL D 166 12.78 -19.46 16.31
N GLY D 167 11.65 -20.12 16.11
CA GLY D 167 11.44 -21.42 16.73
C GLY D 167 11.05 -22.44 15.68
N TRP D 168 11.72 -23.59 15.70
CA TRP D 168 11.44 -24.67 14.77
C TRP D 168 10.49 -25.61 15.47
N VAL D 169 9.39 -25.98 14.82
CA VAL D 169 8.45 -26.91 15.41
C VAL D 169 8.32 -28.11 14.46
N SER D 170 8.60 -29.30 14.99
CA SER D 170 8.54 -30.52 14.19
C SER D 170 7.56 -31.55 14.77
N ILE D 171 6.91 -31.21 15.87
CA ILE D 171 5.95 -32.12 16.49
C ILE D 171 4.58 -31.98 15.80
N PHE D 172 4.49 -32.58 14.62
CA PHE D 172 3.30 -32.57 13.78
C PHE D 172 3.27 -33.86 12.99
N HIS D 173 2.09 -34.16 12.45
CA HIS D 173 1.91 -35.29 11.57
C HIS D 173 1.96 -34.52 10.25
N GLU D 174 3.04 -34.70 9.48
CA GLU D 174 3.21 -33.98 8.23
C GLU D 174 1.97 -33.80 7.34
N SER D 175 1.23 -34.88 7.11
CA SER D 175 0.04 -34.82 6.28
C SER D 175 -1.02 -33.83 6.72
N GLU D 176 -1.19 -33.66 8.03
CA GLU D 176 -2.18 -32.72 8.55
C GLU D 176 -1.84 -31.29 8.17
N ILE D 177 -0.58 -30.92 8.31
CA ILE D 177 -0.15 -29.57 7.98
C ILE D 177 -0.23 -29.36 6.48
N LYS D 178 0.14 -30.38 5.70
CA LYS D 178 0.08 -30.26 4.24
C LYS D 178 -1.34 -30.04 3.75
N ALA D 179 -2.30 -30.55 4.49
CA ALA D 179 -3.70 -30.40 4.12
C ALA D 179 -4.21 -29.00 4.45
N ILE D 180 -3.61 -28.36 5.44
CA ILE D 180 -4.01 -27.01 5.82
C ILE D 180 -3.47 -25.98 4.83
N LEU D 181 -2.26 -26.24 4.33
CA LEU D 181 -1.61 -25.32 3.39
C LEU D 181 -1.75 -25.75 1.93
N GLY D 182 -2.31 -26.93 1.71
CA GLY D 182 -2.50 -27.43 0.36
C GLY D 182 -1.21 -27.81 -0.35
N ILE D 183 -0.21 -28.22 0.42
CA ILE D 183 1.07 -28.61 -0.14
C ILE D 183 0.99 -29.92 -0.92
N PRO D 184 1.56 -29.94 -2.15
CA PRO D 184 1.63 -31.05 -3.12
C PRO D 184 2.36 -32.30 -2.61
N ASP D 185 2.02 -33.45 -3.18
CA ASP D 185 2.62 -34.73 -2.80
C ASP D 185 4.12 -34.82 -3.03
N HIS D 186 4.60 -34.23 -4.13
CA HIS D 186 6.02 -34.25 -4.46
C HIS D 186 6.84 -33.24 -3.65
N VAL D 187 6.16 -32.50 -2.78
CA VAL D 187 6.79 -31.49 -1.94
C VAL D 187 6.75 -31.95 -0.48
N GLU D 188 7.88 -31.81 0.20
CA GLU D 188 7.96 -32.23 1.58
C GLU D 188 8.27 -31.10 2.55
N ILE D 189 7.60 -31.12 3.70
CA ILE D 189 7.83 -30.11 4.72
C ILE D 189 9.11 -30.43 5.46
N VAL D 190 10.02 -29.47 5.49
CA VAL D 190 11.29 -29.64 6.18
C VAL D 190 11.15 -28.96 7.54
N ALA D 191 10.51 -27.80 7.56
CA ALA D 191 10.37 -27.08 8.81
C ALA D 191 9.19 -26.13 8.91
N TRP D 192 8.68 -25.98 10.13
CA TRP D 192 7.64 -25.02 10.40
C TRP D 192 8.39 -24.09 11.34
N LEU D 193 8.46 -22.82 10.95
CA LEU D 193 9.19 -21.86 11.76
C LEU D 193 8.28 -20.80 12.35
N CYS D 194 8.42 -20.56 13.65
CA CYS D 194 7.66 -19.54 14.35
C CYS D 194 8.57 -18.33 14.43
N LEU D 195 8.06 -17.16 14.07
CA LEU D 195 8.87 -15.94 14.11
C LEU D 195 8.20 -14.77 14.80
N GLY D 196 9.02 -13.96 15.46
CA GLY D 196 8.54 -12.78 16.16
C GLY D 196 9.67 -12.07 16.87
N PHE D 197 9.56 -10.75 16.98
CA PHE D 197 10.55 -9.95 17.67
C PHE D 197 10.66 -10.44 19.10
N VAL D 198 11.78 -10.12 19.75
CA VAL D 198 12.00 -10.49 21.15
C VAL D 198 12.78 -9.38 21.84
N ASP D 199 12.58 -9.23 23.16
CA ASP D 199 13.33 -8.23 23.91
C ASP D 199 14.13 -8.98 24.96
N ARG D 200 14.04 -10.30 24.92
CA ARG D 200 14.79 -11.14 25.87
C ARG D 200 14.99 -12.56 25.33
N LEU D 201 16.18 -13.09 25.63
CA LEU D 201 16.60 -14.43 25.21
C LEU D 201 17.36 -15.13 26.33
N TYR D 202 17.25 -16.45 26.36
CA TYR D 202 17.97 -17.26 27.34
C TYR D 202 19.44 -17.15 26.97
N GLN D 203 20.33 -17.27 27.95
CA GLN D 203 21.75 -17.15 27.66
C GLN D 203 22.39 -18.47 27.20
N GLU D 204 21.66 -19.57 27.42
CA GLU D 204 22.08 -20.90 27.01
C GLU D 204 20.82 -21.63 26.54
N PRO D 205 20.97 -22.82 25.93
CA PRO D 205 19.75 -23.48 25.48
C PRO D 205 18.71 -23.64 26.60
N GLU D 206 17.49 -23.24 26.31
CA GLU D 206 16.40 -23.33 27.28
C GLU D 206 16.25 -24.73 27.85
N LEU D 207 16.43 -25.75 27.01
CA LEU D 207 16.30 -27.13 27.44
C LEU D 207 17.34 -27.53 28.50
N ALA D 208 18.49 -26.86 28.51
CA ALA D 208 19.52 -27.15 29.50
C ALA D 208 19.14 -26.47 30.82
N ALA D 209 18.55 -25.29 30.73
CA ALA D 209 18.14 -24.53 31.90
C ALA D 209 17.01 -25.26 32.62
N LYS D 210 16.21 -25.99 31.87
CA LYS D 210 15.10 -26.73 32.44
C LYS D 210 15.45 -28.19 32.71
N GLY D 211 16.75 -28.45 32.76
CA GLY D 211 17.27 -29.79 33.05
C GLY D 211 16.82 -30.96 32.19
N TRP D 212 16.54 -30.70 30.91
CA TRP D 212 16.13 -31.80 30.03
C TRP D 212 17.36 -32.51 29.49
N ARG D 213 18.40 -31.75 29.19
CA ARG D 213 19.63 -32.32 28.66
C ARG D 213 20.69 -31.22 28.59
N GLN D 214 21.91 -31.56 28.98
CA GLN D 214 23.03 -30.62 28.99
C GLN D 214 23.88 -30.60 27.72
N ARG D 215 24.62 -29.50 27.55
CA ARG D 215 25.51 -29.32 26.41
C ARG D 215 26.58 -30.40 26.48
N LEU D 216 26.89 -31.02 25.34
CA LEU D 216 27.92 -32.05 25.30
C LEU D 216 29.30 -31.46 25.16
N PRO D 217 30.31 -32.14 25.71
CA PRO D 217 31.69 -31.66 25.62
C PRO D 217 32.16 -31.87 24.19
N LEU D 218 32.49 -30.78 23.51
CA LEU D 218 32.94 -30.84 22.13
C LEU D 218 34.17 -31.73 21.93
N GLU D 219 35.11 -31.70 22.88
CA GLU D 219 36.33 -32.49 22.77
C GLU D 219 36.04 -33.99 22.56
N ASP D 220 34.94 -34.46 23.10
CA ASP D 220 34.56 -35.88 22.99
C ASP D 220 34.02 -36.26 21.61
N LEU D 221 33.58 -35.27 20.85
CA LEU D 221 32.97 -35.50 19.54
C LEU D 221 33.90 -35.34 18.35
N VAL D 222 35.17 -35.10 18.63
CA VAL D 222 36.15 -34.91 17.56
C VAL D 222 37.13 -36.07 17.49
N PHE D 223 37.34 -36.57 16.28
CA PHE D 223 38.25 -37.67 16.06
C PHE D 223 39.31 -37.27 15.05
N GLU D 224 40.42 -37.97 15.08
CA GLU D 224 41.53 -37.71 14.17
C GLU D 224 41.74 -38.89 13.22
N GLU D 225 41.57 -38.65 11.93
CA GLU D 225 41.73 -39.66 10.88
C GLU D 225 40.70 -40.78 10.88
N GLY D 226 40.50 -41.43 12.02
CA GLY D 226 39.55 -42.52 12.10
C GLY D 226 38.56 -42.36 13.24
N TRP D 227 37.40 -43.00 13.10
CA TRP D 227 36.36 -42.93 14.11
C TRP D 227 36.84 -43.52 15.44
N GLY D 228 36.46 -42.88 16.54
CA GLY D 228 36.86 -43.37 17.85
C GLY D 228 38.31 -43.05 18.20
N VAL D 229 39.10 -42.60 17.23
CA VAL D 229 40.50 -42.26 17.46
C VAL D 229 40.67 -40.76 17.70
N ARG D 230 41.24 -40.41 18.85
CA ARG D 230 41.48 -39.00 19.19
C ARG D 230 42.94 -38.67 18.91
N LEU E 12 2.55 33.70 -4.59
CA LEU E 12 1.83 32.99 -5.68
C LEU E 12 2.73 32.69 -6.87
N THR E 13 2.38 31.65 -7.62
CA THR E 13 3.17 31.23 -8.78
C THR E 13 2.53 31.58 -10.12
N ALA E 14 3.30 31.40 -11.19
CA ALA E 14 2.83 31.69 -12.55
C ALA E 14 1.72 30.74 -13.00
N ALA E 15 0.84 31.24 -13.86
CA ALA E 15 -0.27 30.46 -14.36
C ALA E 15 -0.68 30.92 -15.76
N GLY E 16 -1.54 30.14 -16.40
CA GLY E 16 -2.01 30.45 -17.73
C GLY E 16 -3.14 29.51 -18.12
N ALA E 17 -3.52 29.53 -19.39
CA ALA E 17 -4.58 28.66 -19.87
C ALA E 17 -4.08 27.22 -20.02
N PHE E 18 -4.97 26.25 -19.82
CA PHE E 18 -4.64 24.83 -19.95
C PHE E 18 -4.32 24.55 -21.43
N SER E 19 -3.75 23.38 -21.70
CA SER E 19 -3.44 23.01 -23.08
C SER E 19 -4.76 22.70 -23.77
N SER E 20 -4.72 22.51 -25.08
CA SER E 20 -5.94 22.20 -25.82
C SER E 20 -6.57 20.91 -25.32
N ASP E 21 -5.75 19.89 -25.06
CA ASP E 21 -6.26 18.61 -24.58
C ASP E 21 -6.81 18.76 -23.16
N GLU E 22 -6.18 19.60 -22.35
CA GLU E 22 -6.66 19.81 -20.97
C GLU E 22 -8.00 20.54 -21.04
N ARG E 23 -8.02 21.61 -21.83
CA ARG E 23 -9.21 22.43 -22.02
C ARG E 23 -10.38 21.59 -22.52
N ALA E 24 -10.11 20.75 -23.52
CA ALA E 24 -11.14 19.90 -24.09
C ALA E 24 -11.69 18.92 -23.07
N ALA E 25 -10.81 18.36 -22.24
CA ALA E 25 -11.23 17.42 -21.22
C ALA E 25 -12.15 18.11 -20.21
N VAL E 26 -11.81 19.34 -19.85
CA VAL E 26 -12.63 20.11 -18.92
C VAL E 26 -14.00 20.33 -19.55
N TYR E 27 -14.04 20.92 -20.75
CA TYR E 27 -15.32 21.14 -21.41
C TYR E 27 -16.12 19.85 -21.57
N ARG E 28 -15.42 18.73 -21.81
CA ARG E 28 -16.11 17.46 -21.97
C ARG E 28 -16.82 17.04 -20.70
N ALA E 29 -16.21 17.30 -19.55
CA ALA E 29 -16.85 16.98 -18.28
C ALA E 29 -18.11 17.82 -18.16
N ILE E 30 -17.98 19.10 -18.52
CA ILE E 30 -19.10 20.04 -18.45
C ILE E 30 -20.22 19.76 -19.47
N GLU E 31 -19.84 19.43 -20.70
CA GLU E 31 -20.82 19.18 -21.76
C GLU E 31 -21.51 17.82 -21.77
N THR E 32 -20.92 16.81 -21.15
CA THR E 32 -21.54 15.49 -21.17
C THR E 32 -22.10 14.98 -19.85
N ARG E 33 -21.76 15.62 -18.72
CA ARG E 33 -22.29 15.13 -17.46
C ARG E 33 -23.81 15.26 -17.40
N ARG E 34 -24.45 14.29 -16.76
CA ARG E 34 -25.91 14.27 -16.65
C ARG E 34 -26.39 13.98 -15.25
N ASP E 35 -27.66 14.26 -15.01
CA ASP E 35 -28.27 13.96 -13.74
C ASP E 35 -28.84 12.57 -14.01
N VAL E 36 -28.29 11.56 -13.34
CA VAL E 36 -28.70 10.19 -13.53
C VAL E 36 -29.71 9.77 -12.48
N ARG E 37 -30.69 8.97 -12.90
CA ARG E 37 -31.72 8.47 -11.99
C ARG E 37 -31.89 6.97 -12.12
N ASP E 38 -31.87 6.47 -13.35
CA ASP E 38 -32.12 5.07 -13.61
C ASP E 38 -31.00 4.17 -14.13
N GLU E 39 -29.87 4.73 -14.55
CA GLU E 39 -28.80 3.91 -15.10
C GLU E 39 -27.71 3.48 -14.10
N PHE E 40 -27.97 3.68 -12.82
CA PHE E 40 -26.99 3.28 -11.80
C PHE E 40 -26.73 1.77 -11.78
N LEU E 41 -25.46 1.40 -11.89
CA LEU E 41 -25.06 0.01 -11.86
C LEU E 41 -24.91 -0.40 -10.40
N PRO E 42 -24.89 -1.70 -10.11
CA PRO E 42 -24.77 -2.19 -8.74
C PRO E 42 -23.38 -2.16 -8.10
N GLU E 43 -22.32 -2.23 -8.90
CA GLU E 43 -20.95 -2.24 -8.37
C GLU E 43 -20.61 -1.12 -7.39
N PRO E 44 -20.36 -1.48 -6.11
CA PRO E 44 -20.01 -0.51 -5.07
C PRO E 44 -18.76 0.29 -5.45
N LEU E 45 -18.72 1.57 -5.07
CA LEU E 45 -17.56 2.39 -5.37
C LEU E 45 -16.51 2.14 -4.28
N SER E 46 -15.24 2.14 -4.65
CA SER E 46 -14.18 1.89 -3.68
C SER E 46 -14.03 3.11 -2.76
N GLU E 47 -13.37 2.91 -1.63
CA GLU E 47 -13.15 3.99 -0.68
C GLU E 47 -12.25 5.05 -1.30
N GLU E 48 -11.36 4.63 -2.19
CA GLU E 48 -10.44 5.54 -2.87
C GLU E 48 -11.13 6.48 -3.82
N LEU E 49 -12.17 5.99 -4.48
CA LEU E 49 -12.92 6.80 -5.43
C LEU E 49 -13.72 7.84 -4.67
N ILE E 50 -14.46 7.37 -3.66
CA ILE E 50 -15.29 8.24 -2.83
C ILE E 50 -14.46 9.35 -2.21
N ALA E 51 -13.23 9.03 -1.83
CA ALA E 51 -12.36 10.05 -1.23
C ALA E 51 -11.96 11.10 -2.29
N ARG E 52 -11.71 10.65 -3.52
CA ARG E 52 -11.33 11.59 -4.56
C ARG E 52 -12.48 12.55 -4.84
N LEU E 53 -13.69 12.01 -4.91
CA LEU E 53 -14.89 12.80 -5.18
C LEU E 53 -15.13 13.81 -4.07
N LEU E 54 -15.08 13.35 -2.83
CA LEU E 54 -15.30 14.25 -1.71
C LEU E 54 -14.19 15.30 -1.74
N GLY E 55 -12.99 14.89 -2.12
CA GLY E 55 -11.87 15.81 -2.20
C GLY E 55 -12.10 16.93 -3.20
N ALA E 56 -12.81 16.63 -4.29
CA ALA E 56 -13.08 17.63 -5.30
C ALA E 56 -14.07 18.63 -4.74
N ALA E 57 -15.09 18.13 -4.06
CA ALA E 57 -16.11 19.00 -3.47
C ALA E 57 -15.44 19.94 -2.47
N HIS E 58 -14.54 19.39 -1.67
CA HIS E 58 -13.84 20.15 -0.65
C HIS E 58 -12.96 21.26 -1.24
N GLN E 59 -12.59 21.12 -2.53
CA GLN E 59 -11.75 22.13 -3.18
C GLN E 59 -12.61 23.27 -3.72
N ALA E 60 -13.91 23.23 -3.43
CA ALA E 60 -14.83 24.26 -3.89
C ALA E 60 -14.60 25.55 -3.09
N PRO E 61 -15.03 26.69 -3.65
CA PRO E 61 -14.85 27.95 -2.93
C PRO E 61 -15.93 28.03 -1.86
N SER E 62 -15.75 28.91 -0.88
CA SER E 62 -16.75 29.09 0.16
C SER E 62 -16.60 30.47 0.79
N VAL E 63 -17.71 31.18 0.91
CA VAL E 63 -17.71 32.53 1.47
C VAL E 63 -16.85 32.62 2.73
N GLY E 64 -15.96 33.60 2.76
CA GLY E 64 -15.08 33.77 3.90
C GLY E 64 -14.40 32.46 4.29
N PHE E 65 -14.18 31.61 3.29
CA PHE E 65 -13.56 30.31 3.48
C PHE E 65 -14.16 29.57 4.67
N MET E 66 -15.47 29.68 4.78
CA MET E 66 -16.27 29.06 5.83
C MET E 66 -16.21 27.53 5.80
N GLN E 67 -16.31 26.96 4.60
CA GLN E 67 -16.29 25.50 4.42
C GLN E 67 -17.33 24.90 5.36
N PRO E 68 -18.60 25.34 5.22
CA PRO E 68 -19.75 24.92 6.02
C PRO E 68 -20.40 23.59 5.68
N TRP E 69 -19.79 22.78 4.84
CA TRP E 69 -20.41 21.52 4.48
C TRP E 69 -19.97 20.29 5.26
N ASN E 70 -20.85 19.30 5.28
CA ASN E 70 -20.58 18.00 5.90
C ASN E 70 -21.19 17.02 4.91
N PHE E 71 -20.68 15.79 4.90
CA PHE E 71 -21.16 14.77 3.98
C PHE E 71 -21.62 13.53 4.75
N VAL E 72 -22.90 13.19 4.66
CA VAL E 72 -23.39 12.00 5.32
C VAL E 72 -23.46 10.90 4.26
N LEU E 73 -22.57 9.92 4.35
CA LEU E 73 -22.53 8.82 3.41
C LEU E 73 -23.57 7.77 3.80
N VAL E 74 -24.48 7.45 2.87
CA VAL E 74 -25.52 6.46 3.13
C VAL E 74 -25.25 5.21 2.30
N ARG E 75 -25.03 4.09 2.97
CA ARG E 75 -24.74 2.83 2.28
C ARG E 75 -25.55 1.62 2.71
N GLN E 76 -26.57 1.83 3.54
CA GLN E 76 -27.37 0.71 4.00
C GLN E 76 -28.80 0.72 3.48
N ASP E 77 -29.26 -0.46 3.05
CA ASP E 77 -30.59 -0.60 2.48
C ASP E 77 -31.75 -0.02 3.27
N GLU E 78 -31.76 -0.18 4.59
CA GLU E 78 -32.88 0.36 5.36
C GLU E 78 -32.90 1.90 5.38
N THR E 79 -31.72 2.52 5.30
CA THR E 79 -31.67 3.98 5.28
C THR E 79 -32.31 4.43 3.97
N ARG E 80 -31.77 3.94 2.86
CA ARG E 80 -32.25 4.26 1.53
C ARG E 80 -33.74 3.98 1.44
N GLU E 81 -34.18 2.89 2.07
CA GLU E 81 -35.57 2.51 2.05
C GLU E 81 -36.43 3.53 2.80
N LYS E 82 -35.87 4.11 3.86
CA LYS E 82 -36.56 5.11 4.65
C LYS E 82 -36.61 6.43 3.89
N VAL E 83 -35.52 6.74 3.18
CA VAL E 83 -35.43 7.97 2.41
C VAL E 83 -36.29 7.86 1.17
N TRP E 84 -36.20 6.72 0.48
CA TRP E 84 -37.01 6.52 -0.71
C TRP E 84 -38.46 6.73 -0.35
N GLN E 85 -38.86 6.23 0.82
CA GLN E 85 -40.24 6.36 1.31
C GLN E 85 -40.57 7.83 1.55
N ALA E 86 -39.57 8.61 1.97
CA ALA E 86 -39.78 10.04 2.20
C ALA E 86 -40.05 10.70 0.84
N PHE E 87 -39.32 10.25 -0.18
CA PHE E 87 -39.46 10.77 -1.53
C PHE E 87 -40.87 10.55 -2.10
N GLN E 88 -41.33 9.30 -2.08
CA GLN E 88 -42.66 8.96 -2.61
C GLN E 88 -43.74 9.86 -2.01
N ARG E 89 -43.71 10.06 -0.69
CA ARG E 89 -44.69 10.90 -0.03
C ARG E 89 -44.75 12.27 -0.70
N ALA E 90 -43.62 12.97 -0.73
CA ALA E 90 -43.55 14.30 -1.34
C ALA E 90 -43.80 14.31 -2.84
N ASN E 91 -43.28 13.31 -3.53
CA ASN E 91 -43.45 13.24 -4.97
C ASN E 91 -44.93 13.14 -5.33
N ASP E 92 -45.70 12.40 -4.54
CA ASP E 92 -47.13 12.25 -4.79
C ASP E 92 -47.82 13.59 -4.57
N GLU E 93 -47.37 14.32 -3.54
CA GLU E 93 -47.93 15.63 -3.23
C GLU E 93 -47.58 16.58 -4.37
N ALA E 94 -46.43 16.34 -4.97
CA ALA E 94 -45.95 17.15 -6.09
C ALA E 94 -46.76 16.89 -7.36
N ALA E 95 -47.13 15.64 -7.56
CA ALA E 95 -47.90 15.27 -8.74
C ALA E 95 -49.29 15.87 -8.67
N GLU E 96 -49.81 15.96 -7.45
CA GLU E 96 -51.16 16.51 -7.22
C GLU E 96 -51.22 18.00 -7.55
N MET E 97 -50.06 18.65 -7.61
CA MET E 97 -49.99 20.07 -7.92
C MET E 97 -50.09 20.31 -9.42
N PHE E 98 -50.11 19.23 -10.19
CA PHE E 98 -50.21 19.31 -11.64
C PHE E 98 -51.57 18.77 -12.08
N SER E 99 -51.92 18.96 -13.35
CA SER E 99 -53.22 18.50 -13.84
C SER E 99 -53.17 17.93 -15.25
N GLY E 100 -54.33 17.42 -15.68
CA GLY E 100 -54.46 16.86 -17.01
C GLY E 100 -53.28 16.06 -17.51
N GLU E 101 -52.82 16.40 -18.72
CA GLU E 101 -51.71 15.68 -19.34
C GLU E 101 -50.38 15.92 -18.64
N ARG E 102 -50.14 17.16 -18.19
CA ARG E 102 -48.90 17.46 -17.50
C ARG E 102 -48.70 16.52 -16.32
N GLN E 103 -49.73 16.36 -15.49
CA GLN E 103 -49.64 15.46 -14.33
C GLN E 103 -49.26 14.06 -14.78
N ALA E 104 -49.88 13.60 -15.87
CA ALA E 104 -49.58 12.27 -16.39
C ALA E 104 -48.09 12.20 -16.72
N LYS E 105 -47.62 13.19 -17.48
CA LYS E 105 -46.21 13.23 -17.86
C LYS E 105 -45.33 13.14 -16.62
N TYR E 106 -45.61 14.01 -15.66
CA TYR E 106 -44.87 14.07 -14.40
C TYR E 106 -44.72 12.67 -13.77
N ARG E 107 -45.83 11.94 -13.68
CA ARG E 107 -45.82 10.61 -13.08
C ARG E 107 -45.01 9.58 -13.86
N SER E 108 -44.72 9.89 -15.12
CA SER E 108 -43.96 8.97 -15.96
C SER E 108 -42.45 9.22 -15.89
N LEU E 109 -42.06 10.29 -15.21
CA LEU E 109 -40.63 10.62 -15.09
C LEU E 109 -40.01 9.90 -13.91
N LYS E 110 -38.75 9.49 -14.06
CA LYS E 110 -38.08 8.88 -12.92
C LYS E 110 -37.29 10.05 -12.31
N LEU E 111 -37.64 10.39 -11.07
CA LEU E 111 -37.03 11.53 -10.40
C LEU E 111 -36.02 11.17 -9.32
N GLU E 112 -35.47 9.96 -9.39
CA GLU E 112 -34.48 9.52 -8.41
C GLU E 112 -34.05 8.06 -8.58
N GLY E 113 -33.00 7.68 -7.87
CA GLY E 113 -32.49 6.31 -7.92
C GLY E 113 -31.94 5.98 -6.55
N ILE E 114 -32.68 6.35 -5.51
CA ILE E 114 -32.28 6.12 -4.13
C ILE E 114 -31.98 4.66 -3.79
N ARG E 115 -32.86 3.76 -4.22
CA ARG E 115 -32.67 2.36 -3.93
C ARG E 115 -31.73 1.64 -4.90
N LYS E 116 -31.60 2.17 -6.12
CA LYS E 116 -30.75 1.55 -7.12
C LYS E 116 -29.29 1.97 -6.98
N ALA E 117 -29.07 3.19 -6.51
CA ALA E 117 -27.72 3.71 -6.34
C ALA E 117 -27.04 3.07 -5.15
N PRO E 118 -25.87 2.46 -5.37
CA PRO E 118 -25.09 1.79 -4.32
C PRO E 118 -24.63 2.76 -3.24
N LEU E 119 -24.65 4.05 -3.54
CA LEU E 119 -24.23 5.07 -2.59
C LEU E 119 -25.06 6.34 -2.72
N SER E 120 -25.27 6.99 -1.58
CA SER E 120 -26.00 8.26 -1.54
C SER E 120 -25.27 9.17 -0.56
N ILE E 121 -25.21 10.46 -0.91
CA ILE E 121 -24.55 11.43 -0.05
C ILE E 121 -25.46 12.61 0.27
N CYS E 122 -25.72 12.84 1.55
CA CYS E 122 -26.53 13.97 1.96
C CYS E 122 -25.53 15.06 2.23
N VAL E 123 -25.56 16.10 1.41
CA VAL E 123 -24.63 17.22 1.53
C VAL E 123 -25.31 18.31 2.35
N THR E 124 -24.71 18.65 3.49
CA THR E 124 -25.29 19.66 4.37
C THR E 124 -24.47 20.94 4.47
N CYS E 125 -25.05 21.92 5.14
CA CYS E 125 -24.41 23.22 5.35
C CYS E 125 -24.68 23.65 6.79
N ASP E 126 -23.60 23.93 7.51
CA ASP E 126 -23.69 24.36 8.90
C ASP E 126 -23.81 25.89 8.92
N ARG E 127 -25.03 26.40 9.11
CA ARG E 127 -25.28 27.85 9.09
C ARG E 127 -24.53 28.68 10.15
N THR E 128 -24.12 28.04 11.24
CA THR E 128 -23.43 28.77 12.29
C THR E 128 -21.94 28.47 12.41
N ARG E 129 -21.35 27.84 11.40
CA ARG E 129 -19.92 27.53 11.44
C ARG E 129 -19.10 28.72 10.95
N GLY E 130 -18.06 29.07 11.71
CA GLY E 130 -17.22 30.18 11.31
C GLY E 130 -17.20 31.36 12.27
N GLY E 131 -18.06 31.32 13.29
CA GLY E 131 -18.10 32.41 14.24
C GLY E 131 -19.40 33.19 14.24
N ALA E 132 -19.38 34.36 14.86
CA ALA E 132 -20.57 35.21 14.95
C ALA E 132 -20.85 35.93 13.63
N VAL E 133 -19.79 36.41 13.00
CA VAL E 133 -19.91 37.11 11.72
C VAL E 133 -18.93 36.48 10.74
N VAL E 134 -19.47 36.01 9.60
CA VAL E 134 -18.61 35.40 8.60
C VAL E 134 -18.39 36.37 7.43
N LEU E 135 -17.14 36.40 6.97
CA LEU E 135 -16.72 37.27 5.87
C LEU E 135 -17.54 36.99 4.61
N GLY E 136 -18.15 38.03 4.04
CA GLY E 136 -18.93 37.88 2.83
C GLY E 136 -20.41 37.66 3.05
N ARG E 137 -20.76 36.95 4.12
CA ARG E 137 -22.17 36.67 4.41
C ARG E 137 -22.70 37.70 5.40
N THR E 138 -22.18 38.92 5.28
CA THR E 138 -22.60 40.04 6.14
C THR E 138 -23.80 40.77 5.55
N HIS E 139 -24.03 40.58 4.26
CA HIS E 139 -25.14 41.22 3.57
C HIS E 139 -26.11 40.25 2.88
N ASN E 140 -25.69 39.00 2.72
CA ASN E 140 -26.56 37.98 2.13
C ASN E 140 -26.30 36.68 2.87
N PRO E 141 -27.22 36.31 3.78
CA PRO E 141 -27.11 35.09 4.59
C PRO E 141 -27.04 33.79 3.79
N GLN E 142 -27.58 33.80 2.57
CA GLN E 142 -27.58 32.59 1.73
C GLN E 142 -26.24 32.21 1.09
N MET E 143 -25.22 33.04 1.25
CA MET E 143 -23.93 32.74 0.64
C MET E 143 -23.23 31.48 1.15
N ASP E 144 -23.63 31.00 2.33
CA ASP E 144 -22.99 29.79 2.85
C ASP E 144 -23.59 28.57 2.15
N LEU E 145 -24.88 28.65 1.84
CA LEU E 145 -25.58 27.57 1.15
C LEU E 145 -25.07 27.48 -0.28
N TYR E 146 -24.88 28.62 -0.93
CA TYR E 146 -24.38 28.66 -2.30
C TYR E 146 -22.97 28.08 -2.32
N SER E 147 -22.20 28.37 -1.26
CA SER E 147 -20.83 27.86 -1.14
C SER E 147 -20.89 26.34 -1.18
N THR E 148 -21.93 25.78 -0.60
CA THR E 148 -22.09 24.34 -0.57
C THR E 148 -22.43 23.79 -1.95
N VAL E 149 -23.28 24.51 -2.68
CA VAL E 149 -23.69 24.06 -4.01
C VAL E 149 -22.50 23.95 -4.96
N CYS E 150 -21.50 24.83 -4.77
CA CYS E 150 -20.31 24.81 -5.61
C CYS E 150 -19.56 23.51 -5.37
N ALA E 151 -19.69 22.98 -4.16
CA ALA E 151 -19.04 21.74 -3.79
C ALA E 151 -19.78 20.58 -4.44
N VAL E 152 -21.11 20.67 -4.48
CA VAL E 152 -21.91 19.63 -5.11
C VAL E 152 -21.51 19.54 -6.57
N GLN E 153 -21.46 20.68 -7.25
CA GLN E 153 -21.11 20.73 -8.67
C GLN E 153 -19.70 20.21 -8.99
N ASN E 154 -18.73 20.47 -8.11
CA ASN E 154 -17.38 19.97 -8.35
C ASN E 154 -17.41 18.45 -8.27
N LEU E 155 -18.16 17.92 -7.30
CA LEU E 155 -18.31 16.49 -7.10
C LEU E 155 -18.98 15.91 -8.33
N TRP E 156 -19.95 16.64 -8.87
CA TRP E 156 -20.70 16.20 -10.05
C TRP E 156 -19.78 16.00 -11.25
N LEU E 157 -19.00 17.02 -11.57
CA LEU E 157 -18.09 16.96 -12.71
C LEU E 157 -17.01 15.90 -12.53
N ALA E 158 -16.35 15.87 -11.38
CA ALA E 158 -15.31 14.87 -11.12
C ALA E 158 -15.90 13.48 -11.31
N ALA E 159 -17.11 13.29 -10.82
CA ALA E 159 -17.78 11.99 -10.94
C ALA E 159 -17.83 11.58 -12.41
N ARG E 160 -18.29 12.49 -13.27
CA ARG E 160 -18.39 12.21 -14.69
C ARG E 160 -17.04 11.76 -15.24
N ALA E 161 -15.97 12.39 -14.77
CA ALA E 161 -14.63 12.02 -15.22
C ALA E 161 -14.30 10.59 -14.76
N GLU E 162 -14.80 10.23 -13.58
CA GLU E 162 -14.57 8.91 -12.99
C GLU E 162 -15.56 7.86 -13.53
N GLY E 163 -16.44 8.27 -14.44
CA GLY E 163 -17.40 7.32 -14.97
C GLY E 163 -18.51 7.05 -13.96
N VAL E 164 -18.66 7.97 -13.01
CA VAL E 164 -19.66 7.86 -11.98
C VAL E 164 -20.84 8.79 -12.27
N GLY E 165 -22.04 8.24 -12.20
CA GLY E 165 -23.23 9.03 -12.45
C GLY E 165 -23.74 9.58 -11.14
N VAL E 166 -24.26 10.81 -11.19
CA VAL E 166 -24.79 11.46 -10.01
C VAL E 166 -26.16 12.07 -10.30
N GLY E 167 -27.09 11.86 -9.38
CA GLY E 167 -28.42 12.42 -9.54
C GLY E 167 -28.73 13.23 -8.31
N TRP E 168 -29.29 14.42 -8.50
CA TRP E 168 -29.64 15.26 -7.37
C TRP E 168 -31.10 14.99 -7.08
N VAL E 169 -31.46 14.80 -5.82
CA VAL E 169 -32.85 14.56 -5.45
C VAL E 169 -33.28 15.62 -4.45
N SER E 170 -34.22 16.48 -4.83
CA SER E 170 -34.70 17.55 -3.97
C SER E 170 -36.19 17.47 -3.67
N ILE E 171 -36.81 16.35 -4.06
CA ILE E 171 -38.24 16.18 -3.86
C ILE E 171 -38.56 15.41 -2.57
N PHE E 172 -38.77 16.16 -1.48
CA PHE E 172 -39.11 15.60 -0.18
C PHE E 172 -39.17 16.67 0.90
N HIS E 173 -39.78 16.34 2.04
CA HIS E 173 -39.87 17.28 3.14
C HIS E 173 -38.53 17.19 3.88
N GLU E 174 -37.76 18.27 3.86
CA GLU E 174 -36.45 18.29 4.51
C GLU E 174 -36.45 17.86 5.96
N SER E 175 -37.49 18.24 6.71
CA SER E 175 -37.55 17.86 8.12
C SER E 175 -37.53 16.35 8.31
N GLU E 176 -38.11 15.62 7.37
CA GLU E 176 -38.14 14.17 7.44
C GLU E 176 -36.77 13.54 7.24
N ILE E 177 -35.99 14.08 6.30
CA ILE E 177 -34.67 13.51 6.03
C ILE E 177 -33.69 13.80 7.18
N LYS E 178 -33.91 14.92 7.87
CA LYS E 178 -33.03 15.26 8.99
C LYS E 178 -33.32 14.30 10.14
N ALA E 179 -34.60 14.04 10.37
CA ALA E 179 -34.99 13.12 11.44
C ALA E 179 -34.34 11.76 11.19
N ILE E 180 -34.34 11.32 9.94
CA ILE E 180 -33.75 10.04 9.58
C ILE E 180 -32.24 10.02 9.81
N LEU E 181 -31.56 11.10 9.45
CA LEU E 181 -30.12 11.17 9.62
C LEU E 181 -29.65 11.78 10.95
N GLY E 182 -30.59 12.27 11.74
CA GLY E 182 -30.24 12.86 13.01
C GLY E 182 -29.45 14.14 12.87
N ILE E 183 -29.82 14.95 11.87
CA ILE E 183 -29.16 16.22 11.59
C ILE E 183 -29.73 17.34 12.47
N PRO E 184 -28.84 18.13 13.12
CA PRO E 184 -29.17 19.26 14.02
C PRO E 184 -30.00 20.38 13.39
N ASP E 185 -30.44 21.30 14.22
CA ASP E 185 -31.26 22.42 13.77
C ASP E 185 -30.43 23.50 13.07
N HIS E 186 -29.18 23.66 13.48
CA HIS E 186 -28.33 24.69 12.90
C HIS E 186 -27.64 24.24 11.61
N VAL E 187 -27.97 23.03 11.15
CA VAL E 187 -27.40 22.50 9.92
C VAL E 187 -28.54 22.29 8.94
N GLU E 188 -28.35 22.70 7.69
CA GLU E 188 -29.38 22.54 6.68
C GLU E 188 -28.98 21.63 5.52
N ILE E 189 -29.94 20.86 5.03
CA ILE E 189 -29.69 19.95 3.90
C ILE E 189 -29.74 20.76 2.61
N VAL E 190 -28.68 20.69 1.82
CA VAL E 190 -28.62 21.42 0.56
C VAL E 190 -28.89 20.50 -0.63
N ALA E 191 -28.43 19.25 -0.53
CA ALA E 191 -28.64 18.30 -1.61
C ALA E 191 -28.52 16.84 -1.17
N TRP E 192 -29.29 15.98 -1.85
CA TRP E 192 -29.23 14.54 -1.61
C TRP E 192 -28.73 13.99 -2.93
N LEU E 193 -27.58 13.35 -2.92
CA LEU E 193 -27.03 12.80 -4.16
C LEU E 193 -27.02 11.29 -4.21
N CYS E 194 -27.38 10.76 -5.39
CA CYS E 194 -27.37 9.33 -5.66
C CYS E 194 -26.16 9.13 -6.56
N LEU E 195 -25.28 8.21 -6.20
CA LEU E 195 -24.08 7.96 -6.99
C LEU E 195 -23.99 6.50 -7.42
N GLY E 196 -23.20 6.26 -8.45
CA GLY E 196 -23.04 4.91 -8.96
C GLY E 196 -22.55 4.93 -10.39
N PHE E 197 -21.70 3.97 -10.75
CA PHE E 197 -21.16 3.89 -12.10
C PHE E 197 -22.29 3.79 -13.13
N VAL E 198 -21.95 4.05 -14.39
CA VAL E 198 -22.89 3.93 -15.48
C VAL E 198 -22.12 3.62 -16.77
N ASP E 199 -22.75 2.87 -17.67
CA ASP E 199 -22.13 2.52 -18.94
C ASP E 199 -22.75 3.35 -20.06
N ARG E 200 -23.80 4.08 -19.72
CA ARG E 200 -24.47 4.90 -20.72
C ARG E 200 -25.20 6.11 -20.15
N LEU E 201 -25.18 7.20 -20.90
CA LEU E 201 -25.81 8.45 -20.49
C LEU E 201 -26.57 9.04 -21.68
N TYR E 202 -27.64 9.78 -21.39
CA TYR E 202 -28.41 10.42 -22.46
C TYR E 202 -27.45 11.43 -23.08
N GLN E 203 -27.63 11.75 -24.36
CA GLN E 203 -26.75 12.71 -25.02
C GLN E 203 -27.19 14.16 -24.83
N GLU E 204 -28.37 14.31 -24.24
CA GLU E 204 -28.95 15.61 -23.96
C GLU E 204 -29.76 15.41 -22.71
N PRO E 205 -30.20 16.49 -22.07
CA PRO E 205 -31.01 16.41 -20.85
C PRO E 205 -32.18 15.46 -21.02
N GLU E 206 -32.29 14.50 -20.11
CA GLU E 206 -33.36 13.52 -20.18
C GLU E 206 -34.71 14.21 -20.24
N LEU E 207 -34.87 15.28 -19.46
CA LEU E 207 -36.12 16.01 -19.44
C LEU E 207 -36.49 16.61 -20.79
N ALA E 208 -35.48 16.95 -21.60
CA ALA E 208 -35.75 17.51 -22.92
C ALA E 208 -36.20 16.37 -23.84
N ALA E 209 -35.50 15.25 -23.77
CA ALA E 209 -35.85 14.10 -24.60
C ALA E 209 -37.27 13.61 -24.30
N LYS E 210 -37.68 13.70 -23.05
CA LYS E 210 -39.02 13.26 -22.68
C LYS E 210 -40.05 14.38 -22.80
N GLY E 211 -39.68 15.45 -23.48
CA GLY E 211 -40.57 16.57 -23.69
C GLY E 211 -41.13 17.32 -22.49
N TRP E 212 -40.37 17.44 -21.40
CA TRP E 212 -40.86 18.18 -20.25
C TRP E 212 -40.55 19.65 -20.50
N ARG E 213 -39.29 19.93 -20.84
CA ARG E 213 -38.83 21.29 -21.15
C ARG E 213 -37.67 21.18 -22.13
N GLN E 214 -37.58 22.13 -23.05
CA GLN E 214 -36.48 22.12 -24.00
C GLN E 214 -35.39 23.08 -23.55
N ARG E 215 -34.23 22.95 -24.16
CA ARG E 215 -33.09 23.81 -23.88
C ARG E 215 -33.51 25.23 -24.29
N LEU E 216 -33.29 26.21 -23.42
CA LEU E 216 -33.62 27.59 -23.75
C LEU E 216 -32.49 28.22 -24.57
N PRO E 217 -32.85 29.09 -25.52
CA PRO E 217 -31.86 29.76 -26.36
C PRO E 217 -31.03 30.66 -25.44
N LEU E 218 -29.71 30.47 -25.43
CA LEU E 218 -28.86 31.27 -24.55
C LEU E 218 -28.83 32.75 -24.91
N GLU E 219 -28.99 33.07 -26.19
CA GLU E 219 -28.96 34.46 -26.60
C GLU E 219 -30.02 35.29 -25.88
N ASP E 220 -31.13 34.64 -25.52
CA ASP E 220 -32.22 35.32 -24.83
C ASP E 220 -31.88 35.68 -23.38
N LEU E 221 -30.93 34.96 -22.80
CA LEU E 221 -30.55 35.17 -21.41
C LEU E 221 -29.34 36.06 -21.15
N VAL E 222 -28.73 36.58 -22.22
CA VAL E 222 -27.55 37.42 -22.07
C VAL E 222 -27.84 38.88 -22.35
N PHE E 223 -27.56 39.74 -21.37
CA PHE E 223 -27.79 41.18 -21.50
C PHE E 223 -26.48 41.97 -21.47
N GLU E 224 -26.50 43.16 -22.08
CA GLU E 224 -25.35 44.07 -22.13
C GLU E 224 -25.59 45.28 -21.23
N GLU E 225 -24.73 45.45 -20.23
CA GLU E 225 -24.79 46.55 -19.27
C GLU E 225 -26.07 46.63 -18.44
N GLY E 226 -27.23 46.50 -19.07
CA GLY E 226 -28.46 46.57 -18.33
C GLY E 226 -29.43 45.45 -18.64
N TRP E 227 -30.35 45.22 -17.71
CA TRP E 227 -31.37 44.19 -17.86
C TRP E 227 -32.38 44.57 -18.93
N GLY E 228 -32.47 43.77 -19.99
CA GLY E 228 -33.40 44.05 -21.05
C GLY E 228 -32.75 44.72 -22.24
N VAL E 229 -31.44 44.90 -22.17
CA VAL E 229 -30.72 45.53 -23.26
C VAL E 229 -29.83 44.49 -23.92
N ARG E 230 -29.85 44.44 -25.24
CA ARG E 230 -29.06 43.48 -25.99
C ARG E 230 -27.80 44.12 -26.54
N LEU F 12 -29.88 8.03 -25.30
CA LEU F 12 -28.93 7.19 -24.50
C LEU F 12 -27.91 6.53 -25.41
N THR F 13 -26.66 6.49 -24.97
CA THR F 13 -25.60 5.87 -25.76
C THR F 13 -24.45 5.45 -24.85
N ALA F 14 -23.55 4.63 -25.38
CA ALA F 14 -22.41 4.17 -24.58
C ALA F 14 -21.73 5.39 -23.97
N ALA F 15 -21.48 5.34 -22.67
CA ALA F 15 -20.85 6.45 -21.98
C ALA F 15 -19.36 6.52 -22.27
N GLY F 16 -18.94 7.61 -22.91
CA GLY F 16 -17.52 7.77 -23.22
C GLY F 16 -16.75 7.76 -21.91
N ALA F 17 -15.54 7.20 -21.93
CA ALA F 17 -14.71 7.14 -20.72
C ALA F 17 -13.60 8.17 -20.75
N PHE F 18 -13.34 8.76 -19.60
CA PHE F 18 -12.28 9.76 -19.48
C PHE F 18 -10.95 9.09 -19.19
N SER F 19 -10.00 9.25 -20.11
CA SER F 19 -8.68 8.66 -19.94
C SER F 19 -8.03 9.24 -18.71
N SER F 20 -6.88 8.68 -18.33
CA SER F 20 -6.14 9.13 -17.18
C SER F 20 -5.74 10.60 -17.36
N ASP F 21 -5.41 10.97 -18.60
CA ASP F 21 -5.02 12.34 -18.91
C ASP F 21 -6.23 13.27 -18.80
N GLU F 22 -7.34 12.88 -19.42
CA GLU F 22 -8.56 13.67 -19.39
C GLU F 22 -9.02 13.90 -17.95
N ARG F 23 -8.93 12.83 -17.15
CA ARG F 23 -9.33 12.88 -15.76
C ARG F 23 -8.49 13.86 -14.94
N ALA F 24 -7.19 13.87 -15.18
CA ALA F 24 -6.29 14.78 -14.44
C ALA F 24 -6.53 16.25 -14.85
N ALA F 25 -7.12 16.45 -16.02
CA ALA F 25 -7.40 17.80 -16.49
C ALA F 25 -8.56 18.37 -15.71
N VAL F 26 -9.58 17.54 -15.49
CA VAL F 26 -10.76 17.97 -14.73
C VAL F 26 -10.40 18.28 -13.28
N TYR F 27 -9.52 17.48 -12.70
CA TYR F 27 -9.10 17.69 -11.33
C TYR F 27 -8.17 18.89 -11.23
N ARG F 28 -7.37 19.12 -12.26
CA ARG F 28 -6.47 20.25 -12.23
C ARG F 28 -7.26 21.55 -12.16
N ALA F 29 -8.37 21.60 -12.90
CA ALA F 29 -9.22 22.79 -12.92
C ALA F 29 -9.84 23.00 -11.56
N ILE F 30 -10.40 21.92 -11.00
CA ILE F 30 -11.06 21.95 -9.70
C ILE F 30 -10.11 22.37 -8.58
N GLU F 31 -8.90 21.81 -8.60
CA GLU F 31 -7.91 22.07 -7.56
C GLU F 31 -7.08 23.34 -7.71
N THR F 32 -7.01 23.90 -8.91
CA THR F 32 -6.21 25.12 -9.10
C THR F 32 -6.99 26.42 -9.27
N ARG F 33 -8.27 26.34 -9.59
CA ARG F 33 -9.04 27.59 -9.75
C ARG F 33 -8.95 28.36 -8.43
N ARG F 34 -8.92 29.68 -8.54
CA ARG F 34 -8.84 30.53 -7.35
C ARG F 34 -9.81 31.69 -7.48
N ASP F 35 -10.27 32.20 -6.35
CA ASP F 35 -11.14 33.35 -6.39
C ASP F 35 -10.16 34.52 -6.55
N VAL F 36 -10.12 35.11 -7.73
CA VAL F 36 -9.21 36.22 -8.00
C VAL F 36 -9.79 37.59 -7.65
N ARG F 37 -8.95 38.47 -7.11
CA ARG F 37 -9.35 39.82 -6.73
C ARG F 37 -8.41 40.90 -7.27
N ASP F 38 -7.10 40.69 -7.09
CA ASP F 38 -6.12 41.68 -7.48
C ASP F 38 -5.09 41.33 -8.55
N GLU F 39 -5.32 40.26 -9.32
CA GLU F 39 -4.37 39.91 -10.36
C GLU F 39 -4.92 40.00 -11.78
N PHE F 40 -6.13 40.52 -11.92
CA PHE F 40 -6.73 40.66 -13.24
C PHE F 40 -5.84 41.49 -14.17
N LEU F 41 -5.81 41.12 -15.44
CA LEU F 41 -5.02 41.85 -16.43
C LEU F 41 -6.02 42.74 -17.15
N PRO F 42 -5.56 43.88 -17.68
CA PRO F 42 -6.49 44.78 -18.39
C PRO F 42 -6.91 44.39 -19.80
N GLU F 43 -6.33 43.34 -20.35
CA GLU F 43 -6.66 42.92 -21.72
C GLU F 43 -8.07 42.31 -21.78
N PRO F 44 -8.97 42.93 -22.57
CA PRO F 44 -10.35 42.48 -22.73
C PRO F 44 -10.46 41.04 -23.26
N LEU F 45 -11.59 40.41 -22.98
CA LEU F 45 -11.85 39.04 -23.41
C LEU F 45 -12.46 39.07 -24.81
N SER F 46 -12.06 38.11 -25.64
CA SER F 46 -12.60 38.03 -26.99
C SER F 46 -14.06 37.65 -26.88
N GLU F 47 -14.85 38.06 -27.87
CA GLU F 47 -16.28 37.76 -27.87
C GLU F 47 -16.51 36.25 -27.97
N GLU F 48 -15.52 35.55 -28.51
CA GLU F 48 -15.61 34.10 -28.69
C GLU F 48 -15.30 33.35 -27.39
N LEU F 49 -14.44 33.94 -26.57
CA LEU F 49 -14.06 33.36 -25.28
C LEU F 49 -15.22 33.50 -24.31
N ILE F 50 -15.93 34.62 -24.40
CA ILE F 50 -17.07 34.89 -23.53
C ILE F 50 -18.18 33.92 -23.89
N ALA F 51 -18.41 33.73 -25.18
CA ALA F 51 -19.45 32.81 -25.62
C ALA F 51 -19.16 31.43 -25.01
N ARG F 52 -17.89 31.03 -24.99
CA ARG F 52 -17.52 29.72 -24.43
C ARG F 52 -17.85 29.59 -22.96
N LEU F 53 -17.47 30.60 -22.18
CA LEU F 53 -17.72 30.61 -20.75
C LEU F 53 -19.22 30.61 -20.50
N LEU F 54 -19.96 31.40 -21.26
CA LEU F 54 -21.40 31.46 -21.09
C LEU F 54 -22.00 30.11 -21.46
N GLY F 55 -21.49 29.52 -22.54
CA GLY F 55 -21.99 28.23 -22.96
C GLY F 55 -21.83 27.18 -21.88
N ALA F 56 -20.63 27.09 -21.32
CA ALA F 56 -20.34 26.13 -20.27
C ALA F 56 -21.32 26.29 -19.10
N ALA F 57 -21.62 27.54 -18.73
CA ALA F 57 -22.54 27.81 -17.64
C ALA F 57 -23.96 27.41 -17.98
N HIS F 58 -24.33 27.56 -19.26
CA HIS F 58 -25.66 27.19 -19.73
C HIS F 58 -25.82 25.67 -19.77
N GLN F 59 -24.69 24.94 -19.70
CA GLN F 59 -24.69 23.48 -19.70
C GLN F 59 -24.79 22.94 -18.28
N ALA F 60 -25.02 23.84 -17.33
CA ALA F 60 -25.13 23.44 -15.94
C ALA F 60 -26.48 22.83 -15.69
N PRO F 61 -26.60 21.97 -14.67
CA PRO F 61 -27.87 21.34 -14.36
C PRO F 61 -28.79 22.41 -13.78
N SER F 62 -30.09 22.12 -13.68
CA SER F 62 -31.03 23.07 -13.11
C SER F 62 -32.33 22.36 -12.79
N VAL F 63 -32.86 22.61 -11.60
CA VAL F 63 -34.10 21.96 -11.16
C VAL F 63 -35.19 22.05 -12.22
N GLY F 64 -35.85 20.92 -12.49
CA GLY F 64 -36.91 20.87 -13.49
C GLY F 64 -36.46 21.48 -14.81
N PHE F 65 -35.17 21.36 -15.08
CA PHE F 65 -34.57 21.92 -16.29
C PHE F 65 -35.11 23.32 -16.52
N MET F 66 -35.33 24.01 -15.41
CA MET F 66 -35.85 25.39 -15.35
C MET F 66 -34.93 26.41 -16.03
N GLN F 67 -33.62 26.24 -15.91
CA GLN F 67 -32.68 27.18 -16.53
C GLN F 67 -33.06 28.62 -16.12
N PRO F 68 -33.10 28.89 -14.81
CA PRO F 68 -33.45 30.18 -14.21
C PRO F 68 -32.47 31.34 -14.37
N TRP F 69 -31.30 31.06 -14.90
CA TRP F 69 -30.26 32.07 -15.04
C TRP F 69 -30.31 33.09 -16.17
N ASN F 70 -29.68 34.23 -15.91
CA ASN F 70 -29.53 35.32 -16.86
C ASN F 70 -28.11 35.82 -16.63
N PHE F 71 -27.56 36.51 -17.61
CA PHE F 71 -26.21 37.03 -17.50
C PHE F 71 -26.20 38.46 -18.03
N VAL F 72 -25.84 39.40 -17.16
CA VAL F 72 -25.77 40.82 -17.52
C VAL F 72 -24.29 41.14 -17.61
N LEU F 73 -23.78 41.39 -18.82
CA LEU F 73 -22.37 41.69 -18.99
C LEU F 73 -22.06 43.17 -18.75
N VAL F 74 -21.16 43.43 -17.80
CA VAL F 74 -20.75 44.79 -17.47
C VAL F 74 -19.34 45.08 -18.01
N ARG F 75 -19.23 46.12 -18.84
CA ARG F 75 -17.95 46.48 -19.44
C ARG F 75 -17.72 47.98 -19.49
N GLN F 76 -18.60 48.74 -18.84
CA GLN F 76 -18.47 50.19 -18.82
C GLN F 76 -17.93 50.69 -17.48
N ASP F 77 -17.09 51.73 -17.53
CA ASP F 77 -16.52 52.28 -16.32
C ASP F 77 -17.56 52.89 -15.40
N GLU F 78 -18.47 53.68 -15.98
CA GLU F 78 -19.51 54.32 -15.18
C GLU F 78 -20.28 53.31 -14.35
N THR F 79 -20.53 52.14 -14.92
CA THR F 79 -21.25 51.09 -14.21
C THR F 79 -20.37 50.52 -13.10
N ARG F 80 -19.11 50.23 -13.43
CA ARG F 80 -18.19 49.68 -12.46
C ARG F 80 -17.86 50.66 -11.35
N GLU F 81 -17.90 51.94 -11.68
CA GLU F 81 -17.64 52.99 -10.71
C GLU F 81 -18.76 52.95 -9.69
N LYS F 82 -20.00 52.88 -10.18
CA LYS F 82 -21.15 52.83 -9.29
C LYS F 82 -21.12 51.55 -8.47
N VAL F 83 -20.98 50.41 -9.15
CA VAL F 83 -20.96 49.12 -8.45
C VAL F 83 -19.88 49.10 -7.36
N TRP F 84 -18.70 49.64 -7.65
CA TRP F 84 -17.64 49.66 -6.66
C TRP F 84 -18.06 50.49 -5.45
N GLN F 85 -18.78 51.58 -5.71
CA GLN F 85 -19.25 52.45 -4.63
C GLN F 85 -20.26 51.72 -3.76
N ALA F 86 -21.07 50.87 -4.37
CA ALA F 86 -22.06 50.09 -3.64
C ALA F 86 -21.25 49.13 -2.76
N PHE F 87 -20.13 48.66 -3.31
CA PHE F 87 -19.27 47.74 -2.57
C PHE F 87 -18.69 48.42 -1.34
N GLN F 88 -18.12 49.62 -1.53
CA GLN F 88 -17.53 50.37 -0.43
C GLN F 88 -18.51 50.62 0.70
N ARG F 89 -19.75 50.97 0.36
CA ARG F 89 -20.76 51.19 1.39
C ARG F 89 -20.78 49.94 2.25
N ALA F 90 -21.20 48.84 1.65
CA ALA F 90 -21.31 47.55 2.31
C ALA F 90 -20.05 47.13 3.09
N ASN F 91 -18.88 47.29 2.48
CA ASN F 91 -17.65 46.89 3.16
C ASN F 91 -17.37 47.67 4.46
N ASP F 92 -17.61 48.98 4.46
CA ASP F 92 -17.36 49.78 5.67
C ASP F 92 -18.22 49.36 6.86
N GLU F 93 -19.43 48.91 6.61
CA GLU F 93 -20.30 48.49 7.69
C GLU F 93 -19.97 47.07 8.12
N ALA F 94 -19.45 46.26 7.19
CA ALA F 94 -19.09 44.89 7.51
C ALA F 94 -17.86 44.90 8.43
N ALA F 95 -16.86 45.68 8.05
CA ALA F 95 -15.64 45.80 8.85
C ALA F 95 -16.02 46.32 10.23
N GLU F 96 -17.16 46.99 10.29
CA GLU F 96 -17.67 47.55 11.54
C GLU F 96 -18.25 46.46 12.44
N MET F 97 -18.50 45.29 11.86
CA MET F 97 -19.04 44.17 12.63
C MET F 97 -17.92 43.35 13.26
N PHE F 98 -16.68 43.74 12.97
CA PHE F 98 -15.50 43.07 13.52
C PHE F 98 -14.84 44.05 14.48
N SER F 99 -14.27 43.52 15.55
CA SER F 99 -13.65 44.39 16.56
C SER F 99 -12.20 44.05 16.88
N GLY F 100 -11.48 45.04 17.41
CA GLY F 100 -10.09 44.86 17.78
C GLY F 100 -9.15 44.42 16.68
N GLU F 101 -8.34 43.41 17.00
CA GLU F 101 -7.35 42.86 16.06
C GLU F 101 -7.93 42.41 14.73
N ARG F 102 -8.99 41.61 14.77
CA ARG F 102 -9.62 41.09 13.56
C ARG F 102 -10.25 42.21 12.72
N GLN F 103 -10.56 43.35 13.32
CA GLN F 103 -11.14 44.43 12.56
C GLN F 103 -10.12 44.91 11.53
N ALA F 104 -8.90 45.14 12.00
CA ALA F 104 -7.81 45.61 11.15
C ALA F 104 -7.48 44.61 10.05
N LYS F 105 -7.33 43.35 10.43
CA LYS F 105 -7.02 42.29 9.48
C LYS F 105 -8.03 42.30 8.33
N TYR F 106 -9.31 42.40 8.67
CA TYR F 106 -10.38 42.43 7.69
C TYR F 106 -10.27 43.66 6.79
N ARG F 107 -9.75 44.72 7.37
CA ARG F 107 -9.61 46.00 6.67
C ARG F 107 -8.39 46.00 5.73
N SER F 108 -7.57 44.97 5.82
CA SER F 108 -6.38 44.85 4.97
C SER F 108 -6.61 43.82 3.86
N LEU F 109 -7.80 43.22 3.85
CA LEU F 109 -8.16 42.22 2.86
C LEU F 109 -8.66 42.81 1.55
N LYS F 110 -8.33 42.17 0.45
CA LYS F 110 -8.79 42.62 -0.86
C LYS F 110 -9.97 41.71 -1.18
N LEU F 111 -11.18 42.26 -1.13
CA LEU F 111 -12.37 41.47 -1.36
C LEU F 111 -13.09 41.77 -2.67
N GLU F 112 -12.37 42.32 -3.65
CA GLU F 112 -12.98 42.64 -4.93
C GLU F 112 -12.02 43.19 -5.97
N GLY F 113 -12.39 43.06 -7.23
CA GLY F 113 -11.59 43.58 -8.33
C GLY F 113 -12.50 44.29 -9.32
N ILE F 114 -13.62 44.78 -8.81
CA ILE F 114 -14.61 45.47 -9.62
C ILE F 114 -14.08 46.45 -10.67
N ARG F 115 -13.08 47.24 -10.30
CA ARG F 115 -12.53 48.24 -11.21
C ARG F 115 -11.33 47.81 -12.05
N LYS F 116 -10.70 46.69 -11.68
CA LYS F 116 -9.54 46.17 -12.40
C LYS F 116 -9.92 45.19 -13.51
N ALA F 117 -10.93 44.37 -13.24
CA ALA F 117 -11.38 43.38 -14.20
C ALA F 117 -12.00 44.02 -15.43
N PRO F 118 -11.47 43.71 -16.61
CA PRO F 118 -11.97 44.27 -17.88
C PRO F 118 -13.39 43.78 -18.20
N LEU F 119 -13.83 42.77 -17.45
CA LEU F 119 -15.17 42.22 -17.63
C LEU F 119 -15.79 41.83 -16.31
N SER F 120 -17.09 42.05 -16.21
CA SER F 120 -17.87 41.69 -15.04
C SER F 120 -19.17 41.09 -15.53
N ILE F 121 -19.74 40.19 -14.73
CA ILE F 121 -21.00 39.54 -15.09
C ILE F 121 -21.90 39.40 -13.86
N CYS F 122 -23.13 39.91 -13.95
CA CYS F 122 -24.05 39.77 -12.85
C CYS F 122 -24.95 38.58 -13.18
N VAL F 123 -24.82 37.53 -12.39
CA VAL F 123 -25.58 36.30 -12.60
C VAL F 123 -26.87 36.31 -11.78
N THR F 124 -28.01 36.27 -12.48
CA THR F 124 -29.30 36.31 -11.82
C THR F 124 -30.10 35.02 -11.89
N CYS F 125 -31.15 34.96 -11.08
CA CYS F 125 -32.03 33.81 -11.02
C CYS F 125 -33.48 34.29 -11.08
N ASP F 126 -34.15 34.02 -12.20
CA ASP F 126 -35.54 34.42 -12.39
C ASP F 126 -36.39 33.48 -11.54
N ARG F 127 -36.92 33.98 -10.42
CA ARG F 127 -37.74 33.13 -9.54
C ARG F 127 -39.07 32.66 -10.16
N THR F 128 -39.54 33.34 -11.22
CA THR F 128 -40.81 32.97 -11.84
C THR F 128 -40.73 32.22 -13.17
N ARG F 129 -39.53 31.88 -13.61
CA ARG F 129 -39.37 31.14 -14.86
C ARG F 129 -39.81 29.70 -14.57
N GLY F 130 -40.36 29.03 -15.59
CA GLY F 130 -40.81 27.66 -15.42
C GLY F 130 -42.31 27.53 -15.21
N GLY F 131 -43.00 28.66 -15.04
CA GLY F 131 -44.44 28.61 -14.84
C GLY F 131 -44.90 28.68 -13.39
N ALA F 132 -46.18 28.42 -13.16
CA ALA F 132 -46.77 28.47 -11.82
C ALA F 132 -46.10 27.49 -10.87
N VAL F 133 -45.92 26.26 -11.33
CA VAL F 133 -45.29 25.20 -10.54
C VAL F 133 -44.17 24.54 -11.34
N VAL F 134 -42.97 24.54 -10.77
CA VAL F 134 -41.81 23.96 -11.41
C VAL F 134 -41.29 22.69 -10.74
N LEU F 135 -41.19 21.63 -11.55
CA LEU F 135 -40.71 20.33 -11.11
C LEU F 135 -39.51 20.50 -10.16
N GLY F 136 -39.44 19.65 -9.14
CA GLY F 136 -38.33 19.69 -8.20
C GLY F 136 -38.27 20.86 -7.23
N ARG F 137 -39.07 21.90 -7.46
CA ARG F 137 -39.07 23.06 -6.56
C ARG F 137 -40.37 23.07 -5.75
N THR F 138 -41.09 21.95 -5.80
CA THR F 138 -42.37 21.83 -5.09
C THR F 138 -42.24 21.73 -3.58
N HIS F 139 -41.05 21.41 -3.08
CA HIS F 139 -40.85 21.31 -1.64
C HIS F 139 -39.75 22.20 -1.09
N ASN F 140 -38.70 22.43 -1.87
CA ASN F 140 -37.64 23.34 -1.44
C ASN F 140 -37.51 24.36 -2.57
N PRO F 141 -38.17 25.52 -2.43
CA PRO F 141 -38.14 26.60 -3.42
C PRO F 141 -36.77 27.21 -3.67
N GLN F 142 -35.80 26.82 -2.85
CA GLN F 142 -34.44 27.35 -2.98
C GLN F 142 -33.64 26.66 -4.07
N MET F 143 -34.21 25.63 -4.68
CA MET F 143 -33.52 24.86 -5.72
C MET F 143 -33.14 25.67 -6.95
N ASP F 144 -33.99 26.59 -7.37
CA ASP F 144 -33.68 27.39 -8.55
C ASP F 144 -32.43 28.25 -8.30
N LEU F 145 -32.37 28.88 -7.14
CA LEU F 145 -31.21 29.70 -6.78
C LEU F 145 -29.95 28.81 -6.80
N TYR F 146 -30.10 27.57 -6.32
CA TYR F 146 -28.98 26.64 -6.28
C TYR F 146 -28.49 26.28 -7.68
N SER F 147 -29.45 26.04 -8.56
CA SER F 147 -29.14 25.69 -9.95
C SER F 147 -28.25 26.80 -10.51
N THR F 148 -28.66 28.04 -10.27
CA THR F 148 -27.90 29.19 -10.75
C THR F 148 -26.46 29.12 -10.31
N VAL F 149 -26.24 28.62 -9.09
CA VAL F 149 -24.87 28.51 -8.58
C VAL F 149 -24.08 27.46 -9.35
N CYS F 150 -24.76 26.40 -9.80
CA CYS F 150 -24.08 25.35 -10.57
C CYS F 150 -23.59 25.97 -11.88
N ALA F 151 -24.31 26.98 -12.36
CA ALA F 151 -23.93 27.66 -13.60
C ALA F 151 -22.67 28.49 -13.33
N VAL F 152 -22.68 29.18 -12.20
CA VAL F 152 -21.54 29.99 -11.80
C VAL F 152 -20.28 29.14 -11.69
N GLN F 153 -20.40 28.01 -10.98
CA GLN F 153 -19.24 27.13 -10.78
C GLN F 153 -18.72 26.60 -12.11
N ASN F 154 -19.63 26.23 -13.00
CA ASN F 154 -19.22 25.72 -14.31
C ASN F 154 -18.37 26.77 -15.00
N LEU F 155 -18.81 28.02 -14.94
CA LEU F 155 -18.09 29.13 -15.58
C LEU F 155 -16.72 29.32 -14.94
N TRP F 156 -16.70 29.26 -13.61
CA TRP F 156 -15.46 29.43 -12.84
C TRP F 156 -14.41 28.43 -13.30
N LEU F 157 -14.79 27.16 -13.31
CA LEU F 157 -13.90 26.08 -13.71
C LEU F 157 -13.45 26.23 -15.16
N ALA F 158 -14.40 26.49 -16.05
CA ALA F 158 -14.08 26.66 -17.47
C ALA F 158 -13.17 27.87 -17.62
N ALA F 159 -13.41 28.91 -16.82
CA ALA F 159 -12.60 30.11 -16.87
C ALA F 159 -11.16 29.75 -16.55
N ARG F 160 -10.99 28.94 -15.51
CA ARG F 160 -9.64 28.53 -15.10
C ARG F 160 -8.89 27.89 -16.26
N ALA F 161 -9.52 26.90 -16.89
CA ALA F 161 -8.90 26.20 -18.02
C ALA F 161 -8.55 27.13 -19.16
N GLU F 162 -9.25 28.27 -19.23
CA GLU F 162 -9.02 29.25 -20.29
C GLU F 162 -7.98 30.27 -19.84
N GLY F 163 -7.46 30.11 -18.62
CA GLY F 163 -6.48 31.04 -18.10
C GLY F 163 -7.14 32.36 -17.73
N VAL F 164 -8.45 32.28 -17.45
CA VAL F 164 -9.24 33.44 -17.06
C VAL F 164 -9.57 33.38 -15.57
N GLY F 165 -9.16 34.41 -14.84
CA GLY F 165 -9.43 34.43 -13.42
C GLY F 165 -10.85 34.91 -13.18
N VAL F 166 -11.42 34.49 -12.07
CA VAL F 166 -12.77 34.87 -11.71
C VAL F 166 -12.91 35.06 -10.21
N GLY F 167 -13.67 36.08 -9.83
CA GLY F 167 -13.89 36.34 -8.42
C GLY F 167 -15.35 36.62 -8.16
N TRP F 168 -15.83 36.10 -7.03
CA TRP F 168 -17.22 36.30 -6.62
C TRP F 168 -17.20 37.44 -5.61
N VAL F 169 -18.17 38.35 -5.72
CA VAL F 169 -18.24 39.45 -4.77
C VAL F 169 -19.65 39.41 -4.21
N SER F 170 -19.75 39.32 -2.89
CA SER F 170 -21.04 39.22 -2.21
C SER F 170 -21.28 40.32 -1.20
N ILE F 171 -20.38 41.28 -1.14
CA ILE F 171 -20.49 42.38 -0.20
C ILE F 171 -21.17 43.59 -0.85
N PHE F 172 -22.51 43.56 -0.85
CA PHE F 172 -23.34 44.64 -1.40
C PHE F 172 -24.75 44.58 -0.84
N HIS F 173 -25.48 45.65 -1.09
CA HIS F 173 -26.88 45.75 -0.71
C HIS F 173 -27.56 45.41 -2.05
N GLU F 174 -28.01 44.16 -2.20
CA GLU F 174 -28.63 43.70 -3.43
C GLU F 174 -29.48 44.78 -4.08
N SER F 175 -30.42 45.33 -3.32
CA SER F 175 -31.32 46.38 -3.81
C SER F 175 -30.56 47.42 -4.61
N GLU F 176 -29.38 47.80 -4.13
CA GLU F 176 -28.55 48.79 -4.80
C GLU F 176 -28.06 48.34 -6.17
N ILE F 177 -27.52 47.13 -6.24
CA ILE F 177 -27.02 46.61 -7.50
C ILE F 177 -28.15 46.44 -8.50
N LYS F 178 -29.30 45.94 -8.03
CA LYS F 178 -30.46 45.75 -8.89
C LYS F 178 -30.91 47.07 -9.50
N ALA F 179 -30.82 48.14 -8.71
CA ALA F 179 -31.23 49.46 -9.18
C ALA F 179 -30.24 49.97 -10.22
N ILE F 180 -28.99 49.58 -10.08
CA ILE F 180 -27.95 50.01 -11.02
C ILE F 180 -28.03 49.30 -12.37
N LEU F 181 -28.55 48.07 -12.38
CA LEU F 181 -28.65 47.32 -13.63
C LEU F 181 -30.09 47.14 -14.11
N GLY F 182 -31.02 47.79 -13.42
CA GLY F 182 -32.42 47.68 -13.81
C GLY F 182 -33.03 46.30 -13.67
N ILE F 183 -32.51 45.49 -12.76
CA ILE F 183 -33.01 44.15 -12.55
C ILE F 183 -34.39 44.20 -11.86
N PRO F 184 -35.40 43.55 -12.46
CA PRO F 184 -36.79 43.47 -11.99
C PRO F 184 -37.01 42.81 -10.63
N ASP F 185 -38.25 42.88 -10.15
CA ASP F 185 -38.66 42.33 -8.85
C ASP F 185 -38.64 40.81 -8.72
N HIS F 186 -39.13 40.11 -9.74
CA HIS F 186 -39.18 38.66 -9.71
C HIS F 186 -37.84 37.97 -9.97
N VAL F 187 -36.80 38.77 -10.18
CA VAL F 187 -35.46 38.24 -10.47
C VAL F 187 -34.53 38.58 -9.31
N GLU F 188 -33.68 37.65 -8.93
CA GLU F 188 -32.78 37.87 -7.81
C GLU F 188 -31.33 37.64 -8.18
N ILE F 189 -30.44 38.46 -7.64
CA ILE F 189 -29.02 38.33 -7.92
C ILE F 189 -28.39 37.22 -7.09
N VAL F 190 -27.65 36.36 -7.77
CA VAL F 190 -26.98 35.26 -7.11
C VAL F 190 -25.51 35.56 -6.94
N ALA F 191 -24.91 36.20 -7.92
CA ALA F 191 -23.50 36.50 -7.86
C ALA F 191 -23.02 37.59 -8.81
N TRP F 192 -21.99 38.31 -8.37
CA TRP F 192 -21.36 39.33 -9.20
C TRP F 192 -20.00 38.74 -9.45
N LEU F 193 -19.65 38.54 -10.71
CA LEU F 193 -18.36 37.96 -11.03
C LEU F 193 -17.43 38.93 -11.74
N CYS F 194 -16.19 39.02 -11.26
CA CYS F 194 -15.20 39.87 -11.90
C CYS F 194 -14.34 38.89 -12.68
N LEU F 195 -14.00 39.22 -13.92
CA LEU F 195 -13.20 38.30 -14.72
C LEU F 195 -12.06 39.00 -15.45
N GLY F 196 -11.13 38.21 -15.96
CA GLY F 196 -10.01 38.77 -16.68
C GLY F 196 -8.81 37.85 -16.64
N PHE F 197 -8.09 37.77 -17.75
CA PHE F 197 -6.89 36.93 -17.82
C PHE F 197 -5.97 37.18 -16.63
N VAL F 198 -5.11 36.21 -16.35
CA VAL F 198 -4.14 36.33 -15.28
C VAL F 198 -2.96 35.42 -15.62
N ASP F 199 -1.77 35.82 -15.20
CA ASP F 199 -0.58 35.01 -15.43
C ASP F 199 0.01 34.61 -14.08
N ARG F 200 -0.73 34.89 -13.01
CA ARG F 200 -0.30 34.56 -11.66
C ARG F 200 -1.49 34.21 -10.78
N LEU F 201 -1.35 33.13 -10.03
CA LEU F 201 -2.40 32.65 -9.13
C LEU F 201 -1.78 32.13 -7.85
N TYR F 202 -2.53 32.19 -6.76
CA TYR F 202 -2.04 31.68 -5.48
C TYR F 202 -2.16 30.16 -5.56
N GLN F 203 -1.22 29.45 -4.96
CA GLN F 203 -1.25 27.99 -4.99
C GLN F 203 -2.30 27.46 -4.02
N GLU F 204 -2.70 28.30 -3.07
CA GLU F 204 -3.69 27.92 -2.07
C GLU F 204 -4.65 29.10 -1.91
N PRO F 205 -5.74 28.90 -1.14
CA PRO F 205 -6.68 30.01 -0.95
C PRO F 205 -5.96 31.23 -0.36
N GLU F 206 -6.27 32.41 -0.89
CA GLU F 206 -5.66 33.64 -0.42
C GLU F 206 -5.94 33.81 1.07
N LEU F 207 -7.20 33.61 1.48
CA LEU F 207 -7.56 33.76 2.88
C LEU F 207 -6.83 32.86 3.86
N ALA F 208 -6.25 31.76 3.38
CA ALA F 208 -5.52 30.88 4.27
C ALA F 208 -4.09 31.39 4.43
N ALA F 209 -3.48 31.78 3.32
CA ALA F 209 -2.12 32.29 3.35
C ALA F 209 -2.03 33.53 4.21
N LYS F 210 -3.15 34.23 4.40
CA LYS F 210 -3.17 35.45 5.18
C LYS F 210 -3.66 35.32 6.62
N GLY F 211 -3.93 34.10 7.07
CA GLY F 211 -4.36 33.92 8.44
C GLY F 211 -5.81 34.21 8.79
N TRP F 212 -6.71 34.17 7.81
CA TRP F 212 -8.10 34.41 8.13
C TRP F 212 -8.69 33.09 8.59
N ARG F 213 -8.55 32.08 7.74
CA ARG F 213 -9.07 30.75 8.03
C ARG F 213 -8.27 29.71 7.26
N GLN F 214 -8.04 28.56 7.89
CA GLN F 214 -7.27 27.48 7.25
C GLN F 214 -8.18 26.39 6.69
N ARG F 215 -7.65 25.60 5.78
CA ARG F 215 -8.38 24.51 5.16
C ARG F 215 -8.77 23.47 6.21
N LEU F 216 -10.07 23.25 6.38
CA LEU F 216 -10.54 22.27 7.35
C LEU F 216 -10.08 20.87 6.91
N PRO F 217 -10.01 19.93 7.85
CA PRO F 217 -9.61 18.53 7.61
C PRO F 217 -10.83 17.78 7.08
N LEU F 218 -10.80 17.38 5.80
CA LEU F 218 -11.94 16.68 5.22
C LEU F 218 -12.39 15.49 6.05
N GLU F 219 -11.44 14.67 6.50
CA GLU F 219 -11.80 13.50 7.30
C GLU F 219 -12.67 13.85 8.50
N ASP F 220 -12.67 15.12 8.90
CA ASP F 220 -13.47 15.57 10.04
C ASP F 220 -14.89 15.93 9.62
N LEU F 221 -15.10 16.13 8.32
CA LEU F 221 -16.40 16.52 7.82
C LEU F 221 -17.22 15.41 7.19
N VAL F 222 -16.70 14.18 7.21
CA VAL F 222 -17.43 13.03 6.63
C VAL F 222 -18.04 12.12 7.68
N PHE F 223 -19.30 11.76 7.46
CA PHE F 223 -20.01 10.88 8.40
C PHE F 223 -20.54 9.62 7.71
N GLU F 224 -20.75 8.56 8.50
CA GLU F 224 -21.25 7.28 8.00
C GLU F 224 -22.68 6.99 8.47
N GLU F 225 -23.62 7.04 7.52
CA GLU F 225 -25.04 6.76 7.78
C GLU F 225 -25.74 7.74 8.70
N GLY F 226 -25.03 8.23 9.71
CA GLY F 226 -25.64 9.16 10.64
C GLY F 226 -24.78 10.37 11.00
N TRP F 227 -25.44 11.47 11.31
CA TRP F 227 -24.74 12.70 11.67
C TRP F 227 -23.94 12.51 12.96
N GLY F 228 -22.69 12.97 12.93
CA GLY F 228 -21.83 12.86 14.09
C GLY F 228 -21.09 11.54 14.17
N VAL F 229 -21.60 10.54 13.46
CA VAL F 229 -20.99 9.20 13.46
C VAL F 229 -19.88 9.07 12.43
N ARG F 230 -18.69 8.67 12.87
CA ARG F 230 -17.54 8.52 11.98
C ARG F 230 -17.53 7.26 11.13
N LEU G 12 1.03 -34.31 -51.96
CA LEU G 12 2.19 -34.02 -51.08
C LEU G 12 3.54 -34.49 -51.64
N THR G 13 4.56 -33.67 -51.43
CA THR G 13 5.91 -33.95 -51.91
C THR G 13 6.83 -34.44 -50.78
N ALA G 14 7.92 -35.09 -51.16
CA ALA G 14 8.86 -35.64 -50.18
C ALA G 14 9.56 -34.55 -49.37
N ALA G 15 9.75 -34.82 -48.08
CA ALA G 15 10.40 -33.87 -47.18
C ALA G 15 11.28 -34.53 -46.11
N GLY G 16 12.28 -33.79 -45.65
CA GLY G 16 13.19 -34.28 -44.63
C GLY G 16 13.80 -33.16 -43.81
N ALA G 17 14.75 -33.51 -42.95
CA ALA G 17 15.42 -32.53 -42.11
C ALA G 17 16.25 -31.57 -42.99
N PHE G 18 16.34 -30.32 -42.56
CA PHE G 18 17.13 -29.33 -43.29
C PHE G 18 18.60 -29.75 -43.27
N SER G 19 19.43 -29.08 -44.07
CA SER G 19 20.85 -29.39 -44.08
C SER G 19 21.45 -28.85 -42.79
N SER G 20 22.69 -29.25 -42.49
CA SER G 20 23.33 -28.80 -41.26
C SER G 20 23.45 -27.28 -41.18
N ASP G 21 23.74 -26.64 -42.29
CA ASP G 21 23.87 -25.19 -42.31
C ASP G 21 22.49 -24.55 -42.14
N GLU G 22 21.48 -25.15 -42.77
CA GLU G 22 20.12 -24.63 -42.68
C GLU G 22 19.63 -24.76 -41.24
N ARG G 23 19.80 -25.96 -40.68
CA ARG G 23 19.38 -26.25 -39.32
C ARG G 23 20.05 -25.28 -38.34
N ALA G 24 21.28 -24.87 -38.65
CA ALA G 24 22.03 -23.97 -37.79
C ALA G 24 21.54 -22.53 -37.86
N ALA G 25 21.10 -22.11 -39.04
CA ALA G 25 20.62 -20.75 -39.21
C ALA G 25 19.22 -20.59 -38.64
N VAL G 26 18.43 -21.66 -38.65
CA VAL G 26 17.09 -21.62 -38.10
C VAL G 26 17.16 -21.37 -36.60
N TYR G 27 18.03 -22.12 -35.93
CA TYR G 27 18.23 -21.97 -34.49
C TYR G 27 18.89 -20.64 -34.16
N ARG G 28 19.74 -20.14 -35.05
CA ARG G 28 20.42 -18.88 -34.78
C ARG G 28 19.42 -17.73 -34.67
N ALA G 29 18.35 -17.79 -35.46
CA ALA G 29 17.32 -16.76 -35.43
C ALA G 29 16.55 -16.89 -34.12
N ILE G 30 16.18 -18.12 -33.78
CA ILE G 30 15.44 -18.39 -32.57
C ILE G 30 16.26 -18.00 -31.34
N GLU G 31 17.58 -18.17 -31.43
CA GLU G 31 18.45 -17.88 -30.29
C GLU G 31 19.04 -16.47 -30.21
N THR G 32 18.88 -15.66 -31.26
CA THR G 32 19.42 -14.30 -31.22
C THR G 32 18.39 -13.17 -31.28
N ARG G 33 17.14 -13.48 -31.62
CA ARG G 33 16.16 -12.42 -31.70
C ARG G 33 15.94 -11.83 -30.29
N ARG G 34 15.69 -10.53 -30.25
CA ARG G 34 15.48 -9.85 -28.99
C ARG G 34 14.26 -8.96 -29.05
N ASP G 35 13.72 -8.63 -27.88
CA ASP G 35 12.59 -7.72 -27.81
C ASP G 35 13.32 -6.37 -27.81
N VAL G 36 13.14 -5.59 -28.87
CA VAL G 36 13.82 -4.30 -28.97
C VAL G 36 12.97 -3.11 -28.54
N ARG G 37 13.58 -2.18 -27.81
CA ARG G 37 12.88 -0.98 -27.37
C ARG G 37 13.67 0.30 -27.64
N ASP G 38 14.97 0.25 -27.39
CA ASP G 38 15.81 1.43 -27.52
C ASP G 38 16.90 1.49 -28.58
N GLU G 39 17.11 0.43 -29.34
CA GLU G 39 18.16 0.44 -30.35
C GLU G 39 17.70 0.71 -31.78
N PHE G 40 16.43 1.06 -31.96
CA PHE G 40 15.87 1.34 -33.28
C PHE G 40 16.59 2.42 -34.06
N LEU G 41 17.00 2.09 -35.29
CA LEU G 41 17.66 3.05 -36.16
C LEU G 41 16.54 3.85 -36.84
N PRO G 42 16.83 5.08 -37.28
CA PRO G 42 15.85 5.93 -37.94
C PRO G 42 15.52 5.65 -39.42
N GLU G 43 16.43 4.96 -40.12
CA GLU G 43 16.22 4.66 -41.53
C GLU G 43 14.95 3.86 -41.72
N PRO G 44 14.05 4.34 -42.61
CA PRO G 44 12.78 3.67 -42.91
C PRO G 44 13.00 2.32 -43.60
N LEU G 45 12.08 1.38 -43.38
CA LEU G 45 12.16 0.06 -43.99
C LEU G 45 11.53 0.14 -45.36
N SER G 46 12.08 -0.58 -46.33
CA SER G 46 11.55 -0.55 -47.69
C SER G 46 10.27 -1.38 -47.77
N GLU G 47 9.34 -0.95 -48.63
CA GLU G 47 8.08 -1.63 -48.83
C GLU G 47 8.25 -3.11 -49.16
N GLU G 48 9.37 -3.45 -49.79
CA GLU G 48 9.65 -4.84 -50.16
C GLU G 48 9.99 -5.68 -48.94
N LEU G 49 10.77 -5.12 -48.03
CA LEU G 49 11.16 -5.79 -46.80
C LEU G 49 9.93 -5.93 -45.90
N ILE G 50 9.08 -4.91 -45.91
CA ILE G 50 7.86 -4.93 -45.09
C ILE G 50 6.96 -6.05 -45.61
N ALA G 51 6.94 -6.22 -46.93
CA ALA G 51 6.14 -7.27 -47.55
C ALA G 51 6.65 -8.64 -47.13
N ARG G 52 7.96 -8.80 -47.08
CA ARG G 52 8.56 -10.07 -46.70
C ARG G 52 8.27 -10.40 -45.24
N LEU G 53 8.24 -9.39 -44.39
CA LEU G 53 7.96 -9.62 -42.98
C LEU G 53 6.49 -10.01 -42.82
N LEU G 54 5.61 -9.36 -43.58
CA LEU G 54 4.19 -9.67 -43.49
C LEU G 54 3.90 -11.03 -44.12
N GLY G 55 4.59 -11.33 -45.22
CA GLY G 55 4.40 -12.60 -45.89
C GLY G 55 4.79 -13.72 -44.94
N ALA G 56 5.79 -13.46 -44.12
CA ALA G 56 6.23 -14.44 -43.14
C ALA G 56 5.10 -14.70 -42.16
N ALA G 57 4.47 -13.63 -41.69
CA ALA G 57 3.36 -13.75 -40.75
C ALA G 57 2.17 -14.49 -41.36
N HIS G 58 1.91 -14.23 -42.63
CA HIS G 58 0.79 -14.87 -43.33
C HIS G 58 1.03 -16.37 -43.52
N GLN G 59 2.29 -16.80 -43.46
CA GLN G 59 2.62 -18.23 -43.63
C GLN G 59 2.40 -18.98 -42.32
N ALA G 60 1.89 -18.29 -41.31
CA ALA G 60 1.67 -18.93 -40.02
C ALA G 60 0.46 -19.85 -40.05
N PRO G 61 0.38 -20.78 -39.09
CA PRO G 61 -0.74 -21.71 -39.03
C PRO G 61 -1.90 -20.98 -38.34
N SER G 62 -3.11 -21.51 -38.47
CA SER G 62 -4.26 -20.90 -37.82
C SER G 62 -5.38 -21.93 -37.69
N VAL G 63 -6.02 -21.92 -36.53
CA VAL G 63 -7.11 -22.84 -36.25
C VAL G 63 -8.12 -22.82 -37.38
N GLY G 64 -8.37 -23.99 -37.98
CA GLY G 64 -9.32 -24.09 -39.07
C GLY G 64 -8.92 -23.25 -40.26
N PHE G 65 -7.62 -23.00 -40.40
CA PHE G 65 -7.07 -22.20 -41.49
C PHE G 65 -7.85 -20.88 -41.58
N MET G 66 -8.24 -20.41 -40.40
CA MET G 66 -9.01 -19.19 -40.23
C MET G 66 -8.29 -17.94 -40.76
N GLN G 67 -7.00 -17.84 -40.49
CA GLN G 67 -6.21 -16.68 -40.93
C GLN G 67 -6.93 -15.43 -40.40
N PRO G 68 -7.10 -15.33 -39.07
CA PRO G 68 -7.78 -14.22 -38.37
C PRO G 68 -7.02 -12.92 -38.24
N TRP G 69 -5.83 -12.83 -38.83
CA TRP G 69 -5.05 -11.62 -38.69
C TRP G 69 -5.24 -10.47 -39.67
N ASN G 70 -4.83 -9.29 -39.22
CA ASN G 70 -4.84 -8.05 -39.99
C ASN G 70 -3.63 -7.27 -39.53
N PHE G 71 -3.10 -6.42 -40.41
CA PHE G 71 -1.91 -5.64 -40.10
C PHE G 71 -2.10 -4.14 -40.35
N VAL G 72 -2.13 -3.35 -39.28
CA VAL G 72 -2.29 -1.90 -39.37
C VAL G 72 -0.91 -1.26 -39.27
N LEU G 73 -0.34 -0.88 -40.42
CA LEU G 73 0.98 -0.28 -40.43
C LEU G 73 0.86 1.16 -39.92
N VAL G 74 1.80 1.57 -39.06
CA VAL G 74 1.81 2.92 -38.50
C VAL G 74 3.15 3.59 -38.77
N ARG G 75 3.11 4.67 -39.55
CA ARG G 75 4.33 5.39 -39.92
C ARG G 75 4.30 6.90 -39.74
N GLN G 76 3.20 7.45 -39.21
CA GLN G 76 3.11 8.89 -39.02
C GLN G 76 3.32 9.32 -37.58
N ASP G 77 4.15 10.35 -37.39
CA ASP G 77 4.46 10.85 -36.05
C ASP G 77 3.26 11.08 -35.14
N GLU G 78 2.22 11.74 -35.65
CA GLU G 78 1.04 12.00 -34.83
C GLU G 78 0.52 10.73 -34.18
N THR G 79 0.47 9.65 -34.95
CA THR G 79 -0.02 8.38 -34.43
C THR G 79 0.90 7.85 -33.33
N ARG G 80 2.19 7.80 -33.60
CA ARG G 80 3.13 7.30 -32.60
C ARG G 80 3.05 8.11 -31.31
N GLU G 81 3.01 9.43 -31.46
CA GLU G 81 2.94 10.35 -30.32
C GLU G 81 1.69 10.16 -29.47
N LYS G 82 0.61 9.67 -30.08
CA LYS G 82 -0.63 9.44 -29.37
C LYS G 82 -0.63 8.09 -28.68
N VAL G 83 -0.04 7.08 -29.33
CA VAL G 83 0.01 5.76 -28.72
C VAL G 83 0.94 5.84 -27.52
N TRP G 84 2.04 6.55 -27.68
CA TRP G 84 3.01 6.72 -26.60
C TRP G 84 2.33 7.30 -25.37
N GLN G 85 1.44 8.27 -25.58
CA GLN G 85 0.72 8.91 -24.47
C GLN G 85 -0.24 7.89 -23.83
N ALA G 86 -0.61 6.88 -24.62
CA ALA G 86 -1.47 5.82 -24.12
C ALA G 86 -0.58 4.97 -23.21
N PHE G 87 0.58 4.59 -23.75
CA PHE G 87 1.57 3.80 -23.04
C PHE G 87 1.90 4.45 -21.68
N GLN G 88 2.26 5.73 -21.72
CA GLN G 88 2.60 6.46 -20.51
C GLN G 88 1.51 6.35 -19.45
N ARG G 89 0.26 6.63 -19.82
CA ARG G 89 -0.84 6.54 -18.88
C ARG G 89 -0.88 5.20 -18.19
N ALA G 90 -0.81 4.14 -18.99
CA ALA G 90 -0.88 2.78 -18.47
C ALA G 90 0.38 2.39 -17.70
N ASN G 91 1.54 2.74 -18.26
CA ASN G 91 2.79 2.40 -17.61
C ASN G 91 2.85 2.97 -16.21
N ASP G 92 2.39 4.21 -16.06
CA ASP G 92 2.41 4.88 -14.77
C ASP G 92 1.54 4.19 -13.72
N GLU G 93 0.44 3.58 -14.14
CA GLU G 93 -0.43 2.88 -13.21
C GLU G 93 0.28 1.57 -12.85
N ALA G 94 1.07 1.08 -13.81
CA ALA G 94 1.81 -0.16 -13.63
C ALA G 94 2.87 -0.02 -12.54
N ALA G 95 3.74 0.96 -12.69
CA ALA G 95 4.79 1.18 -11.70
C ALA G 95 4.21 1.27 -10.29
N GLU G 96 3.10 1.98 -10.17
CA GLU G 96 2.45 2.18 -8.88
C GLU G 96 2.04 0.86 -8.25
N MET G 97 1.99 -0.20 -9.04
CA MET G 97 1.60 -1.50 -8.52
C MET G 97 2.75 -2.17 -7.82
N PHE G 98 3.92 -1.55 -7.96
CA PHE G 98 5.12 -2.06 -7.31
C PHE G 98 5.54 -1.11 -6.18
N SER G 99 6.50 -1.55 -5.35
CA SER G 99 6.97 -0.75 -4.25
C SER G 99 8.44 -1.12 -3.95
N GLY G 100 9.12 -0.30 -3.15
CA GLY G 100 10.48 -0.62 -2.78
C GLY G 100 11.43 -0.39 -3.92
N GLU G 101 12.53 -1.11 -3.94
CA GLU G 101 13.51 -0.92 -4.97
C GLU G 101 13.02 -1.40 -6.32
N ARG G 102 12.15 -2.40 -6.33
CA ARG G 102 11.62 -2.95 -7.56
C ARG G 102 10.92 -1.88 -8.38
N GLN G 103 10.09 -1.08 -7.72
CA GLN G 103 9.36 -0.01 -8.39
C GLN G 103 10.41 0.93 -8.98
N ALA G 104 11.47 1.14 -8.22
CA ALA G 104 12.54 1.99 -8.67
C ALA G 104 13.16 1.32 -9.89
N LYS G 105 13.40 0.02 -9.76
CA LYS G 105 13.98 -0.76 -10.86
C LYS G 105 13.04 -0.72 -12.05
N TYR G 106 11.74 -0.78 -11.76
CA TYR G 106 10.71 -0.77 -12.79
C TYR G 106 10.74 0.53 -13.59
N ARG G 107 11.11 1.63 -12.94
CA ARG G 107 11.16 2.93 -13.59
C ARG G 107 12.43 3.13 -14.41
N SER G 108 13.43 2.28 -14.19
CA SER G 108 14.69 2.35 -14.91
C SER G 108 14.67 1.50 -16.18
N LEU G 109 13.61 0.73 -16.35
CA LEU G 109 13.47 -0.13 -17.52
C LEU G 109 12.88 0.62 -18.71
N LYS G 110 13.35 0.32 -19.91
CA LYS G 110 12.77 0.95 -21.10
C LYS G 110 11.83 -0.13 -21.66
N LEU G 111 10.55 0.20 -21.73
CA LEU G 111 9.54 -0.75 -22.18
C LEU G 111 8.91 -0.51 -23.55
N GLU G 112 9.54 0.29 -24.40
CA GLU G 112 8.98 0.55 -25.73
C GLU G 112 9.78 1.56 -26.54
N GLY G 113 9.64 1.46 -27.86
CA GLY G 113 10.31 2.36 -28.77
C GLY G 113 9.30 2.93 -29.75
N ILE G 114 8.08 3.14 -29.27
CA ILE G 114 6.97 3.67 -30.06
C ILE G 114 7.27 4.94 -30.84
N ARG G 115 8.18 5.77 -30.31
CA ARG G 115 8.51 7.02 -30.98
C ARG G 115 9.79 6.96 -31.82
N LYS G 116 10.72 6.11 -31.41
CA LYS G 116 11.98 5.98 -32.11
C LYS G 116 11.87 5.07 -33.34
N ALA G 117 11.16 3.96 -33.20
CA ALA G 117 10.98 3.00 -34.29
C ALA G 117 10.28 3.65 -35.46
N PRO G 118 10.90 3.63 -36.64
CA PRO G 118 10.32 4.23 -37.85
C PRO G 118 9.04 3.53 -38.32
N LEU G 119 8.77 2.36 -37.77
CA LEU G 119 7.58 1.61 -38.17
C LEU G 119 6.95 0.83 -37.03
N SER G 120 5.63 0.94 -36.91
CA SER G 120 4.90 0.19 -35.90
C SER G 120 3.82 -0.59 -36.64
N ILE G 121 3.52 -1.78 -36.15
CA ILE G 121 2.49 -2.64 -36.74
C ILE G 121 1.59 -3.19 -35.63
N CYS G 122 0.32 -2.81 -35.67
CA CYS G 122 -0.65 -3.27 -34.70
C CYS G 122 -1.25 -4.54 -35.28
N VAL G 123 -1.10 -5.66 -34.59
CA VAL G 123 -1.63 -6.92 -35.08
C VAL G 123 -2.95 -7.25 -34.39
N THR G 124 -3.99 -7.45 -35.21
CA THR G 124 -5.33 -7.75 -34.72
C THR G 124 -5.82 -9.14 -35.07
N CYS G 125 -6.93 -9.52 -34.46
CA CYS G 125 -7.54 -10.82 -34.66
C CYS G 125 -9.05 -10.65 -34.77
N ASP G 126 -9.58 -10.90 -35.96
CA ASP G 126 -11.02 -10.81 -36.21
C ASP G 126 -11.66 -11.99 -35.50
N ARG G 127 -12.29 -11.73 -34.34
CA ARG G 127 -12.91 -12.79 -33.55
C ARG G 127 -14.06 -13.57 -34.21
N THR G 128 -14.63 -13.03 -35.26
CA THR G 128 -15.74 -13.71 -35.91
C THR G 128 -15.47 -14.18 -37.33
N ARG G 129 -14.31 -13.83 -37.89
CA ARG G 129 -13.99 -14.25 -39.26
C ARG G 129 -13.99 -15.78 -39.35
N GLY G 130 -14.56 -16.32 -40.41
CA GLY G 130 -14.61 -17.76 -40.59
C GLY G 130 -16.02 -18.32 -40.56
N GLY G 131 -16.99 -17.46 -40.23
CA GLY G 131 -18.37 -17.91 -40.18
C GLY G 131 -19.03 -17.86 -38.81
N ALA G 132 -19.84 -18.87 -38.52
CA ALA G 132 -20.55 -18.99 -37.25
C ALA G 132 -19.91 -20.09 -36.41
N VAL G 133 -19.38 -21.10 -37.11
CA VAL G 133 -18.71 -22.22 -36.47
C VAL G 133 -17.38 -22.47 -37.18
N VAL G 134 -16.29 -22.45 -36.43
CA VAL G 134 -14.96 -22.66 -37.00
C VAL G 134 -14.23 -23.87 -36.39
N LEU G 135 -13.68 -24.68 -37.28
CA LEU G 135 -12.93 -25.88 -36.92
C LEU G 135 -11.85 -25.54 -35.88
N GLY G 136 -11.90 -26.20 -34.73
CA GLY G 136 -10.90 -25.95 -33.71
C GLY G 136 -11.30 -25.01 -32.58
N ARG G 137 -12.13 -24.02 -32.88
CA ARG G 137 -12.56 -23.06 -31.86
C ARG G 137 -13.92 -23.46 -31.27
N THR G 138 -14.30 -24.72 -31.47
CA THR G 138 -15.55 -25.25 -30.98
C THR G 138 -15.56 -25.52 -29.48
N HIS G 139 -14.36 -25.68 -28.90
CA HIS G 139 -14.24 -25.94 -27.47
C HIS G 139 -13.47 -24.85 -26.71
N ASN G 140 -12.47 -24.28 -27.38
CA ASN G 140 -11.69 -23.21 -26.78
C ASN G 140 -11.77 -21.99 -27.70
N PRO G 141 -12.47 -20.93 -27.25
CA PRO G 141 -12.62 -19.71 -28.04
C PRO G 141 -11.32 -18.94 -28.29
N GLN G 142 -10.28 -19.26 -27.54
CA GLN G 142 -9.00 -18.55 -27.67
C GLN G 142 -7.99 -19.06 -28.71
N MET G 143 -8.38 -20.03 -29.53
CA MET G 143 -7.44 -20.54 -30.52
C MET G 143 -7.22 -19.57 -31.69
N ASP G 144 -8.13 -18.61 -31.86
CA ASP G 144 -7.96 -17.64 -32.95
C ASP G 144 -6.90 -16.63 -32.51
N LEU G 145 -6.94 -16.25 -31.24
CA LEU G 145 -5.97 -15.32 -30.70
C LEU G 145 -4.58 -15.94 -30.83
N TYR G 146 -4.44 -17.16 -30.30
CA TYR G 146 -3.18 -17.90 -30.35
C TYR G 146 -2.62 -18.01 -31.76
N SER G 147 -3.52 -18.15 -32.74
CA SER G 147 -3.10 -18.26 -34.14
C SER G 147 -2.39 -16.97 -34.51
N THR G 148 -3.02 -15.86 -34.14
CA THR G 148 -2.48 -14.53 -34.43
C THR G 148 -1.09 -14.38 -33.84
N VAL G 149 -0.91 -14.92 -32.63
CA VAL G 149 0.38 -14.83 -31.96
C VAL G 149 1.43 -15.58 -32.76
N CYS G 150 1.04 -16.72 -33.33
CA CYS G 150 1.98 -17.51 -34.15
C CYS G 150 2.51 -16.70 -35.31
N ALA G 151 1.65 -15.86 -35.89
CA ALA G 151 2.04 -15.01 -37.02
C ALA G 151 3.05 -13.97 -36.53
N VAL G 152 2.76 -13.36 -35.37
CA VAL G 152 3.67 -12.37 -34.79
C VAL G 152 5.06 -13.00 -34.68
N GLN G 153 5.10 -14.17 -34.04
CA GLN G 153 6.35 -14.89 -33.82
C GLN G 153 7.11 -15.14 -35.11
N ASN G 154 6.40 -15.57 -36.15
CA ASN G 154 7.05 -15.81 -37.44
C ASN G 154 7.68 -14.51 -37.91
N LEU G 155 6.96 -13.41 -37.71
CA LEU G 155 7.45 -12.10 -38.14
C LEU G 155 8.66 -11.72 -37.31
N TRP G 156 8.60 -12.04 -36.02
CA TRP G 156 9.68 -11.73 -35.09
C TRP G 156 10.98 -12.41 -35.51
N LEU G 157 10.86 -13.69 -35.88
CA LEU G 157 11.99 -14.49 -36.33
C LEU G 157 12.48 -14.08 -37.72
N ALA G 158 11.59 -13.70 -38.62
CA ALA G 158 12.03 -13.26 -39.95
C ALA G 158 12.74 -11.91 -39.84
N ALA G 159 12.10 -10.95 -39.18
CA ALA G 159 12.69 -9.63 -39.00
C ALA G 159 14.11 -9.73 -38.48
N ARG G 160 14.35 -10.67 -37.56
CA ARG G 160 15.68 -10.85 -36.99
C ARG G 160 16.69 -11.20 -38.08
N ALA G 161 16.38 -12.19 -38.91
CA ALA G 161 17.28 -12.59 -39.97
C ALA G 161 17.54 -11.43 -40.93
N GLU G 162 16.59 -10.49 -40.98
CA GLU G 162 16.70 -9.32 -41.85
C GLU G 162 17.38 -8.11 -41.17
N GLY G 163 18.01 -8.33 -40.02
CA GLY G 163 18.66 -7.23 -39.33
C GLY G 163 17.64 -6.19 -38.84
N VAL G 164 16.39 -6.62 -38.73
CA VAL G 164 15.33 -5.74 -38.27
C VAL G 164 14.94 -6.10 -36.85
N GLY G 165 14.90 -5.09 -35.99
CA GLY G 165 14.52 -5.33 -34.61
C GLY G 165 13.04 -5.14 -34.44
N VAL G 166 12.45 -5.95 -33.56
CA VAL G 166 11.02 -5.88 -33.27
C VAL G 166 10.80 -5.85 -31.77
N GLY G 167 9.78 -5.12 -31.32
CA GLY G 167 9.51 -5.05 -29.91
C GLY G 167 8.02 -5.11 -29.65
N TRP G 168 7.63 -5.90 -28.66
CA TRP G 168 6.22 -6.05 -28.32
C TRP G 168 5.91 -5.06 -27.20
N VAL G 169 4.85 -4.28 -27.37
CA VAL G 169 4.44 -3.33 -26.36
C VAL G 169 3.01 -3.64 -25.98
N SER G 170 2.82 -4.19 -24.78
CA SER G 170 1.48 -4.56 -24.33
C SER G 170 1.03 -3.75 -23.12
N ILE G 171 1.76 -2.69 -22.80
CA ILE G 171 1.38 -1.89 -21.66
C ILE G 171 0.51 -0.68 -22.02
N PHE G 172 -0.80 -0.89 -21.96
CA PHE G 172 -1.79 0.15 -22.23
C PHE G 172 -3.21 -0.34 -22.23
N HIS G 173 -4.14 0.61 -22.17
CA HIS G 173 -5.56 0.26 -22.18
C HIS G 173 -5.93 0.01 -23.63
N GLU G 174 -6.27 -1.24 -23.94
CA GLU G 174 -6.63 -1.61 -25.30
C GLU G 174 -7.67 -0.67 -25.89
N SER G 175 -8.72 -0.42 -25.14
CA SER G 175 -9.80 0.47 -25.59
C SER G 175 -9.25 1.77 -26.17
N GLU G 176 -8.19 2.28 -25.54
CA GLU G 176 -7.57 3.51 -25.99
C GLU G 176 -6.82 3.35 -27.31
N ILE G 177 -6.27 2.17 -27.56
CA ILE G 177 -5.55 1.97 -28.82
C ILE G 177 -6.53 1.75 -29.98
N LYS G 178 -7.61 1.03 -29.72
CA LYS G 178 -8.61 0.76 -30.74
C LYS G 178 -9.29 2.06 -31.16
N ALA G 179 -9.42 2.99 -30.21
CA ALA G 179 -10.04 4.28 -30.49
C ALA G 179 -9.16 5.09 -31.43
N ILE G 180 -7.85 5.01 -31.23
CA ILE G 180 -6.88 5.76 -32.04
C ILE G 180 -6.82 5.24 -33.49
N LEU G 181 -6.82 3.93 -33.65
CA LEU G 181 -6.76 3.34 -34.98
C LEU G 181 -8.12 3.01 -35.57
N GLY G 182 -9.17 3.26 -34.79
CA GLY G 182 -10.53 2.99 -35.26
C GLY G 182 -10.85 1.53 -35.45
N ILE G 183 -10.43 0.70 -34.49
CA ILE G 183 -10.68 -0.74 -34.56
C ILE G 183 -12.04 -1.14 -33.98
N PRO G 184 -12.83 -1.89 -34.76
CA PRO G 184 -14.17 -2.36 -34.41
C PRO G 184 -14.20 -3.20 -33.13
N ASP G 185 -15.38 -3.35 -32.55
CA ASP G 185 -15.53 -4.13 -31.32
C ASP G 185 -15.30 -5.62 -31.56
N HIS G 186 -15.63 -6.09 -32.76
CA HIS G 186 -15.47 -7.50 -33.11
C HIS G 186 -14.03 -7.88 -33.49
N VAL G 187 -13.13 -6.91 -33.42
CA VAL G 187 -11.73 -7.16 -33.73
C VAL G 187 -10.91 -6.83 -32.48
N GLU G 188 -10.00 -7.71 -32.10
CA GLU G 188 -9.19 -7.49 -30.91
C GLU G 188 -7.72 -7.28 -31.24
N ILE G 189 -7.04 -6.49 -30.42
CA ILE G 189 -5.62 -6.22 -30.61
C ILE G 189 -4.85 -7.31 -29.90
N VAL G 190 -3.89 -7.91 -30.59
CA VAL G 190 -3.10 -8.98 -29.99
C VAL G 190 -1.72 -8.46 -29.63
N ALA G 191 -1.20 -7.56 -30.46
CA ALA G 191 0.13 -7.04 -30.21
C ALA G 191 0.47 -5.77 -30.96
N TRP G 192 1.25 -4.92 -30.30
CA TRP G 192 1.73 -3.69 -30.91
C TRP G 192 3.22 -3.93 -31.08
N LEU G 193 3.67 -3.95 -32.33
CA LEU G 193 5.08 -4.19 -32.62
C LEU G 193 5.79 -2.93 -33.13
N CYS G 194 6.95 -2.67 -32.54
CA CYS G 194 7.79 -1.56 -32.95
C CYS G 194 8.90 -2.21 -33.77
N LEU G 195 9.11 -1.72 -34.99
CA LEU G 195 10.14 -2.27 -35.86
C LEU G 195 11.08 -1.19 -36.36
N GLY G 196 12.34 -1.57 -36.55
CA GLY G 196 13.33 -0.65 -37.03
C GLY G 196 14.66 -1.38 -37.10
N PHE G 197 15.44 -1.13 -38.12
CA PHE G 197 16.75 -1.76 -38.25
C PHE G 197 17.55 -1.56 -36.96
N VAL G 198 18.50 -2.45 -36.73
CA VAL G 198 19.37 -2.38 -35.56
C VAL G 198 20.72 -2.96 -35.96
N ASP G 199 21.80 -2.28 -35.59
CA ASP G 199 23.13 -2.77 -35.92
C ASP G 199 23.83 -3.34 -34.69
N ARG G 200 23.07 -3.46 -33.60
CA ARG G 200 23.60 -4.01 -32.36
C ARG G 200 22.47 -4.48 -31.45
N LEU G 201 22.64 -5.68 -30.90
CA LEU G 201 21.65 -6.28 -30.01
C LEU G 201 22.25 -6.82 -28.72
N TYR G 202 21.38 -7.26 -27.81
CA TYR G 202 21.80 -7.84 -26.55
C TYR G 202 22.02 -9.33 -26.80
N GLN G 203 22.98 -9.93 -26.11
CA GLN G 203 23.27 -11.35 -26.28
C GLN G 203 22.30 -12.18 -25.44
N GLU G 204 21.76 -11.57 -24.39
CA GLU G 204 20.80 -12.25 -23.52
C GLU G 204 19.62 -11.32 -23.33
N PRO G 205 18.51 -11.82 -22.73
CA PRO G 205 17.34 -10.97 -22.52
C PRO G 205 17.69 -9.74 -21.68
N GLU G 206 17.31 -8.58 -22.20
CA GLU G 206 17.59 -7.32 -21.53
C GLU G 206 17.15 -7.36 -20.08
N LEU G 207 15.96 -7.89 -19.82
CA LEU G 207 15.45 -7.98 -18.46
C LEU G 207 16.31 -8.84 -17.54
N ALA G 208 17.20 -9.64 -18.13
CA ALA G 208 18.09 -10.47 -17.31
C ALA G 208 19.37 -9.69 -16.99
N ALA G 209 19.93 -9.03 -18.01
CA ALA G 209 21.15 -8.24 -17.84
C ALA G 209 20.94 -7.05 -16.90
N LYS G 210 19.70 -6.60 -16.77
CA LYS G 210 19.39 -5.47 -15.90
C LYS G 210 18.89 -5.89 -14.52
N GLY G 211 18.96 -7.19 -14.25
CA GLY G 211 18.56 -7.71 -12.96
C GLY G 211 17.09 -7.75 -12.59
N TRP G 212 16.21 -7.91 -13.57
CA TRP G 212 14.79 -7.98 -13.26
C TRP G 212 14.34 -9.44 -13.07
N ARG G 213 14.80 -10.31 -13.97
CA ARG G 213 14.49 -11.74 -13.90
C ARG G 213 15.52 -12.54 -14.71
N GLN G 214 15.96 -13.66 -14.18
CA GLN G 214 16.94 -14.50 -14.86
C GLN G 214 16.22 -15.62 -15.62
N ARG G 215 16.97 -16.32 -16.46
CA ARG G 215 16.42 -17.42 -17.25
C ARG G 215 16.16 -18.62 -16.35
N LEU G 216 14.95 -19.16 -16.40
CA LEU G 216 14.64 -20.31 -15.56
C LEU G 216 15.31 -21.54 -16.17
N PRO G 217 15.60 -22.56 -15.35
CA PRO G 217 16.24 -23.76 -15.87
C PRO G 217 15.18 -24.59 -16.59
N LEU G 218 15.40 -24.90 -17.87
CA LEU G 218 14.42 -25.66 -18.63
C LEU G 218 14.06 -26.99 -17.99
N GLU G 219 15.03 -27.63 -17.32
CA GLU G 219 14.77 -28.91 -16.70
C GLU G 219 13.65 -28.87 -15.66
N ASP G 220 13.46 -27.72 -15.03
CA ASP G 220 12.41 -27.60 -14.01
C ASP G 220 11.00 -27.57 -14.58
N LEU G 221 10.88 -27.15 -15.83
CA LEU G 221 9.59 -27.03 -16.52
C LEU G 221 9.14 -28.25 -17.34
N VAL G 222 10.02 -29.25 -17.47
CA VAL G 222 9.69 -30.45 -18.25
C VAL G 222 9.24 -31.64 -17.40
N PHE G 223 8.11 -32.24 -17.77
CA PHE G 223 7.59 -33.40 -17.04
C PHE G 223 7.46 -34.63 -17.92
N GLU G 224 7.37 -35.80 -17.29
CA GLU G 224 7.24 -37.07 -18.00
C GLU G 224 5.90 -37.72 -17.70
N GLU G 225 5.08 -37.87 -18.75
CA GLU G 225 3.74 -38.48 -18.63
C GLU G 225 2.76 -37.74 -17.74
N GLY G 226 3.25 -37.20 -16.62
CA GLY G 226 2.37 -36.49 -15.73
C GLY G 226 2.99 -35.30 -15.04
N TRP G 227 2.12 -34.38 -14.64
CA TRP G 227 2.53 -33.16 -13.97
C TRP G 227 3.28 -33.50 -12.68
N GLY G 228 4.42 -32.86 -12.46
CA GLY G 228 5.18 -33.12 -11.25
C GLY G 228 6.16 -34.27 -11.34
N VAL G 229 5.88 -35.21 -12.24
CA VAL G 229 6.75 -36.37 -12.43
C VAL G 229 7.85 -36.07 -13.44
N ARG G 230 9.10 -36.36 -13.07
CA ARG G 230 10.24 -36.11 -13.95
C ARG G 230 10.58 -37.33 -14.82
N LEU H 12 25.76 -5.95 -24.45
CA LEU H 12 25.20 -5.66 -25.81
C LEU H 12 26.32 -5.47 -26.82
N THR H 13 26.47 -6.42 -27.73
CA THR H 13 27.53 -6.32 -28.75
C THR H 13 26.93 -6.17 -30.13
N ALA H 14 27.81 -6.20 -31.14
CA ALA H 14 27.40 -6.05 -32.53
C ALA H 14 26.30 -7.04 -32.86
N ALA H 15 25.55 -6.72 -33.90
CA ALA H 15 24.48 -7.57 -34.39
C ALA H 15 24.50 -7.48 -35.91
N GLY H 16 23.31 -7.46 -36.52
CA GLY H 16 23.15 -7.32 -37.98
C GLY H 16 22.34 -8.39 -38.71
N ALA H 17 22.16 -8.21 -40.02
CA ALA H 17 21.43 -9.19 -40.84
C ALA H 17 22.21 -10.49 -41.17
N PHE H 18 21.45 -11.51 -41.52
CA PHE H 18 21.98 -12.82 -41.86
C PHE H 18 22.52 -12.84 -43.28
N SER H 19 23.36 -13.83 -43.57
CA SER H 19 23.90 -13.95 -44.92
C SER H 19 22.70 -14.33 -45.79
N SER H 20 22.91 -14.42 -47.10
CA SER H 20 21.82 -14.77 -48.00
C SER H 20 21.28 -16.18 -47.71
N ASP H 21 22.18 -17.14 -47.51
CA ASP H 21 21.77 -18.52 -47.23
C ASP H 21 21.06 -18.68 -45.89
N GLU H 22 21.53 -17.97 -44.87
CA GLU H 22 20.88 -18.06 -43.57
C GLU H 22 19.42 -17.60 -43.64
N ARG H 23 19.20 -16.44 -44.24
CA ARG H 23 17.84 -15.91 -44.36
C ARG H 23 16.96 -16.87 -45.14
N ALA H 24 17.56 -17.56 -46.11
CA ALA H 24 16.80 -18.52 -46.91
C ALA H 24 16.32 -19.67 -46.02
N ALA H 25 17.22 -20.16 -45.17
CA ALA H 25 16.89 -21.26 -44.27
C ALA H 25 15.73 -20.84 -43.35
N VAL H 26 15.81 -19.63 -42.81
CA VAL H 26 14.77 -19.13 -41.92
C VAL H 26 13.42 -19.15 -42.62
N TYR H 27 13.38 -18.60 -43.82
CA TYR H 27 12.15 -18.56 -44.59
C TYR H 27 11.67 -19.92 -45.05
N ARG H 28 12.61 -20.84 -45.31
CA ARG H 28 12.20 -22.16 -45.76
C ARG H 28 11.39 -22.84 -44.67
N ALA H 29 11.87 -22.74 -43.43
CA ALA H 29 11.18 -23.35 -42.30
C ALA H 29 9.76 -22.79 -42.20
N ILE H 30 9.64 -21.47 -42.15
CA ILE H 30 8.35 -20.81 -42.04
C ILE H 30 7.42 -21.12 -43.22
N GLU H 31 7.98 -21.19 -44.42
CA GLU H 31 7.16 -21.44 -45.61
C GLU H 31 6.76 -22.89 -45.88
N THR H 32 7.47 -23.86 -45.31
CA THR H 32 7.12 -25.26 -45.58
C THR H 32 6.63 -26.05 -44.38
N ARG H 33 6.64 -25.48 -43.19
CA ARG H 33 6.16 -26.23 -42.04
C ARG H 33 4.63 -26.38 -42.08
N ARG H 34 4.16 -27.60 -41.85
CA ARG H 34 2.74 -27.93 -41.88
C ARG H 34 2.24 -28.48 -40.55
N ASP H 35 0.93 -28.54 -40.39
CA ASP H 35 0.33 -29.11 -39.18
C ASP H 35 -0.02 -30.56 -39.53
N VAL H 36 0.92 -31.46 -39.32
CA VAL H 36 0.74 -32.87 -39.64
C VAL H 36 -0.28 -33.61 -38.77
N ARG H 37 -1.08 -34.45 -39.40
CA ARG H 37 -2.08 -35.24 -38.70
C ARG H 37 -1.99 -36.73 -39.02
N ASP H 38 -1.48 -37.07 -40.19
CA ASP H 38 -1.44 -38.47 -40.58
C ASP H 38 -0.13 -39.06 -41.12
N GLU H 39 0.86 -38.25 -41.44
CA GLU H 39 2.11 -38.80 -41.96
C GLU H 39 3.16 -39.11 -40.89
N PHE H 40 2.72 -39.18 -39.64
CA PHE H 40 3.62 -39.47 -38.53
C PHE H 40 4.29 -40.84 -38.65
N LEU H 41 5.62 -40.87 -38.54
CA LEU H 41 6.35 -42.13 -38.61
C LEU H 41 6.55 -42.67 -37.20
N PRO H 42 6.49 -44.01 -37.05
CA PRO H 42 6.64 -44.67 -35.75
C PRO H 42 7.98 -44.45 -35.04
N GLU H 43 9.05 -44.27 -35.79
CA GLU H 43 10.37 -44.08 -35.19
C GLU H 43 10.36 -43.06 -34.05
N PRO H 44 10.64 -43.52 -32.82
CA PRO H 44 10.66 -42.65 -31.64
C PRO H 44 11.72 -41.56 -31.76
N LEU H 45 11.46 -40.41 -31.15
CA LEU H 45 12.41 -39.30 -31.19
C LEU H 45 13.49 -39.51 -30.12
N SER H 46 14.71 -39.11 -30.42
CA SER H 46 15.82 -39.26 -29.49
C SER H 46 15.78 -38.17 -28.43
N GLU H 47 16.34 -38.47 -27.27
CA GLU H 47 16.37 -37.54 -26.15
C GLU H 47 17.09 -36.24 -26.54
N GLU H 48 18.10 -36.37 -27.39
CA GLU H 48 18.88 -35.21 -27.87
C GLU H 48 18.10 -34.35 -28.86
N LEU H 49 17.14 -34.94 -29.55
CA LEU H 49 16.32 -34.20 -30.50
C LEU H 49 15.24 -33.47 -29.73
N ILE H 50 14.60 -34.18 -28.80
CA ILE H 50 13.54 -33.61 -27.99
C ILE H 50 14.11 -32.43 -27.23
N ALA H 51 15.30 -32.62 -26.68
CA ALA H 51 15.96 -31.58 -25.93
C ALA H 51 16.13 -30.34 -26.80
N ARG H 52 16.63 -30.52 -28.02
CA ARG H 52 16.82 -29.39 -28.92
C ARG H 52 15.55 -28.62 -29.20
N LEU H 53 14.44 -29.33 -29.39
CA LEU H 53 13.17 -28.66 -29.67
C LEU H 53 12.65 -27.86 -28.49
N LEU H 54 12.59 -28.50 -27.32
CA LEU H 54 12.14 -27.83 -26.11
C LEU H 54 13.01 -26.60 -25.88
N GLY H 55 14.32 -26.75 -26.10
CA GLY H 55 15.26 -25.67 -25.91
C GLY H 55 14.87 -24.46 -26.72
N ALA H 56 14.48 -24.68 -27.97
CA ALA H 56 14.08 -23.61 -28.86
C ALA H 56 12.80 -22.95 -28.35
N ALA H 57 11.85 -23.76 -27.88
CA ALA H 57 10.59 -23.23 -27.35
C ALA H 57 10.89 -22.31 -26.17
N HIS H 58 11.77 -22.79 -25.29
CA HIS H 58 12.14 -22.03 -24.10
C HIS H 58 12.81 -20.70 -24.47
N GLN H 59 13.34 -20.61 -25.69
CA GLN H 59 14.02 -19.39 -26.16
C GLN H 59 13.06 -18.31 -26.69
N ALA H 60 11.77 -18.58 -26.60
CA ALA H 60 10.77 -17.62 -27.06
C ALA H 60 10.63 -16.51 -26.05
N PRO H 61 10.01 -15.40 -26.47
CA PRO H 61 9.84 -14.28 -25.56
C PRO H 61 8.72 -14.59 -24.57
N SER H 62 8.59 -13.75 -23.56
CA SER H 62 7.53 -13.92 -22.56
C SER H 62 7.39 -12.63 -21.79
N VAL H 63 6.14 -12.20 -21.61
CA VAL H 63 5.86 -10.94 -20.91
C VAL H 63 6.58 -10.87 -19.55
N GLY H 64 7.36 -9.81 -19.34
CA GLY H 64 8.08 -9.64 -18.10
C GLY H 64 9.04 -10.80 -17.83
N PHE H 65 9.44 -11.46 -18.92
CA PHE H 65 10.33 -12.60 -18.85
C PHE H 65 9.87 -13.60 -17.80
N MET H 66 8.55 -13.73 -17.73
CA MET H 66 7.83 -14.63 -16.83
C MET H 66 8.10 -16.11 -17.09
N GLN H 67 8.24 -16.49 -18.37
CA GLN H 67 8.49 -17.89 -18.74
C GLN H 67 7.49 -18.79 -18.01
N PRO H 68 6.19 -18.59 -18.26
CA PRO H 68 5.07 -19.32 -17.65
C PRO H 68 4.80 -20.73 -18.14
N TRP H 69 5.56 -21.18 -19.12
CA TRP H 69 5.34 -22.50 -19.70
C TRP H 69 5.87 -23.71 -18.97
N ASN H 70 5.24 -24.84 -19.28
CA ASN H 70 5.62 -26.14 -18.77
C ASN H 70 5.31 -27.11 -19.90
N PHE H 71 6.11 -28.16 -20.00
CA PHE H 71 5.95 -29.15 -21.04
C PHE H 71 5.78 -30.55 -20.41
N VAL H 72 4.68 -31.23 -20.72
CA VAL H 72 4.47 -32.58 -20.21
C VAL H 72 4.66 -33.51 -21.41
N LEU H 73 5.74 -34.30 -21.40
CA LEU H 73 6.02 -35.22 -22.49
C LEU H 73 5.19 -36.50 -22.37
N VAL H 74 4.43 -36.83 -23.42
CA VAL H 74 3.57 -38.02 -23.43
C VAL H 74 4.02 -39.05 -24.47
N ARG H 75 4.23 -40.29 -24.02
CA ARG H 75 4.69 -41.36 -24.91
C ARG H 75 4.05 -42.72 -24.58
N GLN H 76 3.28 -42.77 -23.49
CA GLN H 76 2.63 -44.00 -23.08
C GLN H 76 1.31 -44.24 -23.78
N ASP H 77 1.19 -45.39 -24.43
CA ASP H 77 -0.02 -45.77 -25.16
C ASP H 77 -1.28 -45.53 -24.34
N GLU H 78 -1.23 -45.90 -23.05
CA GLU H 78 -2.38 -45.72 -22.16
C GLU H 78 -2.89 -44.29 -22.15
N THR H 79 -2.03 -43.35 -21.83
CA THR H 79 -2.41 -41.95 -21.80
C THR H 79 -2.91 -41.55 -23.19
N ARG H 80 -2.06 -41.77 -24.19
CA ARG H 80 -2.39 -41.45 -25.57
C ARG H 80 -3.73 -42.01 -26.00
N GLU H 81 -4.24 -42.96 -25.22
CA GLU H 81 -5.53 -43.58 -25.49
C GLU H 81 -6.59 -42.79 -24.73
N LYS H 82 -6.39 -42.65 -23.42
CA LYS H 82 -7.32 -41.92 -22.58
C LYS H 82 -7.57 -40.52 -23.14
N VAL H 83 -6.65 -40.07 -23.98
CA VAL H 83 -6.74 -38.74 -24.61
C VAL H 83 -7.41 -38.82 -25.97
N TRP H 84 -7.06 -39.85 -26.75
CA TRP H 84 -7.65 -40.00 -28.08
C TRP H 84 -9.17 -40.08 -27.95
N GLN H 85 -9.64 -40.46 -26.76
CA GLN H 85 -11.07 -40.54 -26.49
C GLN H 85 -11.56 -39.15 -26.11
N ALA H 86 -10.79 -38.46 -25.28
CA ALA H 86 -11.14 -37.11 -24.85
C ALA H 86 -11.36 -36.28 -26.11
N PHE H 87 -10.65 -36.68 -27.16
CA PHE H 87 -10.74 -36.03 -28.46
C PHE H 87 -12.06 -36.37 -29.13
N GLN H 88 -12.39 -37.67 -29.13
CA GLN H 88 -13.62 -38.15 -29.73
C GLN H 88 -14.85 -37.46 -29.15
N ARG H 89 -15.02 -37.55 -27.84
CA ARG H 89 -16.14 -36.90 -27.17
C ARG H 89 -16.34 -35.50 -27.73
N ALA H 90 -15.30 -34.69 -27.58
CA ALA H 90 -15.32 -33.32 -28.05
C ALA H 90 -15.60 -33.21 -29.55
N ASN H 91 -14.86 -33.97 -30.35
CA ASN H 91 -15.01 -33.92 -31.80
C ASN H 91 -16.40 -34.31 -32.28
N ASP H 92 -17.03 -35.28 -31.63
CA ASP H 92 -18.37 -35.71 -32.02
C ASP H 92 -19.33 -34.53 -31.81
N GLU H 93 -19.46 -34.11 -30.56
CA GLU H 93 -20.34 -33.00 -30.22
C GLU H 93 -19.91 -31.74 -30.96
N ALA H 94 -18.79 -31.84 -31.67
CA ALA H 94 -18.26 -30.72 -32.43
C ALA H 94 -18.77 -30.79 -33.87
N ALA H 95 -18.85 -32.00 -34.41
CA ALA H 95 -19.34 -32.20 -35.77
C ALA H 95 -20.84 -31.92 -35.77
N GLU H 96 -21.45 -32.12 -34.61
CA GLU H 96 -22.89 -31.88 -34.46
C GLU H 96 -23.13 -30.39 -34.31
N MET H 97 -22.25 -29.60 -34.95
CA MET H 97 -22.36 -28.14 -34.94
C MET H 97 -22.43 -27.72 -36.40
N PHE H 98 -21.92 -28.59 -37.27
CA PHE H 98 -21.93 -28.36 -38.71
C PHE H 98 -23.16 -29.09 -39.23
N SER H 99 -23.57 -28.80 -40.46
CA SER H 99 -24.77 -29.45 -40.96
C SER H 99 -24.74 -29.77 -42.45
N GLY H 100 -25.65 -30.62 -42.87
CA GLY H 100 -25.75 -31.00 -44.26
C GLY H 100 -24.43 -31.44 -44.89
N GLU H 101 -24.04 -30.73 -45.95
CA GLU H 101 -22.82 -31.04 -46.69
C GLU H 101 -21.52 -30.74 -45.93
N ARG H 102 -21.56 -29.79 -44.99
CA ARG H 102 -20.36 -29.44 -44.22
C ARG H 102 -20.08 -30.38 -43.05
N GLN H 103 -21.14 -30.95 -42.48
CA GLN H 103 -20.98 -31.88 -41.37
C GLN H 103 -20.30 -33.13 -41.88
N ALA H 104 -20.40 -33.34 -43.19
CA ALA H 104 -19.81 -34.51 -43.83
C ALA H 104 -18.36 -34.26 -44.21
N LYS H 105 -18.06 -33.05 -44.67
CA LYS H 105 -16.70 -32.70 -45.05
C LYS H 105 -15.84 -32.63 -43.79
N TYR H 106 -16.45 -32.21 -42.69
CA TYR H 106 -15.77 -32.10 -41.41
C TYR H 106 -15.51 -33.52 -40.90
N ARG H 107 -16.56 -34.32 -40.93
CA ARG H 107 -16.50 -35.69 -40.46
C ARG H 107 -15.53 -36.51 -41.31
N SER H 108 -15.02 -35.92 -42.39
CA SER H 108 -14.08 -36.60 -43.28
C SER H 108 -12.65 -36.09 -43.13
N LEU H 109 -12.44 -35.17 -42.19
CA LEU H 109 -11.12 -34.60 -41.95
C LEU H 109 -10.46 -35.25 -40.75
N LYS H 110 -9.16 -35.51 -40.83
CA LYS H 110 -8.47 -36.06 -39.68
C LYS H 110 -7.83 -34.87 -38.95
N LEU H 111 -8.38 -34.55 -37.80
CA LEU H 111 -7.93 -33.41 -37.02
C LEU H 111 -6.90 -33.74 -35.95
N GLU H 112 -6.32 -34.93 -36.00
CA GLU H 112 -5.32 -35.31 -35.00
C GLU H 112 -4.38 -36.43 -35.42
N GLY H 113 -3.59 -36.90 -34.45
CA GLY H 113 -2.63 -37.96 -34.67
C GLY H 113 -2.12 -38.41 -33.31
N ILE H 114 -2.99 -38.26 -32.32
CA ILE H 114 -2.71 -38.63 -30.94
C ILE H 114 -2.18 -40.04 -30.78
N ARG H 115 -2.55 -40.94 -31.68
CA ARG H 115 -2.13 -42.32 -31.57
C ARG H 115 -1.06 -42.81 -32.55
N LYS H 116 -0.78 -42.03 -33.58
CA LYS H 116 0.25 -42.41 -34.55
C LYS H 116 1.57 -41.78 -34.14
N ALA H 117 1.49 -40.56 -33.62
CA ALA H 117 2.66 -39.81 -33.20
C ALA H 117 3.40 -40.44 -32.02
N PRO H 118 4.67 -40.83 -32.24
CA PRO H 118 5.45 -41.44 -31.17
C PRO H 118 5.67 -40.48 -29.98
N LEU H 119 5.43 -39.19 -30.22
CA LEU H 119 5.58 -38.18 -29.17
C LEU H 119 4.42 -37.19 -29.17
N SER H 120 3.98 -36.82 -27.97
CA SER H 120 2.91 -35.85 -27.79
C SER H 120 3.35 -34.93 -26.67
N ILE H 121 3.16 -33.62 -26.85
CA ILE H 121 3.56 -32.64 -25.83
C ILE H 121 2.47 -31.67 -25.46
N CYS H 122 2.07 -31.71 -24.19
CA CYS H 122 1.06 -30.80 -23.71
C CYS H 122 1.80 -29.57 -23.19
N VAL H 123 1.46 -28.40 -23.73
CA VAL H 123 2.10 -27.14 -23.35
C VAL H 123 1.18 -26.31 -22.46
N THR H 124 1.63 -26.04 -21.24
CA THR H 124 0.82 -25.27 -20.29
C THR H 124 1.37 -23.90 -19.92
N CYS H 125 0.49 -23.07 -19.37
CA CYS H 125 0.82 -21.72 -18.95
C CYS H 125 0.48 -21.56 -17.47
N ASP H 126 1.50 -21.35 -16.65
CA ASP H 126 1.32 -21.18 -15.22
C ASP H 126 0.92 -19.73 -14.97
N ARG H 127 -0.34 -19.53 -14.62
CA ARG H 127 -0.90 -18.19 -14.39
C ARG H 127 -0.37 -17.48 -13.15
N THR H 128 0.11 -18.23 -12.16
CA THR H 128 0.60 -17.63 -10.92
C THR H 128 2.11 -17.40 -10.86
N ARG H 129 2.84 -17.89 -11.86
CA ARG H 129 4.29 -17.70 -11.88
C ARG H 129 4.69 -16.25 -12.04
N GLY H 130 5.86 -15.90 -11.54
CA GLY H 130 6.36 -14.54 -11.66
C GLY H 130 6.04 -13.63 -10.49
N GLY H 131 5.31 -14.16 -9.50
CA GLY H 131 4.95 -13.35 -8.34
C GLY H 131 3.52 -12.83 -8.35
N ALA H 132 3.27 -11.77 -7.58
CA ALA H 132 1.95 -11.18 -7.48
C ALA H 132 1.65 -10.26 -8.66
N VAL H 133 2.68 -9.60 -9.17
CA VAL H 133 2.52 -8.69 -10.30
C VAL H 133 3.66 -8.90 -11.30
N VAL H 134 3.30 -9.21 -12.54
CA VAL H 134 4.31 -9.43 -13.58
C VAL H 134 4.34 -8.29 -14.58
N LEU H 135 5.54 -7.76 -14.80
CA LEU H 135 5.76 -6.66 -15.74
C LEU H 135 5.10 -6.96 -17.08
N GLY H 136 4.29 -6.02 -17.57
CA GLY H 136 3.65 -6.22 -18.86
C GLY H 136 2.32 -6.95 -18.88
N ARG H 137 1.94 -7.55 -17.77
CA ARG H 137 0.67 -8.26 -17.68
C ARG H 137 -0.27 -7.53 -16.72
N THR H 138 0.09 -6.31 -16.36
CA THR H 138 -0.72 -5.51 -15.44
C THR H 138 -1.97 -4.96 -16.11
N HIS H 139 -1.97 -4.90 -17.44
CA HIS H 139 -3.12 -4.38 -18.17
C HIS H 139 -3.78 -5.41 -19.08
N ASN H 140 -3.02 -6.38 -19.57
CA ASN H 140 -3.56 -7.41 -20.44
C ASN H 140 -3.09 -8.74 -19.84
N PRO H 141 -4.00 -9.49 -19.21
CA PRO H 141 -3.65 -10.78 -18.59
C PRO H 141 -3.21 -11.87 -19.58
N GLN H 142 -3.95 -11.98 -20.69
CA GLN H 142 -3.65 -12.98 -21.70
C GLN H 142 -2.19 -13.01 -22.17
N MET H 143 -1.40 -12.02 -21.79
CA MET H 143 -0.01 -11.99 -22.24
C MET H 143 0.80 -13.22 -21.84
N ASP H 144 0.52 -13.81 -20.68
CA ASP H 144 1.27 -15.01 -20.29
C ASP H 144 0.94 -16.15 -21.25
N LEU H 145 -0.34 -16.26 -21.62
CA LEU H 145 -0.82 -17.28 -22.55
C LEU H 145 -0.18 -17.07 -23.92
N TYR H 146 -0.18 -15.82 -24.41
CA TYR H 146 0.42 -15.54 -25.72
C TYR H 146 1.89 -15.90 -25.68
N SER H 147 2.53 -15.59 -24.55
CA SER H 147 3.95 -15.88 -24.36
C SER H 147 4.18 -17.36 -24.61
N THR H 148 3.32 -18.20 -24.02
CA THR H 148 3.43 -19.64 -24.18
C THR H 148 3.26 -20.05 -25.64
N VAL H 149 2.36 -19.37 -26.35
CA VAL H 149 2.11 -19.66 -27.76
C VAL H 149 3.37 -19.38 -28.55
N CYS H 150 4.05 -18.29 -28.22
CA CYS H 150 5.29 -17.96 -28.91
C CYS H 150 6.25 -19.14 -28.78
N ALA H 151 6.28 -19.75 -27.60
CA ALA H 151 7.13 -20.90 -27.36
C ALA H 151 6.70 -22.02 -28.33
N VAL H 152 5.39 -22.21 -28.42
CA VAL H 152 4.83 -23.23 -29.30
C VAL H 152 5.32 -23.08 -30.74
N GLN H 153 5.21 -21.87 -31.30
CA GLN H 153 5.63 -21.64 -32.68
C GLN H 153 7.12 -21.91 -32.87
N ASN H 154 7.93 -21.51 -31.89
CA ASN H 154 9.37 -21.73 -31.97
C ASN H 154 9.65 -23.24 -32.06
N LEU H 155 8.92 -24.04 -31.32
CA LEU H 155 9.12 -25.49 -31.36
C LEU H 155 8.68 -26.02 -32.72
N TRP H 156 7.62 -25.41 -33.26
CA TRP H 156 7.06 -25.81 -34.54
C TRP H 156 8.07 -25.67 -35.68
N LEU H 157 8.74 -24.52 -35.74
CA LEU H 157 9.73 -24.27 -36.78
C LEU H 157 10.93 -25.17 -36.58
N ALA H 158 11.52 -25.13 -35.39
CA ALA H 158 12.69 -25.95 -35.07
C ALA H 158 12.45 -27.39 -35.49
N ALA H 159 11.24 -27.88 -35.25
CA ALA H 159 10.88 -29.25 -35.61
C ALA H 159 10.98 -29.45 -37.13
N ARG H 160 10.44 -28.51 -37.89
CA ARG H 160 10.48 -28.61 -39.35
C ARG H 160 11.92 -28.72 -39.82
N ALA H 161 12.78 -27.84 -39.31
CA ALA H 161 14.19 -27.85 -39.69
C ALA H 161 14.87 -29.17 -39.30
N GLU H 162 14.28 -29.88 -38.35
CA GLU H 162 14.81 -31.15 -37.89
C GLU H 162 14.12 -32.28 -38.66
N GLY H 163 13.18 -31.90 -39.52
CA GLY H 163 12.44 -32.87 -40.32
C GLY H 163 11.33 -33.52 -39.53
N VAL H 164 11.08 -33.01 -38.33
CA VAL H 164 10.03 -33.54 -37.46
C VAL H 164 8.69 -32.84 -37.70
N GLY H 165 7.66 -33.64 -37.97
CA GLY H 165 6.35 -33.07 -38.21
C GLY H 165 5.65 -32.81 -36.89
N VAL H 166 4.88 -31.73 -36.85
CA VAL H 166 4.14 -31.34 -35.65
C VAL H 166 2.69 -31.01 -35.99
N GLY H 167 1.79 -31.34 -35.08
CA GLY H 167 0.38 -31.06 -35.29
C GLY H 167 -0.26 -30.65 -33.99
N TRP H 168 -0.96 -29.52 -34.02
CA TRP H 168 -1.63 -28.95 -32.86
C TRP H 168 -3.05 -29.54 -32.79
N VAL H 169 -3.53 -29.86 -31.59
CA VAL H 169 -4.88 -30.39 -31.45
C VAL H 169 -5.64 -29.56 -30.40
N SER H 170 -6.68 -28.87 -30.85
CA SER H 170 -7.45 -28.01 -29.96
C SER H 170 -8.82 -28.55 -29.57
N ILE H 171 -9.24 -29.63 -30.23
CA ILE H 171 -10.54 -30.24 -29.96
C ILE H 171 -10.52 -31.14 -28.73
N PHE H 172 -10.71 -30.51 -27.57
CA PHE H 172 -10.73 -31.23 -26.27
C PHE H 172 -11.66 -30.53 -25.28
N HIS H 173 -11.58 -31.02 -24.05
CA HIS H 173 -12.31 -30.49 -22.92
C HIS H 173 -11.21 -30.36 -21.88
N GLU H 174 -10.55 -29.20 -21.87
CA GLU H 174 -9.44 -28.96 -20.96
C GLU H 174 -9.64 -29.61 -19.60
N SER H 175 -10.83 -29.44 -19.02
CA SER H 175 -11.12 -30.02 -17.72
C SER H 175 -10.65 -31.48 -17.66
N GLU H 176 -10.91 -32.20 -18.75
CA GLU H 176 -10.53 -33.60 -18.83
C GLU H 176 -9.03 -33.83 -18.96
N ILE H 177 -8.40 -33.14 -19.92
CA ILE H 177 -6.96 -33.30 -20.13
C ILE H 177 -6.17 -33.01 -18.87
N LYS H 178 -6.62 -32.01 -18.11
CA LYS H 178 -5.93 -31.65 -16.87
C LYS H 178 -6.16 -32.79 -15.87
N ALA H 179 -7.18 -33.60 -16.12
CA ALA H 179 -7.51 -34.72 -15.25
C ALA H 179 -6.72 -35.95 -15.65
N ILE H 180 -6.32 -36.02 -16.91
CA ILE H 180 -5.54 -37.16 -17.40
C ILE H 180 -4.05 -37.00 -17.15
N LEU H 181 -3.61 -35.78 -16.84
CA LEU H 181 -2.19 -35.54 -16.60
C LEU H 181 -1.94 -35.01 -15.19
N GLY H 182 -3.01 -34.69 -14.48
CA GLY H 182 -2.87 -34.19 -13.12
C GLY H 182 -2.40 -32.75 -13.02
N ILE H 183 -2.72 -31.95 -14.04
CA ILE H 183 -2.33 -30.54 -14.07
C ILE H 183 -3.10 -29.71 -13.03
N PRO H 184 -2.39 -28.85 -12.27
CA PRO H 184 -2.93 -27.97 -11.23
C PRO H 184 -4.07 -27.05 -11.66
N ASP H 185 -4.59 -26.30 -10.69
CA ASP H 185 -5.70 -25.35 -10.92
C ASP H 185 -5.21 -24.07 -11.58
N HIS H 186 -4.15 -23.49 -11.02
CA HIS H 186 -3.58 -22.24 -11.51
C HIS H 186 -2.82 -22.39 -12.83
N VAL H 187 -2.83 -23.59 -13.40
CA VAL H 187 -2.16 -23.83 -14.66
C VAL H 187 -3.17 -24.11 -15.76
N GLU H 188 -3.03 -23.41 -16.88
CA GLU H 188 -3.95 -23.60 -17.99
C GLU H 188 -3.26 -24.24 -19.19
N ILE H 189 -4.01 -25.03 -19.94
CA ILE H 189 -3.48 -25.67 -21.13
C ILE H 189 -3.58 -24.71 -22.30
N VAL H 190 -2.51 -24.63 -23.07
CA VAL H 190 -2.45 -23.76 -24.24
C VAL H 190 -2.44 -24.62 -25.49
N ALA H 191 -1.76 -25.75 -25.45
CA ALA H 191 -1.71 -26.61 -26.63
C ALA H 191 -1.37 -28.07 -26.39
N TRP H 192 -1.77 -28.89 -27.35
CA TRP H 192 -1.47 -30.31 -27.36
C TRP H 192 -0.81 -30.50 -28.70
N LEU H 193 0.48 -30.82 -28.67
CA LEU H 193 1.25 -31.00 -29.90
C LEU H 193 1.60 -32.46 -30.16
N CYS H 194 1.31 -32.92 -31.39
CA CYS H 194 1.63 -34.27 -31.79
C CYS H 194 2.91 -34.17 -32.60
N LEU H 195 3.88 -35.03 -32.31
CA LEU H 195 5.14 -34.97 -33.02
C LEU H 195 5.64 -36.33 -33.51
N GLY H 196 6.49 -36.31 -34.52
CA GLY H 196 7.06 -37.51 -35.09
C GLY H 196 7.68 -37.19 -36.43
N PHE H 197 8.76 -37.89 -36.79
CA PHE H 197 9.42 -37.65 -38.07
C PHE H 197 8.45 -37.86 -39.23
N VAL H 198 8.76 -37.29 -40.38
CA VAL H 198 7.93 -37.44 -41.57
C VAL H 198 8.82 -37.34 -42.81
N ASP H 199 8.40 -37.99 -43.88
CA ASP H 199 9.16 -37.94 -45.12
C ASP H 199 8.29 -37.37 -46.23
N ARG H 200 7.02 -37.15 -45.91
CA ARG H 200 6.04 -36.61 -46.85
C ARG H 200 5.26 -35.45 -46.23
N LEU H 201 5.16 -34.35 -46.96
CA LEU H 201 4.45 -33.17 -46.50
C LEU H 201 3.67 -32.51 -47.64
N TYR H 202 2.54 -31.91 -47.32
CA TYR H 202 1.72 -31.24 -48.33
C TYR H 202 2.47 -29.97 -48.74
N GLN H 203 2.19 -29.47 -49.94
CA GLN H 203 2.85 -28.26 -50.42
C GLN H 203 2.09 -27.00 -50.04
N GLU H 204 0.84 -27.17 -49.66
CA GLU H 204 -0.01 -26.05 -49.24
C GLU H 204 -0.80 -26.58 -48.06
N PRO H 205 -1.48 -25.69 -47.32
CA PRO H 205 -2.25 -26.19 -46.18
C PRO H 205 -3.14 -27.33 -46.64
N GLU H 206 -3.22 -28.37 -45.82
CA GLU H 206 -4.04 -29.53 -46.13
C GLU H 206 -5.48 -29.06 -46.28
N LEU H 207 -5.94 -28.27 -45.31
CA LEU H 207 -7.30 -27.75 -45.31
C LEU H 207 -7.63 -26.98 -46.57
N ALA H 208 -6.61 -26.45 -47.25
CA ALA H 208 -6.83 -25.71 -48.48
C ALA H 208 -7.15 -26.70 -49.60
N ALA H 209 -6.29 -27.71 -49.74
CA ALA H 209 -6.48 -28.73 -50.76
C ALA H 209 -7.86 -29.36 -50.64
N LYS H 210 -8.15 -29.94 -49.47
CA LYS H 210 -9.44 -30.59 -49.24
C LYS H 210 -10.64 -29.64 -49.34
N GLY H 211 -10.40 -28.43 -49.84
CA GLY H 211 -11.48 -27.47 -50.01
C GLY H 211 -12.23 -26.95 -48.79
N TRP H 212 -11.59 -26.96 -47.62
CA TRP H 212 -12.24 -26.44 -46.42
C TRP H 212 -12.21 -24.92 -46.49
N ARG H 213 -11.04 -24.37 -46.84
CA ARG H 213 -10.83 -22.93 -46.98
C ARG H 213 -9.54 -22.65 -47.76
N GLN H 214 -9.54 -21.56 -48.52
CA GLN H 214 -8.38 -21.19 -49.31
C GLN H 214 -7.53 -20.14 -48.59
N ARG H 215 -6.35 -19.88 -49.15
CA ARG H 215 -5.42 -18.89 -48.60
C ARG H 215 -5.96 -17.49 -48.91
N LEU H 216 -6.13 -16.66 -47.89
CA LEU H 216 -6.64 -15.32 -48.11
C LEU H 216 -5.60 -14.46 -48.79
N PRO H 217 -6.04 -13.50 -49.62
CA PRO H 217 -5.13 -12.61 -50.32
C PRO H 217 -4.55 -11.72 -49.23
N LEU H 218 -3.23 -11.72 -49.07
CA LEU H 218 -2.59 -10.92 -48.02
C LEU H 218 -2.76 -9.43 -48.24
N GLU H 219 -3.07 -9.06 -49.47
CA GLU H 219 -3.26 -7.66 -49.84
C GLU H 219 -4.53 -7.08 -49.26
N ASP H 220 -5.53 -7.94 -49.07
CA ASP H 220 -6.80 -7.49 -48.53
C ASP H 220 -6.72 -7.29 -47.02
N LEU H 221 -5.65 -7.80 -46.41
CA LEU H 221 -5.48 -7.72 -44.96
C LEU H 221 -4.57 -6.63 -44.38
N VAL H 222 -3.95 -5.80 -45.22
CA VAL H 222 -3.04 -4.76 -44.73
C VAL H 222 -3.60 -3.34 -44.86
N PHE H 223 -3.57 -2.60 -43.75
CA PHE H 223 -4.09 -1.21 -43.72
C PHE H 223 -3.00 -0.17 -43.39
N GLU H 224 -3.16 1.03 -43.93
CA GLU H 224 -2.21 2.14 -43.70
C GLU H 224 -2.75 3.16 -42.70
N GLU H 225 -2.12 3.22 -41.54
CA GLU H 225 -2.46 4.16 -40.46
C GLU H 225 -3.78 3.95 -39.75
N GLY H 226 -4.81 3.55 -40.47
CA GLY H 226 -6.10 3.33 -39.85
C GLY H 226 -6.81 2.09 -40.36
N TRP H 227 -7.45 1.37 -39.45
CA TRP H 227 -8.17 0.14 -39.79
C TRP H 227 -9.04 0.30 -41.03
N GLY H 228 -9.12 -0.77 -41.81
CA GLY H 228 -9.92 -0.74 -43.03
C GLY H 228 -9.46 0.22 -44.11
N VAL H 229 -8.40 0.97 -43.84
CA VAL H 229 -7.88 1.96 -44.79
C VAL H 229 -6.65 1.46 -45.56
N ARG H 230 -6.84 1.09 -46.82
CA ARG H 230 -5.73 0.60 -47.64
C ARG H 230 -4.74 1.69 -47.98
#